data_1F2B
# 
_entry.id   1F2B 
# 
_audit_conform.dict_name       mmcif_pdbx.dic 
_audit_conform.dict_version    5.399 
_audit_conform.dict_location   http://mmcif.pdb.org/dictionaries/ascii/mmcif_pdbx.dic 
# 
loop_
_database_2.database_id 
_database_2.database_code 
_database_2.pdbx_database_accession 
_database_2.pdbx_DOI 
PDB   1F2B         pdb_00001f2b 10.2210/pdb1f2b/pdb 
RCSB  RCSB011157   ?            ?                   
WWPDB D_1000011157 ?            ?                   
# 
loop_
_pdbx_audit_revision_history.ordinal 
_pdbx_audit_revision_history.data_content_type 
_pdbx_audit_revision_history.major_revision 
_pdbx_audit_revision_history.minor_revision 
_pdbx_audit_revision_history.revision_date 
1 'Structure model' 1 0 2000-07-26 
2 'Structure model' 1 1 2008-04-27 
3 'Structure model' 1 2 2011-07-13 
4 'Structure model' 1 3 2024-11-20 
# 
_pdbx_audit_revision_details.ordinal             1 
_pdbx_audit_revision_details.revision_ordinal    1 
_pdbx_audit_revision_details.data_content_type   'Structure model' 
_pdbx_audit_revision_details.provider            repository 
_pdbx_audit_revision_details.type                'Initial release' 
_pdbx_audit_revision_details.description         ? 
_pdbx_audit_revision_details.details             ? 
# 
loop_
_pdbx_audit_revision_group.ordinal 
_pdbx_audit_revision_group.revision_ordinal 
_pdbx_audit_revision_group.data_content_type 
_pdbx_audit_revision_group.group 
1 2 'Structure model' 'Version format compliance' 
2 3 'Structure model' 'Version format compliance' 
3 4 'Structure model' 'Data collection'           
4 4 'Structure model' 'Database references'       
5 4 'Structure model' 'Derived calculations'      
6 4 'Structure model' 'Structure summary'         
# 
loop_
_pdbx_audit_revision_category.ordinal 
_pdbx_audit_revision_category.revision_ordinal 
_pdbx_audit_revision_category.data_content_type 
_pdbx_audit_revision_category.category 
1 4 'Structure model' chem_comp_atom            
2 4 'Structure model' chem_comp_bond            
3 4 'Structure model' database_2                
4 4 'Structure model' pdbx_entry_details        
5 4 'Structure model' pdbx_modification_feature 
6 4 'Structure model' struct_conn               
7 4 'Structure model' struct_site               
# 
loop_
_pdbx_audit_revision_item.ordinal 
_pdbx_audit_revision_item.revision_ordinal 
_pdbx_audit_revision_item.data_content_type 
_pdbx_audit_revision_item.item 
1  4 'Structure model' '_database_2.pdbx_DOI'                
2  4 'Structure model' '_database_2.pdbx_database_accession' 
3  4 'Structure model' '_struct_conn.pdbx_leaving_atom_flag' 
4  4 'Structure model' '_struct_conn.ptnr1_auth_comp_id'     
5  4 'Structure model' '_struct_conn.ptnr1_auth_seq_id'      
6  4 'Structure model' '_struct_conn.ptnr1_label_asym_id'    
7  4 'Structure model' '_struct_conn.ptnr1_label_atom_id'    
8  4 'Structure model' '_struct_conn.ptnr1_label_comp_id'    
9  4 'Structure model' '_struct_conn.ptnr1_label_seq_id'     
10 4 'Structure model' '_struct_conn.ptnr2_auth_comp_id'     
11 4 'Structure model' '_struct_conn.ptnr2_auth_seq_id'      
12 4 'Structure model' '_struct_conn.ptnr2_label_asym_id'    
13 4 'Structure model' '_struct_conn.ptnr2_label_atom_id'    
14 4 'Structure model' '_struct_conn.ptnr2_label_comp_id'    
15 4 'Structure model' '_struct_conn.ptnr2_label_seq_id'     
16 4 'Structure model' '_struct_site.pdbx_auth_asym_id'      
17 4 'Structure model' '_struct_site.pdbx_auth_comp_id'      
18 4 'Structure model' '_struct_site.pdbx_auth_seq_id'       
# 
_pdbx_database_status.status_code                     REL 
_pdbx_database_status.entry_id                        1F2B 
_pdbx_database_status.recvd_initial_deposition_date   2000-05-23 
_pdbx_database_status.deposit_site                    RCSB 
_pdbx_database_status.process_site                    RCSB 
_pdbx_database_status.SG_entry                        . 
_pdbx_database_status.pdb_format_compatible           Y 
_pdbx_database_status.status_code_mr                  ? 
_pdbx_database_status.status_code_sf                  ? 
_pdbx_database_status.status_code_cs                  ? 
_pdbx_database_status.status_code_nmr_data            ? 
_pdbx_database_status.methods_development_category    ? 
# 
loop_
_pdbx_database_related.db_name 
_pdbx_database_related.db_id 
_pdbx_database_related.details 
_pdbx_database_related.content_type 
PDB 1F29 'Same protein bound to VS1.'                   unspecified 
PDB 1F2A 'Same protein bound to VS2.'                   unspecified 
PDB 1F2C 'Same protein bound to VS4.'                   unspecified 
PDB 1AIM 'Contains same protein bound to FMK inhibitor' unspecified 
PDB 2AIM 'Contains same protein bound to FMK inhibitor' unspecified 
PDB 1EWL 'SAME PROTEIN, WRR-99 INHIBITOR'               unspecified 
PDB 1EWM 'SAME PROTEIN, WRR-112 INHIBITOR'              unspecified 
PDB 1EWO 'SAME PROTEIN, WRR-204 INHIBITOR'              unspecified 
PDB 1EWP 'SAME PROTEIN, MOR-LEU-HPQ INHIBITOR'          unspecified 
# 
loop_
_audit_author.name 
_audit_author.pdbx_ordinal 
'Brinen, L.S.'     1 
'Hansell, E.'      2 
'Roush, W.R.'      3 
'McKerrow, J.H.'   4 
'Fletterick, R.J.' 5 
# 
loop_
_citation.id 
_citation.title 
_citation.journal_abbrev 
_citation.journal_volume 
_citation.page_first 
_citation.page_last 
_citation.year 
_citation.journal_id_ASTM 
_citation.country 
_citation.journal_id_ISSN 
_citation.journal_id_CSD 
_citation.book_publisher 
_citation.pdbx_database_id_PubMed 
_citation.pdbx_database_id_DOI 
primary 
;A target within the target: probing cruzain's P1' site to define structural determinants for the Chagas' disease protease.
;
'Structure Fold.Des.' 8   831 840 2000 FODEFH UK 0969-2126 1263 ? 10997902 '10.1016/S0969-2126(00)00173-8' 
1       
;The Crystal Structure of Cruzain: a Therapeutic Target for Chagas' Disease
;
J.Mol.Biol.           247 251 259 1995 JMOBAK UK 0022-2836 0070 ? ?        10.1006/jmbi.1994.0137          
# 
loop_
_citation_author.citation_id 
_citation_author.name 
_citation_author.ordinal 
_citation_author.identifier_ORCID 
primary 'Brinen, L.S.'     1  ? 
primary 'Hansell, E.'      2  ? 
primary 'Cheng, J.'        3  ? 
primary 'Roush, W.R.'      4  ? 
primary 'McKerrow, J.H.'   5  ? 
primary 'Fletterick, R.J.' 6  ? 
1       'McGrath, M.E.'    7  ? 
1       'Eakin, A.E.'      8  ? 
1       'Engel, J.C.'      9  ? 
1       'McKerrow, J.H.'   10 ? 
1       'Craik, C.S.'      11 ? 
1       'Fletterick, R.J.' 12 ? 
# 
loop_
_entity.id 
_entity.type 
_entity.src_method 
_entity.pdbx_description 
_entity.formula_weight 
_entity.pdbx_number_of_molecules 
_entity.pdbx_ec 
_entity.pdbx_mutation 
_entity.pdbx_fragment 
_entity.details 
1 polymer     man CRUZAIN                                                                                                22715.133 
1  3.4.22.- ? 'CATALYTIC DOMAIN' ? 
2 non-polymer syn '3-[N-[BENZYLOXYCARBONYL]-PHENYLALANINYL-AMINO]-5-PHENYL-PENTANE-1-SULFONIC ACID 4-NITRO-PHENYL ESTER' 645.722   
1  ?        ? ?                  ? 
3 water       nat water                                                                                                  18.015    
66 ?        ? ?                  ? 
# 
_entity_name_com.entity_id   1 
_entity_name_com.name        'CRUZIPAIN, CRUZAINE' 
# 
_entity_poly.entity_id                      1 
_entity_poly.type                           'polypeptide(L)' 
_entity_poly.nstd_linkage                   no 
_entity_poly.nstd_monomer                   no 
_entity_poly.pdbx_seq_one_letter_code       
;APAAVDWRARGAVTAVKDQGQCGSCWAFSAIGNVECQWFLAGHPLTNLSEQMLVSCDKTDSGCSGGLMNNAFEWIVQENN
GAVYTEDSYPYASGEGISPPCTTSGHTVGATITGHVELPQDEAQIAAWLAVNGPVAVAVDASSWMTYTGGVMTSCVSEQL
DHGVLLVGYNDSAAVPYWIIKNSWTTQWGEEGYIRIAKGSNQCLVKEEASSAVVG
;
_entity_poly.pdbx_seq_one_letter_code_can   
;APAAVDWRARGAVTAVKDQGQCGSCWAFSAIGNVECQWFLAGHPLTNLSEQMLVSCDKTDSGCSGGLMNNAFEWIVQENN
GAVYTEDSYPYASGEGISPPCTTSGHTVGATITGHVELPQDEAQIAAWLAVNGPVAVAVDASSWMTYTGGVMTSCVSEQL
DHGVLLVGYNDSAAVPYWIIKNSWTTQWGEEGYIRIAKGSNQCLVKEEASSAVVG
;
_entity_poly.pdbx_strand_id                 A 
_entity_poly.pdbx_target_identifier         ? 
# 
loop_
_pdbx_entity_nonpoly.entity_id 
_pdbx_entity_nonpoly.name 
_pdbx_entity_nonpoly.comp_id 
2 '3-[N-[BENZYLOXYCARBONYL]-PHENYLALANINYL-AMINO]-5-PHENYL-PENTANE-1-SULFONIC ACID 4-NITRO-PHENYL ESTER' VS3 
3 water                                                                                                  HOH 
# 
loop_
_entity_poly_seq.entity_id 
_entity_poly_seq.num 
_entity_poly_seq.mon_id 
_entity_poly_seq.hetero 
1 1   ALA n 
1 2   PRO n 
1 3   ALA n 
1 4   ALA n 
1 5   VAL n 
1 6   ASP n 
1 7   TRP n 
1 8   ARG n 
1 9   ALA n 
1 10  ARG n 
1 11  GLY n 
1 12  ALA n 
1 13  VAL n 
1 14  THR n 
1 15  ALA n 
1 16  VAL n 
1 17  LYS n 
1 18  ASP n 
1 19  GLN n 
1 20  GLY n 
1 21  GLN n 
1 22  CYS n 
1 23  GLY n 
1 24  SER n 
1 25  CYS n 
1 26  TRP n 
1 27  ALA n 
1 28  PHE n 
1 29  SER n 
1 30  ALA n 
1 31  ILE n 
1 32  GLY n 
1 33  ASN n 
1 34  VAL n 
1 35  GLU n 
1 36  CYS n 
1 37  GLN n 
1 38  TRP n 
1 39  PHE n 
1 40  LEU n 
1 41  ALA n 
1 42  GLY n 
1 43  HIS n 
1 44  PRO n 
1 45  LEU n 
1 46  THR n 
1 47  ASN n 
1 48  LEU n 
1 49  SER n 
1 50  GLU n 
1 51  GLN n 
1 52  MET n 
1 53  LEU n 
1 54  VAL n 
1 55  SER n 
1 56  CYS n 
1 57  ASP n 
1 58  LYS n 
1 59  THR n 
1 60  ASP n 
1 61  SER n 
1 62  GLY n 
1 63  CYS n 
1 64  SER n 
1 65  GLY n 
1 66  GLY n 
1 67  LEU n 
1 68  MET n 
1 69  ASN n 
1 70  ASN n 
1 71  ALA n 
1 72  PHE n 
1 73  GLU n 
1 74  TRP n 
1 75  ILE n 
1 76  VAL n 
1 77  GLN n 
1 78  GLU n 
1 79  ASN n 
1 80  ASN n 
1 81  GLY n 
1 82  ALA n 
1 83  VAL n 
1 84  TYR n 
1 85  THR n 
1 86  GLU n 
1 87  ASP n 
1 88  SER n 
1 89  TYR n 
1 90  PRO n 
1 91  TYR n 
1 92  ALA n 
1 93  SER n 
1 94  GLY n 
1 95  GLU n 
1 96  GLY n 
1 97  ILE n 
1 98  SER n 
1 99  PRO n 
1 100 PRO n 
1 101 CYS n 
1 102 THR n 
1 103 THR n 
1 104 SER n 
1 105 GLY n 
1 106 HIS n 
1 107 THR n 
1 108 VAL n 
1 109 GLY n 
1 110 ALA n 
1 111 THR n 
1 112 ILE n 
1 113 THR n 
1 114 GLY n 
1 115 HIS n 
1 116 VAL n 
1 117 GLU n 
1 118 LEU n 
1 119 PRO n 
1 120 GLN n 
1 121 ASP n 
1 122 GLU n 
1 123 ALA n 
1 124 GLN n 
1 125 ILE n 
1 126 ALA n 
1 127 ALA n 
1 128 TRP n 
1 129 LEU n 
1 130 ALA n 
1 131 VAL n 
1 132 ASN n 
1 133 GLY n 
1 134 PRO n 
1 135 VAL n 
1 136 ALA n 
1 137 VAL n 
1 138 ALA n 
1 139 VAL n 
1 140 ASP n 
1 141 ALA n 
1 142 SER n 
1 143 SER n 
1 144 TRP n 
1 145 MET n 
1 146 THR n 
1 147 TYR n 
1 148 THR n 
1 149 GLY n 
1 150 GLY n 
1 151 VAL n 
1 152 MET n 
1 153 THR n 
1 154 SER n 
1 155 CYS n 
1 156 VAL n 
1 157 SER n 
1 158 GLU n 
1 159 GLN n 
1 160 LEU n 
1 161 ASP n 
1 162 HIS n 
1 163 GLY n 
1 164 VAL n 
1 165 LEU n 
1 166 LEU n 
1 167 VAL n 
1 168 GLY n 
1 169 TYR n 
1 170 ASN n 
1 171 ASP n 
1 172 SER n 
1 173 ALA n 
1 174 ALA n 
1 175 VAL n 
1 176 PRO n 
1 177 TYR n 
1 178 TRP n 
1 179 ILE n 
1 180 ILE n 
1 181 LYS n 
1 182 ASN n 
1 183 SER n 
1 184 TRP n 
1 185 THR n 
1 186 THR n 
1 187 GLN n 
1 188 TRP n 
1 189 GLY n 
1 190 GLU n 
1 191 GLU n 
1 192 GLY n 
1 193 TYR n 
1 194 ILE n 
1 195 ARG n 
1 196 ILE n 
1 197 ALA n 
1 198 LYS n 
1 199 GLY n 
1 200 SER n 
1 201 ASN n 
1 202 GLN n 
1 203 CYS n 
1 204 LEU n 
1 205 VAL n 
1 206 LYS n 
1 207 GLU n 
1 208 GLU n 
1 209 ALA n 
1 210 SER n 
1 211 SER n 
1 212 ALA n 
1 213 VAL n 
1 214 VAL n 
1 215 GLY n 
# 
_entity_src_gen.entity_id                          1 
_entity_src_gen.pdbx_src_id                        1 
_entity_src_gen.pdbx_alt_source_flag               sample 
_entity_src_gen.pdbx_seq_type                      ? 
_entity_src_gen.pdbx_beg_seq_num                   ? 
_entity_src_gen.pdbx_end_seq_num                   ? 
_entity_src_gen.gene_src_common_name               ? 
_entity_src_gen.gene_src_genus                     Trypanosoma 
_entity_src_gen.pdbx_gene_src_gene                 ? 
_entity_src_gen.gene_src_species                   ? 
_entity_src_gen.gene_src_strain                    ? 
_entity_src_gen.gene_src_tissue                    ? 
_entity_src_gen.gene_src_tissue_fraction           ? 
_entity_src_gen.gene_src_details                   ? 
_entity_src_gen.pdbx_gene_src_fragment             ? 
_entity_src_gen.pdbx_gene_src_scientific_name      'Trypanosoma cruzi' 
_entity_src_gen.pdbx_gene_src_ncbi_taxonomy_id     5693 
_entity_src_gen.pdbx_gene_src_variant              ? 
_entity_src_gen.pdbx_gene_src_cell_line            ? 
_entity_src_gen.pdbx_gene_src_atcc                 ? 
_entity_src_gen.pdbx_gene_src_organ                ? 
_entity_src_gen.pdbx_gene_src_organelle            ? 
_entity_src_gen.pdbx_gene_src_cell                 ? 
_entity_src_gen.pdbx_gene_src_cellular_location    ? 
_entity_src_gen.host_org_common_name               ? 
_entity_src_gen.pdbx_host_org_scientific_name      'Escherichia coli' 
_entity_src_gen.pdbx_host_org_ncbi_taxonomy_id     562 
_entity_src_gen.host_org_genus                     Escherichia 
_entity_src_gen.pdbx_host_org_gene                 ? 
_entity_src_gen.pdbx_host_org_organ                ? 
_entity_src_gen.host_org_species                   ? 
_entity_src_gen.pdbx_host_org_tissue               ? 
_entity_src_gen.pdbx_host_org_tissue_fraction      ? 
_entity_src_gen.pdbx_host_org_strain               ? 
_entity_src_gen.pdbx_host_org_variant              ? 
_entity_src_gen.pdbx_host_org_cell_line            ? 
_entity_src_gen.pdbx_host_org_atcc                 ? 
_entity_src_gen.pdbx_host_org_culture_collection   ? 
_entity_src_gen.pdbx_host_org_cell                 ? 
_entity_src_gen.pdbx_host_org_organelle            ? 
_entity_src_gen.pdbx_host_org_cellular_location    ? 
_entity_src_gen.pdbx_host_org_vector_type          ? 
_entity_src_gen.pdbx_host_org_vector               ? 
_entity_src_gen.host_org_details                   ? 
_entity_src_gen.expression_system_id               ? 
_entity_src_gen.plasmid_name                       DH5ALPHA 
_entity_src_gen.plasmid_details                    ? 
_entity_src_gen.pdbx_description                   ? 
# 
loop_
_chem_comp.id 
_chem_comp.type 
_chem_comp.mon_nstd_flag 
_chem_comp.name 
_chem_comp.pdbx_synonyms 
_chem_comp.formula 
_chem_comp.formula_weight 
ALA 'L-peptide linking' y ALANINE                                                                                                ? 
'C3 H7 N O2'      89.093  
ARG 'L-peptide linking' y ARGININE                                                                                               ? 
'C6 H15 N4 O2 1'  175.209 
ASN 'L-peptide linking' y ASPARAGINE                                                                                             ? 
'C4 H8 N2 O3'     132.118 
ASP 'L-peptide linking' y 'ASPARTIC ACID'                                                                                        ? 
'C4 H7 N O4'      133.103 
CYS 'L-peptide linking' y CYSTEINE                                                                                               ? 
'C3 H7 N O2 S'    121.158 
GLN 'L-peptide linking' y GLUTAMINE                                                                                              ? 
'C5 H10 N2 O3'    146.144 
GLU 'L-peptide linking' y 'GLUTAMIC ACID'                                                                                        ? 
'C5 H9 N O4'      147.129 
GLY 'peptide linking'   y GLYCINE                                                                                                ? 
'C2 H5 N O2'      75.067  
HIS 'L-peptide linking' y HISTIDINE                                                                                              ? 
'C6 H10 N3 O2 1'  156.162 
HOH non-polymer         . WATER                                                                                                  ? 
'H2 O'            18.015  
ILE 'L-peptide linking' y ISOLEUCINE                                                                                             ? 
'C6 H13 N O2'     131.173 
LEU 'L-peptide linking' y LEUCINE                                                                                                ? 
'C6 H13 N O2'     131.173 
LYS 'L-peptide linking' y LYSINE                                                                                                 ? 
'C6 H15 N2 O2 1'  147.195 
MET 'L-peptide linking' y METHIONINE                                                                                             ? 
'C5 H11 N O2 S'   149.211 
PHE 'L-peptide linking' y PHENYLALANINE                                                                                          ? 
'C9 H11 N O2'     165.189 
PRO 'L-peptide linking' y PROLINE                                                                                                ? 
'C5 H9 N O2'      115.130 
SER 'L-peptide linking' y SERINE                                                                                                 ? 
'C3 H7 N O3'      105.093 
THR 'L-peptide linking' y THREONINE                                                                                              ? 
'C4 H9 N O3'      119.119 
TRP 'L-peptide linking' y TRYPTOPHAN                                                                                             ? 
'C11 H12 N2 O2'   204.225 
TYR 'L-peptide linking' y TYROSINE                                                                                               ? 
'C9 H11 N O3'     181.189 
VAL 'L-peptide linking' y VALINE                                                                                                 ? 
'C5 H11 N O2'     117.146 
VS3 non-polymer         . '3-[N-[BENZYLOXYCARBONYL]-PHENYLALANINYL-AMINO]-5-PHENYL-PENTANE-1-SULFONIC ACID 4-NITRO-PHENYL ESTER' ? 
'C34 H35 N3 O8 S' 645.722 
# 
loop_
_pdbx_poly_seq_scheme.asym_id 
_pdbx_poly_seq_scheme.entity_id 
_pdbx_poly_seq_scheme.seq_id 
_pdbx_poly_seq_scheme.mon_id 
_pdbx_poly_seq_scheme.ndb_seq_num 
_pdbx_poly_seq_scheme.pdb_seq_num 
_pdbx_poly_seq_scheme.auth_seq_num 
_pdbx_poly_seq_scheme.pdb_mon_id 
_pdbx_poly_seq_scheme.auth_mon_id 
_pdbx_poly_seq_scheme.pdb_strand_id 
_pdbx_poly_seq_scheme.pdb_ins_code 
_pdbx_poly_seq_scheme.hetero 
A 1 1   ALA 1   1   1   ALA ALA A . n 
A 1 2   PRO 2   2   2   PRO PRO A . n 
A 1 3   ALA 3   3   3   ALA ALA A . n 
A 1 4   ALA 4   4   4   ALA ALA A . n 
A 1 5   VAL 5   5   5   VAL VAL A . n 
A 1 6   ASP 6   6   6   ASP ASP A . n 
A 1 7   TRP 7   7   7   TRP TRP A . n 
A 1 8   ARG 8   8   8   ARG ARG A . n 
A 1 9   ALA 9   9   9   ALA ALA A . n 
A 1 10  ARG 10  10  10  ARG ARG A . n 
A 1 11  GLY 11  11  11  GLY GLY A . n 
A 1 12  ALA 12  12  12  ALA ALA A . n 
A 1 13  VAL 13  13  13  VAL VAL A . n 
A 1 14  THR 14  14  14  THR THR A . n 
A 1 15  ALA 15  15  15  ALA ALA A . n 
A 1 16  VAL 16  16  16  VAL VAL A . n 
A 1 17  LYS 17  17  17  LYS LYS A . n 
A 1 18  ASP 18  18  18  ASP ASP A . n 
A 1 19  GLN 19  19  19  GLN GLN A . n 
A 1 20  GLY 20  20  20  GLY GLY A . n 
A 1 21  GLN 21  21  21  GLN GLN A . n 
A 1 22  CYS 22  22  22  CYS CYS A . n 
A 1 23  GLY 23  23  23  GLY GLY A . n 
A 1 24  SER 24  24  24  SER SER A . n 
A 1 25  CYS 25  25  25  CYS CYS A . n 
A 1 26  TRP 26  26  26  TRP TRP A . n 
A 1 27  ALA 27  27  27  ALA ALA A . n 
A 1 28  PHE 28  28  28  PHE PHE A . n 
A 1 29  SER 29  29  29  SER SER A . n 
A 1 30  ALA 30  30  30  ALA ALA A . n 
A 1 31  ILE 31  31  31  ILE ILE A . n 
A 1 32  GLY 32  32  32  GLY GLY A . n 
A 1 33  ASN 33  33  33  ASN ASN A . n 
A 1 34  VAL 34  34  34  VAL VAL A . n 
A 1 35  GLU 35  35  35  GLU GLU A . n 
A 1 36  CYS 36  36  36  CYS CYS A . n 
A 1 37  GLN 37  37  37  GLN GLN A . n 
A 1 38  TRP 38  38  38  TRP TRP A . n 
A 1 39  PHE 39  39  39  PHE PHE A . n 
A 1 40  LEU 40  40  40  LEU LEU A . n 
A 1 41  ALA 41  41  41  ALA ALA A . n 
A 1 42  GLY 42  42  42  GLY GLY A . n 
A 1 43  HIS 43  43  43  HIS HIS A . n 
A 1 44  PRO 44  44  44  PRO PRO A . n 
A 1 45  LEU 45  45  45  LEU LEU A . n 
A 1 46  THR 46  46  46  THR THR A . n 
A 1 47  ASN 47  47  47  ASN ASN A . n 
A 1 48  LEU 48  48  48  LEU LEU A . n 
A 1 49  SER 49  49  49  SER SER A . n 
A 1 50  GLU 50  50  50  GLU GLU A . n 
A 1 51  GLN 51  51  51  GLN GLN A . n 
A 1 52  MET 52  52  52  MET MET A . n 
A 1 53  LEU 53  53  53  LEU LEU A . n 
A 1 54  VAL 54  54  54  VAL VAL A . n 
A 1 55  SER 55  55  55  SER SER A . n 
A 1 56  CYS 56  56  56  CYS CYS A . n 
A 1 57  ASP 57  57  57  ASP ASP A . n 
A 1 58  LYS 58  58  58  LYS LYS A . n 
A 1 59  THR 59  59  59  THR THR A . n 
A 1 60  ASP 60  60  60  ASP ASP A . n 
A 1 61  SER 61  61  61  SER SER A . n 
A 1 62  GLY 62  62  62  GLY GLY A . n 
A 1 63  CYS 63  63  63  CYS CYS A . n 
A 1 64  SER 64  64  64  SER SER A . n 
A 1 65  GLY 65  65  65  GLY GLY A . n 
A 1 66  GLY 66  66  66  GLY GLY A . n 
A 1 67  LEU 67  67  67  LEU LEU A . n 
A 1 68  MET 68  68  68  MET MET A . n 
A 1 69  ASN 69  69  69  ASN ASN A . n 
A 1 70  ASN 70  70  70  ASN ASN A . n 
A 1 71  ALA 71  71  71  ALA ALA A . n 
A 1 72  PHE 72  72  72  PHE PHE A . n 
A 1 73  GLU 73  73  73  GLU GLU A . n 
A 1 74  TRP 74  74  74  TRP TRP A . n 
A 1 75  ILE 75  75  75  ILE ILE A . n 
A 1 76  VAL 76  76  76  VAL VAL A . n 
A 1 77  GLN 77  77  77  GLN GLN A . n 
A 1 78  GLU 78  78  78  GLU GLU A . n 
A 1 79  ASN 79  78  78  ASN ASN A A n 
A 1 80  ASN 80  78  78  ASN ASN A B n 
A 1 81  GLY 81  78  78  GLY GLY A C n 
A 1 82  ALA 82  79  79  ALA ALA A . n 
A 1 83  VAL 83  80  80  VAL VAL A . n 
A 1 84  TYR 84  81  81  TYR TYR A . n 
A 1 85  THR 85  82  82  THR THR A . n 
A 1 86  GLU 86  83  83  GLU GLU A . n 
A 1 87  ASP 87  84  84  ASP ASP A . n 
A 1 88  SER 88  85  85  SER SER A . n 
A 1 89  TYR 89  86  86  TYR TYR A . n 
A 1 90  PRO 90  87  87  PRO PRO A . n 
A 1 91  TYR 91  88  88  TYR TYR A . n 
A 1 92  ALA 92  89  89  ALA ALA A . n 
A 1 93  SER 93  89  89  SER SER A A n 
A 1 94  GLY 94  89  89  GLY GLY A B n 
A 1 95  GLU 95  89  89  GLU GLU A C n 
A 1 96  GLY 96  90  90  GLY GLY A . n 
A 1 97  ILE 97  91  91  ILE ILE A . n 
A 1 98  SER 98  92  92  SER SER A . n 
A 1 99  PRO 99  93  93  PRO PRO A . n 
A 1 100 PRO 100 94  94  PRO PRO A . n 
A 1 101 CYS 101 95  95  CYS CYS A . n 
A 1 102 THR 102 96  96  THR THR A . n 
A 1 103 THR 103 97  97  THR THR A . n 
A 1 104 SER 104 98  98  SER SER A . n 
A 1 105 GLY 105 99  99  GLY GLY A . n 
A 1 106 HIS 106 100 100 HIS HIS A . n 
A 1 107 THR 107 101 101 THR THR A . n 
A 1 108 VAL 108 102 102 VAL VAL A . n 
A 1 109 GLY 109 103 103 GLY GLY A . n 
A 1 110 ALA 110 105 105 ALA ALA A . n 
A 1 111 THR 111 106 106 THR THR A . n 
A 1 112 ILE 112 107 107 ILE ILE A . n 
A 1 113 THR 113 108 108 THR THR A . n 
A 1 114 GLY 114 109 109 GLY GLY A . n 
A 1 115 HIS 115 110 110 HIS HIS A . n 
A 1 116 VAL 116 111 111 VAL VAL A . n 
A 1 117 GLU 117 112 112 GLU GLU A . n 
A 1 118 LEU 118 113 113 LEU LEU A . n 
A 1 119 PRO 119 114 114 PRO PRO A . n 
A 1 120 GLN 120 115 115 GLN GLN A . n 
A 1 121 ASP 121 116 116 ASP ASP A . n 
A 1 122 GLU 122 117 117 GLU GLU A . n 
A 1 123 ALA 123 118 118 ALA ALA A . n 
A 1 124 GLN 124 119 119 GLN GLN A . n 
A 1 125 ILE 125 120 120 ILE ILE A . n 
A 1 126 ALA 126 121 121 ALA ALA A . n 
A 1 127 ALA 127 122 122 ALA ALA A . n 
A 1 128 TRP 128 123 123 TRP TRP A . n 
A 1 129 LEU 129 124 124 LEU LEU A . n 
A 1 130 ALA 130 125 125 ALA ALA A . n 
A 1 131 VAL 131 126 126 VAL VAL A . n 
A 1 132 ASN 132 127 127 ASN ASN A . n 
A 1 133 GLY 133 128 128 GLY GLY A . n 
A 1 134 PRO 134 129 129 PRO PRO A . n 
A 1 135 VAL 135 130 130 VAL VAL A . n 
A 1 136 ALA 136 131 131 ALA ALA A . n 
A 1 137 VAL 137 132 132 VAL VAL A . n 
A 1 138 ALA 138 133 133 ALA ALA A . n 
A 1 139 VAL 139 134 134 VAL VAL A . n 
A 1 140 ASP 140 135 135 ASP ASP A . n 
A 1 141 ALA 141 136 136 ALA ALA A . n 
A 1 142 SER 142 139 139 SER SER A . n 
A 1 143 SER 143 140 140 SER SER A . n 
A 1 144 TRP 144 141 141 TRP TRP A . n 
A 1 145 MET 145 142 142 MET MET A . n 
A 1 146 THR 146 143 143 THR THR A . n 
A 1 147 TYR 147 144 144 TYR TYR A . n 
A 1 148 THR 148 145 145 THR THR A . n 
A 1 149 GLY 149 146 146 GLY GLY A . n 
A 1 150 GLY 150 147 147 GLY GLY A . n 
A 1 151 VAL 151 148 148 VAL VAL A . n 
A 1 152 MET 152 149 149 MET MET A . n 
A 1 153 THR 153 151 151 THR THR A . n 
A 1 154 SER 154 152 152 SER SER A . n 
A 1 155 CYS 155 153 153 CYS CYS A . n 
A 1 156 VAL 156 154 154 VAL VAL A . n 
A 1 157 SER 157 155 155 SER SER A . n 
A 1 158 GLU 158 156 156 GLU GLU A . n 
A 1 159 GLN 159 156 156 GLN GLN A A n 
A 1 160 LEU 160 157 157 LEU LEU A . n 
A 1 161 ASP 161 158 158 ASP ASP A . n 
A 1 162 HIS 162 159 159 HIS HIS A . n 
A 1 163 GLY 163 160 160 GLY GLY A . n 
A 1 164 VAL 164 161 161 VAL VAL A . n 
A 1 165 LEU 165 162 162 LEU LEU A . n 
A 1 166 LEU 166 163 163 LEU LEU A . n 
A 1 167 VAL 167 164 164 VAL VAL A . n 
A 1 168 GLY 168 165 165 GLY GLY A . n 
A 1 169 TYR 169 166 166 TYR TYR A . n 
A 1 170 ASN 170 167 167 ASN ASN A . n 
A 1 171 ASP 171 167 167 ASP ASP A A n 
A 1 172 SER 172 167 167 SER SER A B n 
A 1 173 ALA 173 167 167 ALA ALA A C n 
A 1 174 ALA 174 167 167 ALA ALA A D n 
A 1 175 VAL 175 168 168 VAL VAL A . n 
A 1 176 PRO 176 169 169 PRO PRO A . n 
A 1 177 TYR 177 170 170 TYR TYR A . n 
A 1 178 TRP 178 171 171 TRP TRP A . n 
A 1 179 ILE 179 172 172 ILE ILE A . n 
A 1 180 ILE 180 173 173 ILE ILE A . n 
A 1 181 LYS 181 174 174 LYS LYS A . n 
A 1 182 ASN 182 175 175 ASN ASN A . n 
A 1 183 SER 183 176 176 SER SER A . n 
A 1 184 TRP 184 177 177 TRP TRP A . n 
A 1 185 THR 185 178 178 THR THR A . n 
A 1 186 THR 186 179 179 THR THR A . n 
A 1 187 GLN 187 180 180 GLN GLN A . n 
A 1 188 TRP 188 181 181 TRP TRP A . n 
A 1 189 GLY 189 182 182 GLY GLY A . n 
A 1 190 GLU 190 183 183 GLU GLU A . n 
A 1 191 GLU 191 184 184 GLU GLU A . n 
A 1 192 GLY 192 185 185 GLY GLY A . n 
A 1 193 TYR 193 186 186 TYR TYR A . n 
A 1 194 ILE 194 187 187 ILE ILE A . n 
A 1 195 ARG 195 188 188 ARG ARG A . n 
A 1 196 ILE 196 189 189 ILE ILE A . n 
A 1 197 ALA 197 190 190 ALA ALA A . n 
A 1 198 LYS 198 191 191 LYS LYS A . n 
A 1 199 GLY 199 192 192 GLY GLY A . n 
A 1 200 SER 200 193 193 SER SER A . n 
A 1 201 ASN 201 198 198 ASN ASN A . n 
A 1 202 GLN 202 199 199 GLN GLN A . n 
A 1 203 CYS 203 200 200 CYS CYS A . n 
A 1 204 LEU 204 201 201 LEU LEU A . n 
A 1 205 VAL 205 202 202 VAL VAL A . n 
A 1 206 LYS 206 203 203 LYS LYS A . n 
A 1 207 GLU 207 204 204 GLU GLU A . n 
A 1 208 GLU 208 205 205 GLU GLU A . n 
A 1 209 ALA 209 206 206 ALA ALA A . n 
A 1 210 SER 210 207 207 SER SER A . n 
A 1 211 SER 211 208 208 SER SER A . n 
A 1 212 ALA 212 209 209 ALA ALA A . n 
A 1 213 VAL 213 210 210 VAL VAL A . n 
A 1 214 VAL 214 211 211 VAL VAL A . n 
A 1 215 GLY 215 212 212 GLY GLY A . n 
# 
loop_
_pdbx_nonpoly_scheme.asym_id 
_pdbx_nonpoly_scheme.entity_id 
_pdbx_nonpoly_scheme.mon_id 
_pdbx_nonpoly_scheme.ndb_seq_num 
_pdbx_nonpoly_scheme.pdb_seq_num 
_pdbx_nonpoly_scheme.auth_seq_num 
_pdbx_nonpoly_scheme.pdb_mon_id 
_pdbx_nonpoly_scheme.auth_mon_id 
_pdbx_nonpoly_scheme.pdb_strand_id 
_pdbx_nonpoly_scheme.pdb_ins_code 
B 2 VS3 1  300 300 VS3 VS3 A . 
C 3 HOH 1  301 1   HOH HOH A . 
C 3 HOH 2  302 2   HOH HOH A . 
C 3 HOH 3  303 3   HOH HOH A . 
C 3 HOH 4  304 4   HOH HOH A . 
C 3 HOH 5  305 5   HOH HOH A . 
C 3 HOH 6  306 6   HOH HOH A . 
C 3 HOH 7  307 7   HOH HOH A . 
C 3 HOH 8  308 8   HOH HOH A . 
C 3 HOH 9  309 9   HOH HOH A . 
C 3 HOH 10 310 10  HOH HOH A . 
C 3 HOH 11 311 11  HOH HOH A . 
C 3 HOH 12 312 12  HOH HOH A . 
C 3 HOH 13 313 13  HOH HOH A . 
C 3 HOH 14 314 14  HOH HOH A . 
C 3 HOH 15 315 15  HOH HOH A . 
C 3 HOH 16 316 16  HOH HOH A . 
C 3 HOH 17 317 17  HOH HOH A . 
C 3 HOH 18 318 18  HOH HOH A . 
C 3 HOH 19 319 19  HOH HOH A . 
C 3 HOH 20 320 20  HOH HOH A . 
C 3 HOH 21 321 21  HOH HOH A . 
C 3 HOH 22 322 22  HOH HOH A . 
C 3 HOH 23 323 23  HOH HOH A . 
C 3 HOH 24 324 24  HOH HOH A . 
C 3 HOH 25 325 25  HOH HOH A . 
C 3 HOH 26 326 26  HOH HOH A . 
C 3 HOH 27 327 27  HOH HOH A . 
C 3 HOH 28 328 28  HOH HOH A . 
C 3 HOH 29 329 29  HOH HOH A . 
C 3 HOH 30 330 30  HOH HOH A . 
C 3 HOH 31 331 31  HOH HOH A . 
C 3 HOH 32 332 32  HOH HOH A . 
C 3 HOH 33 333 33  HOH HOH A . 
C 3 HOH 34 334 34  HOH HOH A . 
C 3 HOH 35 335 35  HOH HOH A . 
C 3 HOH 36 336 36  HOH HOH A . 
C 3 HOH 37 337 37  HOH HOH A . 
C 3 HOH 38 338 38  HOH HOH A . 
C 3 HOH 39 339 39  HOH HOH A . 
C 3 HOH 40 340 40  HOH HOH A . 
C 3 HOH 41 341 41  HOH HOH A . 
C 3 HOH 42 342 42  HOH HOH A . 
C 3 HOH 43 343 43  HOH HOH A . 
C 3 HOH 44 344 44  HOH HOH A . 
C 3 HOH 45 345 45  HOH HOH A . 
C 3 HOH 46 346 46  HOH HOH A . 
C 3 HOH 47 347 47  HOH HOH A . 
C 3 HOH 48 348 48  HOH HOH A . 
C 3 HOH 49 349 49  HOH HOH A . 
C 3 HOH 50 350 50  HOH HOH A . 
C 3 HOH 51 351 51  HOH HOH A . 
C 3 HOH 52 352 52  HOH HOH A . 
C 3 HOH 53 353 53  HOH HOH A . 
C 3 HOH 54 354 54  HOH HOH A . 
C 3 HOH 55 355 55  HOH HOH A . 
C 3 HOH 56 356 56  HOH HOH A . 
C 3 HOH 57 357 57  HOH HOH A . 
C 3 HOH 58 358 58  HOH HOH A . 
C 3 HOH 59 359 59  HOH HOH A . 
C 3 HOH 60 360 60  HOH HOH A . 
C 3 HOH 61 361 61  HOH HOH A . 
C 3 HOH 62 362 62  HOH HOH A . 
C 3 HOH 63 363 63  HOH HOH A . 
C 3 HOH 64 364 64  HOH HOH A . 
C 3 HOH 65 365 65  HOH HOH A . 
C 3 HOH 66 366 66  HOH HOH A . 
# 
loop_
_software.name 
_software.classification 
_software.version 
_software.citation_id 
_software.pdbx_ordinal 
DENZO     'data reduction' .     ? 1 
SCALEPACK 'data scaling'   .     ? 2 
X-PLOR    'model building' .     ? 3 
X-PLOR    refinement       3.843 ? 4 
X-PLOR    phasing          .     ? 5 
# 
_cell.entry_id           1F2B 
_cell.length_a           45.180 
_cell.length_b           51.360 
_cell.length_c           45.560 
_cell.angle_alpha        90.00 
_cell.angle_beta         116.17 
_cell.angle_gamma        90.00 
_cell.Z_PDB              2 
_cell.pdbx_unique_axis   ? 
# 
_symmetry.entry_id                         1F2B 
_symmetry.space_group_name_H-M             'P 1 21 1' 
_symmetry.pdbx_full_space_group_name_H-M   ? 
_symmetry.cell_setting                     ? 
_symmetry.Int_Tables_number                4 
# 
_exptl.entry_id          1F2B 
_exptl.method            'X-RAY DIFFRACTION' 
_exptl.crystals_number   1 
# 
_exptl_crystal.id                    1 
_exptl_crystal.density_meas          ? 
_exptl_crystal.density_percent_sol   41.09 
_exptl_crystal.density_Matthews      2.09 
_exptl_crystal.description           ? 
# 
_exptl_crystal_grow.crystal_id      1 
_exptl_crystal_grow.method          'VAPOR DIFFUSION, HANGING DROP' 
_exptl_crystal_grow.pH              6.5 
_exptl_crystal_grow.temp            291 
_exptl_crystal_grow.temp_details    ? 
_exptl_crystal_grow.pdbx_details    'Sodium citrate; micro seeding, pH 6.5, VAPOR DIFFUSION, HANGING DROP, temperature 291K' 
_exptl_crystal_grow.pdbx_pH_range   ? 
# 
_diffrn.id                     1 
_diffrn.ambient_temp           298.0 
_diffrn.ambient_temp_details   ? 
_diffrn.crystal_id             1 
# 
_diffrn_detector.diffrn_id              1 
_diffrn_detector.detector               'IMAGE PLATE' 
_diffrn_detector.type                   MARRESEARCH 
_diffrn_detector.pdbx_collection_date   1998-09-15 
_diffrn_detector.details                ? 
# 
_diffrn_radiation.diffrn_id                        1 
_diffrn_radiation.wavelength_id                    1 
_diffrn_radiation.monochromator                    ? 
_diffrn_radiation.pdbx_monochromatic_or_laue_m_l   M 
_diffrn_radiation.pdbx_diffrn_protocol             'SINGLE WAVELENGTH' 
_diffrn_radiation.pdbx_scattering_type             x-ray 
# 
_diffrn_radiation_wavelength.id           1 
_diffrn_radiation_wavelength.wavelength   1.5418 
_diffrn_radiation_wavelength.wt           1.0 
# 
_diffrn_source.diffrn_id                   1 
_diffrn_source.source                      'ROTATING ANODE' 
_diffrn_source.type                        'RIGAKU RU300' 
_diffrn_source.pdbx_wavelength             1.5418 
_diffrn_source.pdbx_synchrotron_site       ? 
_diffrn_source.pdbx_synchrotron_beamline   ? 
_diffrn_source.pdbx_wavelength_list        ? 
# 
_reflns.entry_id                     1F2B 
_reflns.observed_criterion_sigma_I   0 
_reflns.observed_criterion_sigma_F   0.0 
_reflns.d_resolution_low             30.0 
_reflns.d_resolution_high            1.7 
_reflns.number_obs                   15513 
_reflns.number_all                   17495 
_reflns.percent_possible_obs         88.8 
_reflns.pdbx_Rmerge_I_obs            0.08 
_reflns.pdbx_Rsym_value              ? 
_reflns.pdbx_netI_over_sigmaI        12.4 
_reflns.B_iso_Wilson_estimate        12.6 
_reflns.pdbx_redundancy              7.8 
_reflns.R_free_details               ? 
_reflns.limit_h_max                  ? 
_reflns.limit_h_min                  ? 
_reflns.limit_k_max                  ? 
_reflns.limit_k_min                  ? 
_reflns.limit_l_max                  ? 
_reflns.limit_l_min                  ? 
_reflns.observed_criterion_F_max     ? 
_reflns.observed_criterion_F_min     ? 
_reflns.pdbx_diffrn_id               1 
_reflns.pdbx_ordinal                 1 
# 
_reflns_shell.d_res_high             1.80 
_reflns_shell.d_res_low              1.85 
_reflns_shell.percent_possible_obs   ? 
_reflns_shell.percent_possible_all   74.4 
_reflns_shell.Rmerge_I_obs           0.22 
_reflns_shell.meanI_over_sigI_obs    ? 
_reflns_shell.pdbx_Rsym_value        ? 
_reflns_shell.pdbx_redundancy        1.7 
_reflns_shell.number_unique_all      ? 
_reflns_shell.pdbx_diffrn_id         ? 
_reflns_shell.pdbx_ordinal           1 
# 
_refine.entry_id                                 1F2B 
_refine.ls_number_reflns_obs                     19258 
_refine.ls_number_reflns_all                     15387 
_refine.pdbx_ls_sigma_I                          2.0 
_refine.pdbx_ls_sigma_F                          2.0 
_refine.pdbx_data_cutoff_high_absF               ? 
_refine.pdbx_data_cutoff_low_absF                ? 
_refine.ls_d_res_low                             30.0 
_refine.ls_d_res_high                            1.8 
_refine.ls_percent_reflns_obs                    79.9 
_refine.ls_R_factor_obs                          ? 
_refine.ls_R_factor_all                          ? 
_refine.ls_R_factor_R_work                       0.173 
_refine.ls_R_factor_R_free                       0.203 
_refine.ls_R_factor_R_free_error                 ? 
_refine.ls_R_factor_R_free_error_details         ? 
_refine.ls_percent_reflns_R_free                 ? 
_refine.ls_number_reflns_R_free                  1519 
_refine.ls_number_parameters                     ? 
_refine.ls_number_restraints                     ? 
_refine.occupancy_min                            ? 
_refine.occupancy_max                            ? 
_refine.B_iso_mean                               ? 
_refine.aniso_B[1][1]                            ? 
_refine.aniso_B[2][2]                            ? 
_refine.aniso_B[3][3]                            ? 
_refine.aniso_B[1][2]                            ? 
_refine.aniso_B[1][3]                            ? 
_refine.aniso_B[2][3]                            ? 
_refine.solvent_model_details                    ? 
_refine.solvent_model_param_ksol                 ? 
_refine.solvent_model_param_bsol                 ? 
_refine.pdbx_ls_cross_valid_method               ? 
_refine.details                                  ? 
_refine.pdbx_starting_model                      ? 
_refine.pdbx_method_to_determine_struct          ? 
_refine.pdbx_isotropic_thermal_model             ? 
_refine.pdbx_stereochemistry_target_values       'Engh & Huber' 
_refine.pdbx_stereochem_target_val_spec_case     ? 
_refine.pdbx_R_Free_selection_details            Random 
_refine.pdbx_overall_ESU_R_Free                  ? 
_refine.overall_SU_B                             ? 
_refine.ls_redundancy_reflns_obs                 ? 
_refine.B_iso_min                                ? 
_refine.B_iso_max                                ? 
_refine.overall_SU_ML                            ? 
_refine.pdbx_overall_ESU_R                       ? 
_refine.pdbx_data_cutoff_high_rms_absF           ? 
_refine.pdbx_refine_id                           'X-RAY DIFFRACTION' 
_refine.pdbx_diffrn_id                           1 
_refine.pdbx_TLS_residual_ADP_flag               ? 
_refine.correlation_coeff_Fo_to_Fc               ? 
_refine.correlation_coeff_Fo_to_Fc_free          ? 
_refine.pdbx_solvent_vdw_probe_radii             ? 
_refine.pdbx_solvent_ion_probe_radii             ? 
_refine.pdbx_solvent_shrinkage_radii             ? 
_refine.pdbx_overall_phase_error                 ? 
_refine.overall_SU_R_Cruickshank_DPI             ? 
_refine.pdbx_overall_SU_R_free_Cruickshank_DPI   ? 
_refine.pdbx_overall_SU_R_Blow_DPI               ? 
_refine.pdbx_overall_SU_R_free_Blow_DPI          ? 
# 
_refine_hist.pdbx_refine_id                   'X-RAY DIFFRACTION' 
_refine_hist.cycle_id                         LAST 
_refine_hist.pdbx_number_atoms_protein        1593 
_refine_hist.pdbx_number_atoms_nucleic_acid   0 
_refine_hist.pdbx_number_atoms_ligand         46 
_refine_hist.number_atoms_solvent             66 
_refine_hist.number_atoms_total               1705 
_refine_hist.d_res_high                       1.8 
_refine_hist.d_res_low                        30.0 
# 
loop_
_refine_ls_restr.type 
_refine_ls_restr.dev_ideal 
_refine_ls_restr.dev_ideal_target 
_refine_ls_restr.weight 
_refine_ls_restr.number 
_refine_ls_restr.pdbx_refine_id 
_refine_ls_restr.pdbx_restraint_function 
x_bond_d           0.007 ? ? ? 'X-RAY DIFFRACTION' ? 
x_angle_deg        1.5   ? ? ? 'X-RAY DIFFRACTION' ? 
x_dihedral_angle_d 24.0  ? ? ? 'X-RAY DIFFRACTION' ? 
x_improper_angle_d 0.93  ? ? ? 'X-RAY DIFFRACTION' ? 
# 
_struct.entry_id                  1F2B 
_struct.title                     'CRYSTAL STRUCTURE ANALYSIS OF CRUZAIN BOUND TO VINYL SULFONE DERIVED INHIBITOR (III)' 
_struct.pdbx_model_details        ? 
_struct.pdbx_CASP_flag            ? 
_struct.pdbx_model_type_details   ? 
# 
_struct_keywords.entry_id        1F2B 
_struct_keywords.pdbx_keywords   HYDROLASE 
_struct_keywords.text            
;cysteine protease, covalent inhibitor, vinyl sulfone-derived, P1' pocket, HYDROLASE
;
# 
loop_
_struct_asym.id 
_struct_asym.pdbx_blank_PDB_chainid_flag 
_struct_asym.pdbx_modified 
_struct_asym.entity_id 
_struct_asym.details 
A N N 1 ? 
B N N 2 ? 
C N N 3 ? 
# 
_struct_ref.id                         1 
_struct_ref.db_code                    CYSP_TRYCR 
_struct_ref.db_name                    UNP 
_struct_ref.entity_id                  1 
_struct_ref.pdbx_db_accession          P25779 
_struct_ref.pdbx_align_begin           123 
_struct_ref.pdbx_seq_one_letter_code   
;APAAVDWRARGAVTAVKDQGQCGSCWAFSAIGNVECQWFLAGHPLTNLSEQMLVSCDKTDSGCSGGLMNNAFEWIVQENN
GAVYTEDSYPYASGEGISPPCTTSGHTVGATITGHVELPQDEAQIAAWLAVNGPVAVAVDASSWMTYTGGVMTSCVSEQL
DHGVLLVGYNDSAAVPYWIIKNSWTTQWGEEGYIRIAKGSNQCLVKEEASSAVVG
;
_struct_ref.pdbx_db_isoform            ? 
# 
_struct_ref_seq.align_id                      1 
_struct_ref_seq.ref_id                        1 
_struct_ref_seq.pdbx_PDB_id_code              1F2B 
_struct_ref_seq.pdbx_strand_id                A 
_struct_ref_seq.seq_align_beg                 1 
_struct_ref_seq.pdbx_seq_align_beg_ins_code   ? 
_struct_ref_seq.seq_align_end                 215 
_struct_ref_seq.pdbx_seq_align_end_ins_code   ? 
_struct_ref_seq.pdbx_db_accession             P25779 
_struct_ref_seq.db_align_beg                  123 
_struct_ref_seq.pdbx_db_align_beg_ins_code    ? 
_struct_ref_seq.db_align_end                  337 
_struct_ref_seq.pdbx_db_align_end_ins_code    ? 
_struct_ref_seq.pdbx_auth_seq_align_beg       1 
_struct_ref_seq.pdbx_auth_seq_align_end       212 
# 
_pdbx_struct_assembly.id                   1 
_pdbx_struct_assembly.details              author_defined_assembly 
_pdbx_struct_assembly.method_details       ? 
_pdbx_struct_assembly.oligomeric_details   monomeric 
_pdbx_struct_assembly.oligomeric_count     1 
# 
_pdbx_struct_assembly_gen.assembly_id       1 
_pdbx_struct_assembly_gen.oper_expression   1 
_pdbx_struct_assembly_gen.asym_id_list      A,B,C 
# 
_pdbx_struct_oper_list.id                   1 
_pdbx_struct_oper_list.type                 'identity operation' 
_pdbx_struct_oper_list.name                 1_555 
_pdbx_struct_oper_list.symmetry_operation   x,y,z 
_pdbx_struct_oper_list.matrix[1][1]         1.0000000000 
_pdbx_struct_oper_list.matrix[1][2]         0.0000000000 
_pdbx_struct_oper_list.matrix[1][3]         0.0000000000 
_pdbx_struct_oper_list.vector[1]            0.0000000000 
_pdbx_struct_oper_list.matrix[2][1]         0.0000000000 
_pdbx_struct_oper_list.matrix[2][2]         1.0000000000 
_pdbx_struct_oper_list.matrix[2][3]         0.0000000000 
_pdbx_struct_oper_list.vector[2]            0.0000000000 
_pdbx_struct_oper_list.matrix[3][1]         0.0000000000 
_pdbx_struct_oper_list.matrix[3][2]         0.0000000000 
_pdbx_struct_oper_list.matrix[3][3]         1.0000000000 
_pdbx_struct_oper_list.vector[3]            0.0000000000 
# 
loop_
_struct_conf.conf_type_id 
_struct_conf.id 
_struct_conf.pdbx_PDB_helix_id 
_struct_conf.beg_label_comp_id 
_struct_conf.beg_label_asym_id 
_struct_conf.beg_label_seq_id 
_struct_conf.pdbx_beg_PDB_ins_code 
_struct_conf.end_label_comp_id 
_struct_conf.end_label_asym_id 
_struct_conf.end_label_seq_id 
_struct_conf.pdbx_end_PDB_ins_code 
_struct_conf.beg_auth_comp_id 
_struct_conf.beg_auth_asym_id 
_struct_conf.beg_auth_seq_id 
_struct_conf.end_auth_comp_id 
_struct_conf.end_auth_asym_id 
_struct_conf.end_auth_seq_id 
_struct_conf.pdbx_PDB_helix_class 
_struct_conf.details 
_struct_conf.pdbx_PDB_helix_length 
HELX_P HELX_P1 1 ARG A 8   ? GLY A 11  ? ARG A 8   GLY A 11  5 ? 4  
HELX_P HELX_P2 2 SER A 24  ? ALA A 41  ? SER A 24  ALA A 41  1 ? 18 
HELX_P HELX_P3 3 SER A 49  ? ASP A 57  ? SER A 49  ASP A 57  1 ? 9  
HELX_P HELX_P4 4 SER A 61  ? GLY A 65  ? SER A 61  GLY A 65  5 ? 5  
HELX_P HELX_P5 6 ASP A 121 ? GLY A 133 ? ASP A 116 GLY A 128 1 ? 13 
HELX_P HELX_P6 7 ALA A 141 ? MET A 145 ? ALA A 136 MET A 142 5 ? 5  
HELX_P HELX_P7 8 ASN A 201 ? VAL A 205 ? ASN A 198 VAL A 202 5 ? 5  
# 
_struct_conf_type.id          HELX_P 
_struct_conf_type.criteria    ? 
_struct_conf_type.reference   ? 
# 
loop_
_struct_conn.id 
_struct_conn.conn_type_id 
_struct_conn.pdbx_leaving_atom_flag 
_struct_conn.pdbx_PDB_id 
_struct_conn.ptnr1_label_asym_id 
_struct_conn.ptnr1_label_comp_id 
_struct_conn.ptnr1_label_seq_id 
_struct_conn.ptnr1_label_atom_id 
_struct_conn.pdbx_ptnr1_label_alt_id 
_struct_conn.pdbx_ptnr1_PDB_ins_code 
_struct_conn.pdbx_ptnr1_standard_comp_id 
_struct_conn.ptnr1_symmetry 
_struct_conn.ptnr2_label_asym_id 
_struct_conn.ptnr2_label_comp_id 
_struct_conn.ptnr2_label_seq_id 
_struct_conn.ptnr2_label_atom_id 
_struct_conn.pdbx_ptnr2_label_alt_id 
_struct_conn.pdbx_ptnr2_PDB_ins_code 
_struct_conn.ptnr1_auth_asym_id 
_struct_conn.ptnr1_auth_comp_id 
_struct_conn.ptnr1_auth_seq_id 
_struct_conn.ptnr2_auth_asym_id 
_struct_conn.ptnr2_auth_comp_id 
_struct_conn.ptnr2_auth_seq_id 
_struct_conn.ptnr2_symmetry 
_struct_conn.pdbx_ptnr3_label_atom_id 
_struct_conn.pdbx_ptnr3_label_seq_id 
_struct_conn.pdbx_ptnr3_label_comp_id 
_struct_conn.pdbx_ptnr3_label_asym_id 
_struct_conn.pdbx_ptnr3_label_alt_id 
_struct_conn.pdbx_ptnr3_PDB_ins_code 
_struct_conn.details 
_struct_conn.pdbx_dist_value 
_struct_conn.pdbx_value_order 
_struct_conn.pdbx_role 
disulf1 disulf ?    ? A CYS 22  SG ? ? ? 1_555 A CYS 63  SG  ? ? A CYS 22  A CYS 63  1_555 ? ? ? ? ? ? ? 2.029 ? ? 
disulf2 disulf ?    ? A CYS 56  SG ? ? ? 1_555 A CYS 101 SG  ? ? A CYS 56  A CYS 95  1_555 ? ? ? ? ? ? ? 2.025 ? ? 
disulf3 disulf ?    ? A CYS 155 SG ? ? ? 1_555 A CYS 203 SG  ? ? A CYS 153 A CYS 200 1_555 ? ? ? ? ? ? ? 2.032 ? ? 
covale1 covale none ? A CYS 25  SG ? ? ? 1_555 B VS3 .   C27 ? ? A CYS 25  A VS3 300 1_555 ? ? ? ? ? ? ? 1.827 ? ? 
# 
loop_
_struct_conn_type.id 
_struct_conn_type.criteria 
_struct_conn_type.reference 
disulf ? ? 
covale ? ? 
# 
loop_
_pdbx_modification_feature.ordinal 
_pdbx_modification_feature.label_comp_id 
_pdbx_modification_feature.label_asym_id 
_pdbx_modification_feature.label_seq_id 
_pdbx_modification_feature.label_alt_id 
_pdbx_modification_feature.modified_residue_label_comp_id 
_pdbx_modification_feature.modified_residue_label_asym_id 
_pdbx_modification_feature.modified_residue_label_seq_id 
_pdbx_modification_feature.modified_residue_label_alt_id 
_pdbx_modification_feature.auth_comp_id 
_pdbx_modification_feature.auth_asym_id 
_pdbx_modification_feature.auth_seq_id 
_pdbx_modification_feature.PDB_ins_code 
_pdbx_modification_feature.symmetry 
_pdbx_modification_feature.modified_residue_auth_comp_id 
_pdbx_modification_feature.modified_residue_auth_asym_id 
_pdbx_modification_feature.modified_residue_auth_seq_id 
_pdbx_modification_feature.modified_residue_PDB_ins_code 
_pdbx_modification_feature.modified_residue_symmetry 
_pdbx_modification_feature.comp_id_linking_atom 
_pdbx_modification_feature.modified_residue_id_linking_atom 
_pdbx_modification_feature.modified_residue_id 
_pdbx_modification_feature.ref_pcm_id 
_pdbx_modification_feature.ref_comp_id 
_pdbx_modification_feature.type 
_pdbx_modification_feature.category 
1 VS3 B .   ? CYS A 25  ? VS3 A 300 ? 1_555 CYS A 25  ? 1_555 C27 SG CYS 1 VS3 None 'Covalent chemical modification' 
2 CYS A 22  ? CYS A 63  ? CYS A 22  ? 1_555 CYS A 63  ? 1_555 SG  SG .   . .   None 'Disulfide bridge'               
3 CYS A 56  ? CYS A 101 ? CYS A 56  ? 1_555 CYS A 95  ? 1_555 SG  SG .   . .   None 'Disulfide bridge'               
4 CYS A 155 ? CYS A 203 ? CYS A 153 ? 1_555 CYS A 200 ? 1_555 SG  SG .   . .   None 'Disulfide bridge'               
# 
loop_
_struct_sheet.id 
_struct_sheet.type 
_struct_sheet.number_strands 
_struct_sheet.details 
A ? 5 ? 
B ? 7 ? 
C ? 2 ? 
# 
loop_
_struct_sheet_order.sheet_id 
_struct_sheet_order.range_id_1 
_struct_sheet_order.range_id_2 
_struct_sheet_order.offset 
_struct_sheet_order.sense 
A 1 2 ? anti-parallel 
A 2 3 ? anti-parallel 
A 3 4 ? anti-parallel 
A 4 5 ? anti-parallel 
B 1 2 ? anti-parallel 
B 2 3 ? anti-parallel 
B 3 4 ? anti-parallel 
B 4 5 ? anti-parallel 
B 5 6 ? anti-parallel 
B 6 7 ? parallel      
C 1 2 ? anti-parallel 
# 
loop_
_struct_sheet_range.sheet_id 
_struct_sheet_range.id 
_struct_sheet_range.beg_label_comp_id 
_struct_sheet_range.beg_label_asym_id 
_struct_sheet_range.beg_label_seq_id 
_struct_sheet_range.pdbx_beg_PDB_ins_code 
_struct_sheet_range.end_label_comp_id 
_struct_sheet_range.end_label_asym_id 
_struct_sheet_range.end_label_seq_id 
_struct_sheet_range.pdbx_end_PDB_ins_code 
_struct_sheet_range.beg_auth_comp_id 
_struct_sheet_range.beg_auth_asym_id 
_struct_sheet_range.beg_auth_seq_id 
_struct_sheet_range.end_auth_comp_id 
_struct_sheet_range.end_auth_asym_id 
_struct_sheet_range.end_auth_seq_id 
A 1 GLY A 114 ? GLU A 117 ? GLY A 109 GLU A 112 
A 2 ALA A 209 ? VAL A 213 ? ALA A 206 VAL A 210 
A 3 VAL A 135 ? VAL A 139 ? VAL A 130 VAL A 134 
A 4 HIS A 162 ? ASN A 170 ? HIS A 159 ASN A 167 
A 5 ALA A 4   ? ASP A 6   ? ALA A 4   ASP A 6   
B 1 GLY A 114 ? GLU A 117 ? GLY A 109 GLU A 112 
B 2 ALA A 209 ? VAL A 213 ? ALA A 206 VAL A 210 
B 3 VAL A 135 ? VAL A 139 ? VAL A 130 VAL A 134 
B 4 HIS A 162 ? ASN A 170 ? HIS A 159 ASN A 167 
B 5 TYR A 177 ? LYS A 181 ? TYR A 170 LYS A 174 
B 6 TYR A 193 ? ALA A 197 ? TYR A 186 ALA A 190 
B 7 VAL A 151 ? MET A 152 ? VAL A 148 MET A 149 
C 1 ALA A 82  ? TYR A 84  ? ALA A 79  TYR A 81  
C 2 VAL A 108 ? THR A 111 ? VAL A 102 THR A 106 
# 
loop_
_pdbx_struct_sheet_hbond.sheet_id 
_pdbx_struct_sheet_hbond.range_id_1 
_pdbx_struct_sheet_hbond.range_id_2 
_pdbx_struct_sheet_hbond.range_1_label_atom_id 
_pdbx_struct_sheet_hbond.range_1_label_comp_id 
_pdbx_struct_sheet_hbond.range_1_label_asym_id 
_pdbx_struct_sheet_hbond.range_1_label_seq_id 
_pdbx_struct_sheet_hbond.range_1_PDB_ins_code 
_pdbx_struct_sheet_hbond.range_1_auth_atom_id 
_pdbx_struct_sheet_hbond.range_1_auth_comp_id 
_pdbx_struct_sheet_hbond.range_1_auth_asym_id 
_pdbx_struct_sheet_hbond.range_1_auth_seq_id 
_pdbx_struct_sheet_hbond.range_2_label_atom_id 
_pdbx_struct_sheet_hbond.range_2_label_comp_id 
_pdbx_struct_sheet_hbond.range_2_label_asym_id 
_pdbx_struct_sheet_hbond.range_2_label_seq_id 
_pdbx_struct_sheet_hbond.range_2_PDB_ins_code 
_pdbx_struct_sheet_hbond.range_2_auth_atom_id 
_pdbx_struct_sheet_hbond.range_2_auth_comp_id 
_pdbx_struct_sheet_hbond.range_2_auth_asym_id 
_pdbx_struct_sheet_hbond.range_2_auth_seq_id 
A 1 2 N VAL A 116 ? N VAL A 111 O SER A 211 ? O SER A 208 
A 2 3 N SER A 210 ? N SER A 207 O ALA A 136 ? O ALA A 131 
A 3 4 N VAL A 139 ? N VAL A 134 O HIS A 162 ? O HIS A 159 
A 4 5 N TYR A 169 ? N TYR A 166 O VAL A 5   ? O VAL A 5   
B 1 2 N VAL A 116 ? N VAL A 111 O SER A 211 ? O SER A 208 
B 2 3 N SER A 210 ? N SER A 207 O ALA A 136 ? O ALA A 131 
B 3 4 N VAL A 139 ? N VAL A 134 O HIS A 162 ? O HIS A 159 
B 4 5 N ASN A 170 ? N ASN A 167 O TYR A 177 ? O TYR A 170 
B 5 6 N ILE A 180 ? N ILE A 173 O ILE A 194 ? O ILE A 187 
B 6 7 N ALA A 197 ? N ALA A 190 O MET A 152 ? O MET A 149 
C 1 2 O VAL A 83  ? O VAL A 80  N GLY A 109 ? N GLY A 103 
# 
_struct_site.id                   AC1 
_struct_site.pdbx_evidence_code   Software 
_struct_site.pdbx_auth_asym_id    A 
_struct_site.pdbx_auth_comp_id    VS3 
_struct_site.pdbx_auth_seq_id     300 
_struct_site.pdbx_auth_ins_code   ? 
_struct_site.pdbx_num_residues    17 
_struct_site.details              'BINDING SITE FOR RESIDUE VS3 A 300' 
# 
loop_
_struct_site_gen.id 
_struct_site_gen.site_id 
_struct_site_gen.pdbx_num_res 
_struct_site_gen.label_comp_id 
_struct_site_gen.label_asym_id 
_struct_site_gen.label_seq_id 
_struct_site_gen.pdbx_auth_ins_code 
_struct_site_gen.auth_comp_id 
_struct_site_gen.auth_asym_id 
_struct_site_gen.auth_seq_id 
_struct_site_gen.label_atom_id 
_struct_site_gen.label_alt_id 
_struct_site_gen.symmetry 
_struct_site_gen.details 
1  AC1 17 GLN A 19  ? GLN A 19  . ? 1_555 ? 
2  AC1 17 GLY A 23  ? GLY A 23  . ? 1_555 ? 
3  AC1 17 CYS A 25  ? CYS A 25  . ? 1_555 ? 
4  AC1 17 TRP A 26  ? TRP A 26  . ? 1_555 ? 
5  AC1 17 SER A 61  ? SER A 61  . ? 1_555 ? 
6  AC1 17 CYS A 63  ? CYS A 63  . ? 1_555 ? 
7  AC1 17 SER A 64  ? SER A 64  . ? 1_555 ? 
8  AC1 17 GLY A 65  ? GLY A 65  . ? 1_555 ? 
9  AC1 17 GLY A 66  ? GLY A 66  . ? 1_555 ? 
10 AC1 17 ALA A 138 ? ALA A 133 . ? 1_555 ? 
11 AC1 17 ALA A 141 ? ALA A 136 . ? 1_555 ? 
12 AC1 17 SER A 142 ? SER A 139 . ? 1_555 ? 
13 AC1 17 MET A 145 ? MET A 142 . ? 1_555 ? 
14 AC1 17 LEU A 160 ? LEU A 157 . ? 1_555 ? 
15 AC1 17 ASP A 161 ? ASP A 158 . ? 1_555 ? 
16 AC1 17 HIS A 162 ? HIS A 159 . ? 1_555 ? 
17 AC1 17 TRP A 184 ? TRP A 177 . ? 1_555 ? 
# 
_pdbx_entry_details.entry_id                   1F2B 
_pdbx_entry_details.compound_details           ? 
_pdbx_entry_details.source_details             ? 
_pdbx_entry_details.nonpolymer_details         ? 
_pdbx_entry_details.sequence_details           ? 
_pdbx_entry_details.has_ligand_of_interest     ? 
_pdbx_entry_details.has_protein_modification   Y 
# 
loop_
_pdbx_validate_torsion.id 
_pdbx_validate_torsion.PDB_model_num 
_pdbx_validate_torsion.auth_comp_id 
_pdbx_validate_torsion.auth_asym_id 
_pdbx_validate_torsion.auth_seq_id 
_pdbx_validate_torsion.PDB_ins_code 
_pdbx_validate_torsion.label_alt_id 
_pdbx_validate_torsion.phi 
_pdbx_validate_torsion.psi 
1 1 ALA A 89  ? ? -141.93 33.09  
2 1 ASP A 158 ? ? -150.86 9.77   
3 1 THR A 178 ? ? 71.47   170.25 
# 
loop_
_chem_comp_atom.comp_id 
_chem_comp_atom.atom_id 
_chem_comp_atom.type_symbol 
_chem_comp_atom.pdbx_aromatic_flag 
_chem_comp_atom.pdbx_stereo_config 
_chem_comp_atom.pdbx_ordinal 
ALA N    N N N 1   
ALA CA   C N S 2   
ALA C    C N N 3   
ALA O    O N N 4   
ALA CB   C N N 5   
ALA OXT  O N N 6   
ALA H    H N N 7   
ALA H2   H N N 8   
ALA HA   H N N 9   
ALA HB1  H N N 10  
ALA HB2  H N N 11  
ALA HB3  H N N 12  
ALA HXT  H N N 13  
ARG N    N N N 14  
ARG CA   C N S 15  
ARG C    C N N 16  
ARG O    O N N 17  
ARG CB   C N N 18  
ARG CG   C N N 19  
ARG CD   C N N 20  
ARG NE   N N N 21  
ARG CZ   C N N 22  
ARG NH1  N N N 23  
ARG NH2  N N N 24  
ARG OXT  O N N 25  
ARG H    H N N 26  
ARG H2   H N N 27  
ARG HA   H N N 28  
ARG HB2  H N N 29  
ARG HB3  H N N 30  
ARG HG2  H N N 31  
ARG HG3  H N N 32  
ARG HD2  H N N 33  
ARG HD3  H N N 34  
ARG HE   H N N 35  
ARG HH11 H N N 36  
ARG HH12 H N N 37  
ARG HH21 H N N 38  
ARG HH22 H N N 39  
ARG HXT  H N N 40  
ASN N    N N N 41  
ASN CA   C N S 42  
ASN C    C N N 43  
ASN O    O N N 44  
ASN CB   C N N 45  
ASN CG   C N N 46  
ASN OD1  O N N 47  
ASN ND2  N N N 48  
ASN OXT  O N N 49  
ASN H    H N N 50  
ASN H2   H N N 51  
ASN HA   H N N 52  
ASN HB2  H N N 53  
ASN HB3  H N N 54  
ASN HD21 H N N 55  
ASN HD22 H N N 56  
ASN HXT  H N N 57  
ASP N    N N N 58  
ASP CA   C N S 59  
ASP C    C N N 60  
ASP O    O N N 61  
ASP CB   C N N 62  
ASP CG   C N N 63  
ASP OD1  O N N 64  
ASP OD2  O N N 65  
ASP OXT  O N N 66  
ASP H    H N N 67  
ASP H2   H N N 68  
ASP HA   H N N 69  
ASP HB2  H N N 70  
ASP HB3  H N N 71  
ASP HD2  H N N 72  
ASP HXT  H N N 73  
CYS N    N N N 74  
CYS CA   C N R 75  
CYS C    C N N 76  
CYS O    O N N 77  
CYS CB   C N N 78  
CYS SG   S N N 79  
CYS OXT  O N N 80  
CYS H    H N N 81  
CYS H2   H N N 82  
CYS HA   H N N 83  
CYS HB2  H N N 84  
CYS HB3  H N N 85  
CYS HG   H N N 86  
CYS HXT  H N N 87  
GLN N    N N N 88  
GLN CA   C N S 89  
GLN C    C N N 90  
GLN O    O N N 91  
GLN CB   C N N 92  
GLN CG   C N N 93  
GLN CD   C N N 94  
GLN OE1  O N N 95  
GLN NE2  N N N 96  
GLN OXT  O N N 97  
GLN H    H N N 98  
GLN H2   H N N 99  
GLN HA   H N N 100 
GLN HB2  H N N 101 
GLN HB3  H N N 102 
GLN HG2  H N N 103 
GLN HG3  H N N 104 
GLN HE21 H N N 105 
GLN HE22 H N N 106 
GLN HXT  H N N 107 
GLU N    N N N 108 
GLU CA   C N S 109 
GLU C    C N N 110 
GLU O    O N N 111 
GLU CB   C N N 112 
GLU CG   C N N 113 
GLU CD   C N N 114 
GLU OE1  O N N 115 
GLU OE2  O N N 116 
GLU OXT  O N N 117 
GLU H    H N N 118 
GLU H2   H N N 119 
GLU HA   H N N 120 
GLU HB2  H N N 121 
GLU HB3  H N N 122 
GLU HG2  H N N 123 
GLU HG3  H N N 124 
GLU HE2  H N N 125 
GLU HXT  H N N 126 
GLY N    N N N 127 
GLY CA   C N N 128 
GLY C    C N N 129 
GLY O    O N N 130 
GLY OXT  O N N 131 
GLY H    H N N 132 
GLY H2   H N N 133 
GLY HA2  H N N 134 
GLY HA3  H N N 135 
GLY HXT  H N N 136 
HIS N    N N N 137 
HIS CA   C N S 138 
HIS C    C N N 139 
HIS O    O N N 140 
HIS CB   C N N 141 
HIS CG   C Y N 142 
HIS ND1  N Y N 143 
HIS CD2  C Y N 144 
HIS CE1  C Y N 145 
HIS NE2  N Y N 146 
HIS OXT  O N N 147 
HIS H    H N N 148 
HIS H2   H N N 149 
HIS HA   H N N 150 
HIS HB2  H N N 151 
HIS HB3  H N N 152 
HIS HD1  H N N 153 
HIS HD2  H N N 154 
HIS HE1  H N N 155 
HIS HE2  H N N 156 
HIS HXT  H N N 157 
HOH O    O N N 158 
HOH H1   H N N 159 
HOH H2   H N N 160 
ILE N    N N N 161 
ILE CA   C N S 162 
ILE C    C N N 163 
ILE O    O N N 164 
ILE CB   C N S 165 
ILE CG1  C N N 166 
ILE CG2  C N N 167 
ILE CD1  C N N 168 
ILE OXT  O N N 169 
ILE H    H N N 170 
ILE H2   H N N 171 
ILE HA   H N N 172 
ILE HB   H N N 173 
ILE HG12 H N N 174 
ILE HG13 H N N 175 
ILE HG21 H N N 176 
ILE HG22 H N N 177 
ILE HG23 H N N 178 
ILE HD11 H N N 179 
ILE HD12 H N N 180 
ILE HD13 H N N 181 
ILE HXT  H N N 182 
LEU N    N N N 183 
LEU CA   C N S 184 
LEU C    C N N 185 
LEU O    O N N 186 
LEU CB   C N N 187 
LEU CG   C N N 188 
LEU CD1  C N N 189 
LEU CD2  C N N 190 
LEU OXT  O N N 191 
LEU H    H N N 192 
LEU H2   H N N 193 
LEU HA   H N N 194 
LEU HB2  H N N 195 
LEU HB3  H N N 196 
LEU HG   H N N 197 
LEU HD11 H N N 198 
LEU HD12 H N N 199 
LEU HD13 H N N 200 
LEU HD21 H N N 201 
LEU HD22 H N N 202 
LEU HD23 H N N 203 
LEU HXT  H N N 204 
LYS N    N N N 205 
LYS CA   C N S 206 
LYS C    C N N 207 
LYS O    O N N 208 
LYS CB   C N N 209 
LYS CG   C N N 210 
LYS CD   C N N 211 
LYS CE   C N N 212 
LYS NZ   N N N 213 
LYS OXT  O N N 214 
LYS H    H N N 215 
LYS H2   H N N 216 
LYS HA   H N N 217 
LYS HB2  H N N 218 
LYS HB3  H N N 219 
LYS HG2  H N N 220 
LYS HG3  H N N 221 
LYS HD2  H N N 222 
LYS HD3  H N N 223 
LYS HE2  H N N 224 
LYS HE3  H N N 225 
LYS HZ1  H N N 226 
LYS HZ2  H N N 227 
LYS HZ3  H N N 228 
LYS HXT  H N N 229 
MET N    N N N 230 
MET CA   C N S 231 
MET C    C N N 232 
MET O    O N N 233 
MET CB   C N N 234 
MET CG   C N N 235 
MET SD   S N N 236 
MET CE   C N N 237 
MET OXT  O N N 238 
MET H    H N N 239 
MET H2   H N N 240 
MET HA   H N N 241 
MET HB2  H N N 242 
MET HB3  H N N 243 
MET HG2  H N N 244 
MET HG3  H N N 245 
MET HE1  H N N 246 
MET HE2  H N N 247 
MET HE3  H N N 248 
MET HXT  H N N 249 
PHE N    N N N 250 
PHE CA   C N S 251 
PHE C    C N N 252 
PHE O    O N N 253 
PHE CB   C N N 254 
PHE CG   C Y N 255 
PHE CD1  C Y N 256 
PHE CD2  C Y N 257 
PHE CE1  C Y N 258 
PHE CE2  C Y N 259 
PHE CZ   C Y N 260 
PHE OXT  O N N 261 
PHE H    H N N 262 
PHE H2   H N N 263 
PHE HA   H N N 264 
PHE HB2  H N N 265 
PHE HB3  H N N 266 
PHE HD1  H N N 267 
PHE HD2  H N N 268 
PHE HE1  H N N 269 
PHE HE2  H N N 270 
PHE HZ   H N N 271 
PHE HXT  H N N 272 
PRO N    N N N 273 
PRO CA   C N S 274 
PRO C    C N N 275 
PRO O    O N N 276 
PRO CB   C N N 277 
PRO CG   C N N 278 
PRO CD   C N N 279 
PRO OXT  O N N 280 
PRO H    H N N 281 
PRO HA   H N N 282 
PRO HB2  H N N 283 
PRO HB3  H N N 284 
PRO HG2  H N N 285 
PRO HG3  H N N 286 
PRO HD2  H N N 287 
PRO HD3  H N N 288 
PRO HXT  H N N 289 
SER N    N N N 290 
SER CA   C N S 291 
SER C    C N N 292 
SER O    O N N 293 
SER CB   C N N 294 
SER OG   O N N 295 
SER OXT  O N N 296 
SER H    H N N 297 
SER H2   H N N 298 
SER HA   H N N 299 
SER HB2  H N N 300 
SER HB3  H N N 301 
SER HG   H N N 302 
SER HXT  H N N 303 
THR N    N N N 304 
THR CA   C N S 305 
THR C    C N N 306 
THR O    O N N 307 
THR CB   C N R 308 
THR OG1  O N N 309 
THR CG2  C N N 310 
THR OXT  O N N 311 
THR H    H N N 312 
THR H2   H N N 313 
THR HA   H N N 314 
THR HB   H N N 315 
THR HG1  H N N 316 
THR HG21 H N N 317 
THR HG22 H N N 318 
THR HG23 H N N 319 
THR HXT  H N N 320 
TRP N    N N N 321 
TRP CA   C N S 322 
TRP C    C N N 323 
TRP O    O N N 324 
TRP CB   C N N 325 
TRP CG   C Y N 326 
TRP CD1  C Y N 327 
TRP CD2  C Y N 328 
TRP NE1  N Y N 329 
TRP CE2  C Y N 330 
TRP CE3  C Y N 331 
TRP CZ2  C Y N 332 
TRP CZ3  C Y N 333 
TRP CH2  C Y N 334 
TRP OXT  O N N 335 
TRP H    H N N 336 
TRP H2   H N N 337 
TRP HA   H N N 338 
TRP HB2  H N N 339 
TRP HB3  H N N 340 
TRP HD1  H N N 341 
TRP HE1  H N N 342 
TRP HE3  H N N 343 
TRP HZ2  H N N 344 
TRP HZ3  H N N 345 
TRP HH2  H N N 346 
TRP HXT  H N N 347 
TYR N    N N N 348 
TYR CA   C N S 349 
TYR C    C N N 350 
TYR O    O N N 351 
TYR CB   C N N 352 
TYR CG   C Y N 353 
TYR CD1  C Y N 354 
TYR CD2  C Y N 355 
TYR CE1  C Y N 356 
TYR CE2  C Y N 357 
TYR CZ   C Y N 358 
TYR OH   O N N 359 
TYR OXT  O N N 360 
TYR H    H N N 361 
TYR H2   H N N 362 
TYR HA   H N N 363 
TYR HB2  H N N 364 
TYR HB3  H N N 365 
TYR HD1  H N N 366 
TYR HD2  H N N 367 
TYR HE1  H N N 368 
TYR HE2  H N N 369 
TYR HH   H N N 370 
TYR HXT  H N N 371 
VAL N    N N N 372 
VAL CA   C N S 373 
VAL C    C N N 374 
VAL O    O N N 375 
VAL CB   C N N 376 
VAL CG1  C N N 377 
VAL CG2  C N N 378 
VAL OXT  O N N 379 
VAL H    H N N 380 
VAL H2   H N N 381 
VAL HA   H N N 382 
VAL HB   H N N 383 
VAL HG11 H N N 384 
VAL HG12 H N N 385 
VAL HG13 H N N 386 
VAL HG21 H N N 387 
VAL HG22 H N N 388 
VAL HG23 H N N 389 
VAL HXT  H N N 390 
VS3 C1   C Y N 391 
VS3 C2   C Y N 392 
VS3 C3   C Y N 393 
VS3 C4   C Y N 394 
VS3 C5   C Y N 395 
VS3 C6   C Y N 396 
VS3 C7   C N N 397 
VS3 O1   O N N 398 
VS3 C8   C N N 399 
VS3 O2   O N N 400 
VS3 N1   N N N 401 
VS3 C9   C N S 402 
VS3 C10  C N N 403 
VS3 C11  C Y N 404 
VS3 C12  C Y N 405 
VS3 C13  C Y N 406 
VS3 C14  C Y N 407 
VS3 C15  C Y N 408 
VS3 C16  C Y N 409 
VS3 C17  C N N 410 
VS3 O3   O N N 411 
VS3 N2   N N N 412 
VS3 C18  C N S 413 
VS3 C19  C N N 414 
VS3 C20  C N N 415 
VS3 C21  C Y N 416 
VS3 C22  C Y N 417 
VS3 C23  C Y N 418 
VS3 C24  C Y N 419 
VS3 C25  C Y N 420 
VS3 C26  C Y N 421 
VS3 C28  C N N 422 
VS3 S1   S N N 423 
VS3 O4   O N N 424 
VS3 O5   O N N 425 
VS3 O29  O N N 426 
VS3 C30  C Y N 427 
VS3 C31  C Y N 428 
VS3 C32  C Y N 429 
VS3 C33  C Y N 430 
VS3 N3   N N N 431 
VS3 O8   O N N 432 
VS3 O9   O N N 433 
VS3 C34  C Y N 434 
VS3 C35  C Y N 435 
VS3 C27  C N N 436 
VS3 H21  H N N 437 
VS3 H31  H N N 438 
VS3 H41  H N N 439 
VS3 H51  H N N 440 
VS3 H61  H N N 441 
VS3 H71  H N N 442 
VS3 H72  H N N 443 
VS3 HN11 H N N 444 
VS3 H91  H N N 445 
VS3 H101 H N N 446 
VS3 H102 H N N 447 
VS3 H121 H N N 448 
VS3 H131 H N N 449 
VS3 H141 H N N 450 
VS3 H151 H N N 451 
VS3 H161 H N N 452 
VS3 HN21 H N N 453 
VS3 H181 H N N 454 
VS3 H191 H N N 455 
VS3 H192 H N N 456 
VS3 H201 H N N 457 
VS3 H202 H N N 458 
VS3 H221 H N N 459 
VS3 H231 H N N 460 
VS3 H241 H N N 461 
VS3 H251 H N N 462 
VS3 H261 H N N 463 
VS3 H281 H N N 464 
VS3 H282 H N N 465 
VS3 H311 H N N 466 
VS3 H321 H N N 467 
VS3 H341 H N N 468 
VS3 H351 H N N 469 
VS3 H271 H N N 470 
VS3 H272 H N N 471 
# 
loop_
_chem_comp_bond.comp_id 
_chem_comp_bond.atom_id_1 
_chem_comp_bond.atom_id_2 
_chem_comp_bond.value_order 
_chem_comp_bond.pdbx_aromatic_flag 
_chem_comp_bond.pdbx_stereo_config 
_chem_comp_bond.pdbx_ordinal 
ALA N   CA   sing N N 1   
ALA N   H    sing N N 2   
ALA N   H2   sing N N 3   
ALA CA  C    sing N N 4   
ALA CA  CB   sing N N 5   
ALA CA  HA   sing N N 6   
ALA C   O    doub N N 7   
ALA C   OXT  sing N N 8   
ALA CB  HB1  sing N N 9   
ALA CB  HB2  sing N N 10  
ALA CB  HB3  sing N N 11  
ALA OXT HXT  sing N N 12  
ARG N   CA   sing N N 13  
ARG N   H    sing N N 14  
ARG N   H2   sing N N 15  
ARG CA  C    sing N N 16  
ARG CA  CB   sing N N 17  
ARG CA  HA   sing N N 18  
ARG C   O    doub N N 19  
ARG C   OXT  sing N N 20  
ARG CB  CG   sing N N 21  
ARG CB  HB2  sing N N 22  
ARG CB  HB3  sing N N 23  
ARG CG  CD   sing N N 24  
ARG CG  HG2  sing N N 25  
ARG CG  HG3  sing N N 26  
ARG CD  NE   sing N N 27  
ARG CD  HD2  sing N N 28  
ARG CD  HD3  sing N N 29  
ARG NE  CZ   sing N N 30  
ARG NE  HE   sing N N 31  
ARG CZ  NH1  sing N N 32  
ARG CZ  NH2  doub N N 33  
ARG NH1 HH11 sing N N 34  
ARG NH1 HH12 sing N N 35  
ARG NH2 HH21 sing N N 36  
ARG NH2 HH22 sing N N 37  
ARG OXT HXT  sing N N 38  
ASN N   CA   sing N N 39  
ASN N   H    sing N N 40  
ASN N   H2   sing N N 41  
ASN CA  C    sing N N 42  
ASN CA  CB   sing N N 43  
ASN CA  HA   sing N N 44  
ASN C   O    doub N N 45  
ASN C   OXT  sing N N 46  
ASN CB  CG   sing N N 47  
ASN CB  HB2  sing N N 48  
ASN CB  HB3  sing N N 49  
ASN CG  OD1  doub N N 50  
ASN CG  ND2  sing N N 51  
ASN ND2 HD21 sing N N 52  
ASN ND2 HD22 sing N N 53  
ASN OXT HXT  sing N N 54  
ASP N   CA   sing N N 55  
ASP N   H    sing N N 56  
ASP N   H2   sing N N 57  
ASP CA  C    sing N N 58  
ASP CA  CB   sing N N 59  
ASP CA  HA   sing N N 60  
ASP C   O    doub N N 61  
ASP C   OXT  sing N N 62  
ASP CB  CG   sing N N 63  
ASP CB  HB2  sing N N 64  
ASP CB  HB3  sing N N 65  
ASP CG  OD1  doub N N 66  
ASP CG  OD2  sing N N 67  
ASP OD2 HD2  sing N N 68  
ASP OXT HXT  sing N N 69  
CYS N   CA   sing N N 70  
CYS N   H    sing N N 71  
CYS N   H2   sing N N 72  
CYS CA  C    sing N N 73  
CYS CA  CB   sing N N 74  
CYS CA  HA   sing N N 75  
CYS C   O    doub N N 76  
CYS C   OXT  sing N N 77  
CYS CB  SG   sing N N 78  
CYS CB  HB2  sing N N 79  
CYS CB  HB3  sing N N 80  
CYS SG  HG   sing N N 81  
CYS OXT HXT  sing N N 82  
GLN N   CA   sing N N 83  
GLN N   H    sing N N 84  
GLN N   H2   sing N N 85  
GLN CA  C    sing N N 86  
GLN CA  CB   sing N N 87  
GLN CA  HA   sing N N 88  
GLN C   O    doub N N 89  
GLN C   OXT  sing N N 90  
GLN CB  CG   sing N N 91  
GLN CB  HB2  sing N N 92  
GLN CB  HB3  sing N N 93  
GLN CG  CD   sing N N 94  
GLN CG  HG2  sing N N 95  
GLN CG  HG3  sing N N 96  
GLN CD  OE1  doub N N 97  
GLN CD  NE2  sing N N 98  
GLN NE2 HE21 sing N N 99  
GLN NE2 HE22 sing N N 100 
GLN OXT HXT  sing N N 101 
GLU N   CA   sing N N 102 
GLU N   H    sing N N 103 
GLU N   H2   sing N N 104 
GLU CA  C    sing N N 105 
GLU CA  CB   sing N N 106 
GLU CA  HA   sing N N 107 
GLU C   O    doub N N 108 
GLU C   OXT  sing N N 109 
GLU CB  CG   sing N N 110 
GLU CB  HB2  sing N N 111 
GLU CB  HB3  sing N N 112 
GLU CG  CD   sing N N 113 
GLU CG  HG2  sing N N 114 
GLU CG  HG3  sing N N 115 
GLU CD  OE1  doub N N 116 
GLU CD  OE2  sing N N 117 
GLU OE2 HE2  sing N N 118 
GLU OXT HXT  sing N N 119 
GLY N   CA   sing N N 120 
GLY N   H    sing N N 121 
GLY N   H2   sing N N 122 
GLY CA  C    sing N N 123 
GLY CA  HA2  sing N N 124 
GLY CA  HA3  sing N N 125 
GLY C   O    doub N N 126 
GLY C   OXT  sing N N 127 
GLY OXT HXT  sing N N 128 
HIS N   CA   sing N N 129 
HIS N   H    sing N N 130 
HIS N   H2   sing N N 131 
HIS CA  C    sing N N 132 
HIS CA  CB   sing N N 133 
HIS CA  HA   sing N N 134 
HIS C   O    doub N N 135 
HIS C   OXT  sing N N 136 
HIS CB  CG   sing N N 137 
HIS CB  HB2  sing N N 138 
HIS CB  HB3  sing N N 139 
HIS CG  ND1  sing Y N 140 
HIS CG  CD2  doub Y N 141 
HIS ND1 CE1  doub Y N 142 
HIS ND1 HD1  sing N N 143 
HIS CD2 NE2  sing Y N 144 
HIS CD2 HD2  sing N N 145 
HIS CE1 NE2  sing Y N 146 
HIS CE1 HE1  sing N N 147 
HIS NE2 HE2  sing N N 148 
HIS OXT HXT  sing N N 149 
HOH O   H1   sing N N 150 
HOH O   H2   sing N N 151 
ILE N   CA   sing N N 152 
ILE N   H    sing N N 153 
ILE N   H2   sing N N 154 
ILE CA  C    sing N N 155 
ILE CA  CB   sing N N 156 
ILE CA  HA   sing N N 157 
ILE C   O    doub N N 158 
ILE C   OXT  sing N N 159 
ILE CB  CG1  sing N N 160 
ILE CB  CG2  sing N N 161 
ILE CB  HB   sing N N 162 
ILE CG1 CD1  sing N N 163 
ILE CG1 HG12 sing N N 164 
ILE CG1 HG13 sing N N 165 
ILE CG2 HG21 sing N N 166 
ILE CG2 HG22 sing N N 167 
ILE CG2 HG23 sing N N 168 
ILE CD1 HD11 sing N N 169 
ILE CD1 HD12 sing N N 170 
ILE CD1 HD13 sing N N 171 
ILE OXT HXT  sing N N 172 
LEU N   CA   sing N N 173 
LEU N   H    sing N N 174 
LEU N   H2   sing N N 175 
LEU CA  C    sing N N 176 
LEU CA  CB   sing N N 177 
LEU CA  HA   sing N N 178 
LEU C   O    doub N N 179 
LEU C   OXT  sing N N 180 
LEU CB  CG   sing N N 181 
LEU CB  HB2  sing N N 182 
LEU CB  HB3  sing N N 183 
LEU CG  CD1  sing N N 184 
LEU CG  CD2  sing N N 185 
LEU CG  HG   sing N N 186 
LEU CD1 HD11 sing N N 187 
LEU CD1 HD12 sing N N 188 
LEU CD1 HD13 sing N N 189 
LEU CD2 HD21 sing N N 190 
LEU CD2 HD22 sing N N 191 
LEU CD2 HD23 sing N N 192 
LEU OXT HXT  sing N N 193 
LYS N   CA   sing N N 194 
LYS N   H    sing N N 195 
LYS N   H2   sing N N 196 
LYS CA  C    sing N N 197 
LYS CA  CB   sing N N 198 
LYS CA  HA   sing N N 199 
LYS C   O    doub N N 200 
LYS C   OXT  sing N N 201 
LYS CB  CG   sing N N 202 
LYS CB  HB2  sing N N 203 
LYS CB  HB3  sing N N 204 
LYS CG  CD   sing N N 205 
LYS CG  HG2  sing N N 206 
LYS CG  HG3  sing N N 207 
LYS CD  CE   sing N N 208 
LYS CD  HD2  sing N N 209 
LYS CD  HD3  sing N N 210 
LYS CE  NZ   sing N N 211 
LYS CE  HE2  sing N N 212 
LYS CE  HE3  sing N N 213 
LYS NZ  HZ1  sing N N 214 
LYS NZ  HZ2  sing N N 215 
LYS NZ  HZ3  sing N N 216 
LYS OXT HXT  sing N N 217 
MET N   CA   sing N N 218 
MET N   H    sing N N 219 
MET N   H2   sing N N 220 
MET CA  C    sing N N 221 
MET CA  CB   sing N N 222 
MET CA  HA   sing N N 223 
MET C   O    doub N N 224 
MET C   OXT  sing N N 225 
MET CB  CG   sing N N 226 
MET CB  HB2  sing N N 227 
MET CB  HB3  sing N N 228 
MET CG  SD   sing N N 229 
MET CG  HG2  sing N N 230 
MET CG  HG3  sing N N 231 
MET SD  CE   sing N N 232 
MET CE  HE1  sing N N 233 
MET CE  HE2  sing N N 234 
MET CE  HE3  sing N N 235 
MET OXT HXT  sing N N 236 
PHE N   CA   sing N N 237 
PHE N   H    sing N N 238 
PHE N   H2   sing N N 239 
PHE CA  C    sing N N 240 
PHE CA  CB   sing N N 241 
PHE CA  HA   sing N N 242 
PHE C   O    doub N N 243 
PHE C   OXT  sing N N 244 
PHE CB  CG   sing N N 245 
PHE CB  HB2  sing N N 246 
PHE CB  HB3  sing N N 247 
PHE CG  CD1  doub Y N 248 
PHE CG  CD2  sing Y N 249 
PHE CD1 CE1  sing Y N 250 
PHE CD1 HD1  sing N N 251 
PHE CD2 CE2  doub Y N 252 
PHE CD2 HD2  sing N N 253 
PHE CE1 CZ   doub Y N 254 
PHE CE1 HE1  sing N N 255 
PHE CE2 CZ   sing Y N 256 
PHE CE2 HE2  sing N N 257 
PHE CZ  HZ   sing N N 258 
PHE OXT HXT  sing N N 259 
PRO N   CA   sing N N 260 
PRO N   CD   sing N N 261 
PRO N   H    sing N N 262 
PRO CA  C    sing N N 263 
PRO CA  CB   sing N N 264 
PRO CA  HA   sing N N 265 
PRO C   O    doub N N 266 
PRO C   OXT  sing N N 267 
PRO CB  CG   sing N N 268 
PRO CB  HB2  sing N N 269 
PRO CB  HB3  sing N N 270 
PRO CG  CD   sing N N 271 
PRO CG  HG2  sing N N 272 
PRO CG  HG3  sing N N 273 
PRO CD  HD2  sing N N 274 
PRO CD  HD3  sing N N 275 
PRO OXT HXT  sing N N 276 
SER N   CA   sing N N 277 
SER N   H    sing N N 278 
SER N   H2   sing N N 279 
SER CA  C    sing N N 280 
SER CA  CB   sing N N 281 
SER CA  HA   sing N N 282 
SER C   O    doub N N 283 
SER C   OXT  sing N N 284 
SER CB  OG   sing N N 285 
SER CB  HB2  sing N N 286 
SER CB  HB3  sing N N 287 
SER OG  HG   sing N N 288 
SER OXT HXT  sing N N 289 
THR N   CA   sing N N 290 
THR N   H    sing N N 291 
THR N   H2   sing N N 292 
THR CA  C    sing N N 293 
THR CA  CB   sing N N 294 
THR CA  HA   sing N N 295 
THR C   O    doub N N 296 
THR C   OXT  sing N N 297 
THR CB  OG1  sing N N 298 
THR CB  CG2  sing N N 299 
THR CB  HB   sing N N 300 
THR OG1 HG1  sing N N 301 
THR CG2 HG21 sing N N 302 
THR CG2 HG22 sing N N 303 
THR CG2 HG23 sing N N 304 
THR OXT HXT  sing N N 305 
TRP N   CA   sing N N 306 
TRP N   H    sing N N 307 
TRP N   H2   sing N N 308 
TRP CA  C    sing N N 309 
TRP CA  CB   sing N N 310 
TRP CA  HA   sing N N 311 
TRP C   O    doub N N 312 
TRP C   OXT  sing N N 313 
TRP CB  CG   sing N N 314 
TRP CB  HB2  sing N N 315 
TRP CB  HB3  sing N N 316 
TRP CG  CD1  doub Y N 317 
TRP CG  CD2  sing Y N 318 
TRP CD1 NE1  sing Y N 319 
TRP CD1 HD1  sing N N 320 
TRP CD2 CE2  doub Y N 321 
TRP CD2 CE3  sing Y N 322 
TRP NE1 CE2  sing Y N 323 
TRP NE1 HE1  sing N N 324 
TRP CE2 CZ2  sing Y N 325 
TRP CE3 CZ3  doub Y N 326 
TRP CE3 HE3  sing N N 327 
TRP CZ2 CH2  doub Y N 328 
TRP CZ2 HZ2  sing N N 329 
TRP CZ3 CH2  sing Y N 330 
TRP CZ3 HZ3  sing N N 331 
TRP CH2 HH2  sing N N 332 
TRP OXT HXT  sing N N 333 
TYR N   CA   sing N N 334 
TYR N   H    sing N N 335 
TYR N   H2   sing N N 336 
TYR CA  C    sing N N 337 
TYR CA  CB   sing N N 338 
TYR CA  HA   sing N N 339 
TYR C   O    doub N N 340 
TYR C   OXT  sing N N 341 
TYR CB  CG   sing N N 342 
TYR CB  HB2  sing N N 343 
TYR CB  HB3  sing N N 344 
TYR CG  CD1  doub Y N 345 
TYR CG  CD2  sing Y N 346 
TYR CD1 CE1  sing Y N 347 
TYR CD1 HD1  sing N N 348 
TYR CD2 CE2  doub Y N 349 
TYR CD2 HD2  sing N N 350 
TYR CE1 CZ   doub Y N 351 
TYR CE1 HE1  sing N N 352 
TYR CE2 CZ   sing Y N 353 
TYR CE2 HE2  sing N N 354 
TYR CZ  OH   sing N N 355 
TYR OH  HH   sing N N 356 
TYR OXT HXT  sing N N 357 
VAL N   CA   sing N N 358 
VAL N   H    sing N N 359 
VAL N   H2   sing N N 360 
VAL CA  C    sing N N 361 
VAL CA  CB   sing N N 362 
VAL CA  HA   sing N N 363 
VAL C   O    doub N N 364 
VAL C   OXT  sing N N 365 
VAL CB  CG1  sing N N 366 
VAL CB  CG2  sing N N 367 
VAL CB  HB   sing N N 368 
VAL CG1 HG11 sing N N 369 
VAL CG1 HG12 sing N N 370 
VAL CG1 HG13 sing N N 371 
VAL CG2 HG21 sing N N 372 
VAL CG2 HG22 sing N N 373 
VAL CG2 HG23 sing N N 374 
VAL OXT HXT  sing N N 375 
VS3 C1  C2   doub Y N 376 
VS3 C1  C6   sing Y N 377 
VS3 C1  C7   sing N N 378 
VS3 C2  C3   sing Y N 379 
VS3 C2  H21  sing N N 380 
VS3 C3  C4   doub Y N 381 
VS3 C3  H31  sing N N 382 
VS3 C4  C5   sing Y N 383 
VS3 C4  H41  sing N N 384 
VS3 C5  C6   doub Y N 385 
VS3 C5  H51  sing N N 386 
VS3 C6  H61  sing N N 387 
VS3 C7  O1   sing N N 388 
VS3 C7  H71  sing N N 389 
VS3 C7  H72  sing N N 390 
VS3 O1  C8   sing N N 391 
VS3 C8  O2   doub N N 392 
VS3 C8  N1   sing N N 393 
VS3 N1  C9   sing N N 394 
VS3 N1  HN11 sing N N 395 
VS3 C9  C10  sing N N 396 
VS3 C9  C17  sing N N 397 
VS3 C9  H91  sing N N 398 
VS3 C10 C11  sing N N 399 
VS3 C10 H101 sing N N 400 
VS3 C10 H102 sing N N 401 
VS3 C11 C12  doub Y N 402 
VS3 C11 C16  sing Y N 403 
VS3 C12 C13  sing Y N 404 
VS3 C12 H121 sing N N 405 
VS3 C13 C14  doub Y N 406 
VS3 C13 H131 sing N N 407 
VS3 C14 C15  sing Y N 408 
VS3 C14 H141 sing N N 409 
VS3 C15 C16  doub Y N 410 
VS3 C15 H151 sing N N 411 
VS3 C16 H161 sing N N 412 
VS3 C17 O3   doub N N 413 
VS3 C17 N2   sing N N 414 
VS3 N2  C18  sing N N 415 
VS3 N2  HN21 sing N N 416 
VS3 C18 C19  sing N N 417 
VS3 C18 C27  sing N N 418 
VS3 C18 H181 sing N N 419 
VS3 C19 C20  sing N N 420 
VS3 C19 H191 sing N N 421 
VS3 C19 H192 sing N N 422 
VS3 C20 C21  sing N N 423 
VS3 C20 H201 sing N N 424 
VS3 C20 H202 sing N N 425 
VS3 C21 C22  doub Y N 426 
VS3 C21 C26  sing Y N 427 
VS3 C22 C23  sing Y N 428 
VS3 C22 H221 sing N N 429 
VS3 C23 C24  doub Y N 430 
VS3 C23 H231 sing N N 431 
VS3 C24 C25  sing Y N 432 
VS3 C24 H241 sing N N 433 
VS3 C25 C26  doub Y N 434 
VS3 C25 H251 sing N N 435 
VS3 C26 H261 sing N N 436 
VS3 C28 S1   sing N N 437 
VS3 C28 C27  sing N N 438 
VS3 C28 H281 sing N N 439 
VS3 C28 H282 sing N N 440 
VS3 S1  O4   doub N N 441 
VS3 S1  O5   doub N N 442 
VS3 S1  O29  sing N N 443 
VS3 O29 C30  sing N N 444 
VS3 C30 C31  doub Y N 445 
VS3 C30 C35  sing Y N 446 
VS3 C31 C32  sing Y N 447 
VS3 C31 H311 sing N N 448 
VS3 C32 C33  doub Y N 449 
VS3 C32 H321 sing N N 450 
VS3 C33 N3   sing N N 451 
VS3 C33 C34  sing Y N 452 
VS3 N3  O8   doub N N 453 
VS3 N3  O9   sing N N 454 
VS3 C34 C35  doub Y N 455 
VS3 C34 H341 sing N N 456 
VS3 C35 H351 sing N N 457 
VS3 C27 H271 sing N N 458 
VS3 C27 H272 sing N N 459 
# 
_atom_sites.entry_id                    1F2B 
_atom_sites.fract_transf_matrix[1][1]   -0.00400120 
_atom_sites.fract_transf_matrix[1][2]   0.02357337 
_atom_sites.fract_transf_matrix[1][3]   0.00604233 
_atom_sites.fract_transf_matrix[2][1]   0.01886784 
_atom_sites.fract_transf_matrix[2][2]   0.00391607 
_atom_sites.fract_transf_matrix[2][3]   -0.00278386 
_atom_sites.fract_transf_matrix[3][1]   -0.00583130 
_atom_sites.fract_transf_matrix[3][2]   0.01501198 
_atom_sites.fract_transf_matrix[3][3]   -0.01840468 
_atom_sites.fract_transf_vector[1]      0.212831 
_atom_sites.fract_transf_vector[2]      0.000382 
_atom_sites.fract_transf_vector[3]      0.246416 
# 
loop_
_atom_type.symbol 
C 
N 
O 
S 
# 
loop_
_atom_site.group_PDB 
_atom_site.id 
_atom_site.type_symbol 
_atom_site.label_atom_id 
_atom_site.label_alt_id 
_atom_site.label_comp_id 
_atom_site.label_asym_id 
_atom_site.label_entity_id 
_atom_site.label_seq_id 
_atom_site.pdbx_PDB_ins_code 
_atom_site.Cartn_x 
_atom_site.Cartn_y 
_atom_site.Cartn_z 
_atom_site.occupancy 
_atom_site.B_iso_or_equiv 
_atom_site.pdbx_formal_charge 
_atom_site.auth_seq_id 
_atom_site.auth_comp_id 
_atom_site.auth_asym_id 
_atom_site.auth_atom_id 
_atom_site.pdbx_PDB_model_num 
ATOM   1    N N   . ALA A 1 1   ? 18.797  7.180   11.445  1.00 30.26 ? 1   ALA A N   1 
ATOM   2    C CA  . ALA A 1 1   ? 18.211  7.214   10.073  1.00 28.79 ? 1   ALA A CA  1 
ATOM   3    C C   . ALA A 1 1   ? 18.153  8.659   9.579   1.00 27.74 ? 1   ALA A C   1 
ATOM   4    O O   . ALA A 1 1   ? 18.322  9.593   10.366  1.00 28.15 ? 1   ALA A O   1 
ATOM   5    C CB  . ALA A 1 1   ? 16.810  6.603   10.097  1.00 29.31 ? 1   ALA A CB  1 
ATOM   6    N N   . PRO A 1 2   ? 17.946  8.861   8.263   1.00 24.12 ? 2   PRO A N   1 
ATOM   7    C CA  . PRO A 1 2   ? 17.863  10.205  7.673   1.00 23.40 ? 2   PRO A CA  1 
ATOM   8    C C   . PRO A 1 2   ? 16.782  11.060  8.345   1.00 21.60 ? 2   PRO A C   1 
ATOM   9    O O   . PRO A 1 2   ? 15.826  10.526  8.906   1.00 19.25 ? 2   PRO A O   1 
ATOM   10   C CB  . PRO A 1 2   ? 17.506  9.908   6.218   1.00 23.78 ? 2   PRO A CB  1 
ATOM   11   C CG  . PRO A 1 2   ? 18.205  8.613   5.969   1.00 24.58 ? 2   PRO A CG  1 
ATOM   12   C CD  . PRO A 1 2   ? 17.883  7.828   7.213   1.00 24.97 ? 2   PRO A CD  1 
ATOM   13   N N   . ALA A 1 3   ? 16.939  12.381  8.289   1.00 19.46 ? 3   ALA A N   1 
ATOM   14   C CA  . ALA A 1 3   ? 15.972  13.298  8.900   1.00 19.01 ? 3   ALA A CA  1 
ATOM   15   C C   . ALA A 1 3   ? 14.624  13.272  8.193   1.00 19.03 ? 3   ALA A C   1 
ATOM   16   O O   . ALA A 1 3   ? 13.583  13.414  8.822   1.00 18.94 ? 3   ALA A O   1 
ATOM   17   C CB  . ALA A 1 3   ? 16.520  14.721  8.915   1.00 17.31 ? 3   ALA A CB  1 
ATOM   18   N N   . ALA A 1 4   ? 14.648  13.077  6.881   1.00 16.32 ? 4   ALA A N   1 
ATOM   19   C CA  . ALA A 1 4   ? 13.424  13.053  6.104   1.00 16.22 ? 4   ALA A CA  1 
ATOM   20   C C   . ALA A 1 4   ? 13.636  12.212  4.862   1.00 15.76 ? 4   ALA A C   1 
ATOM   21   O O   . ALA A 1 4   ? 14.728  12.204  4.298   1.00 16.43 ? 4   ALA A O   1 
ATOM   22   C CB  . ALA A 1 4   ? 13.030  14.474  5.719   1.00 14.21 ? 4   ALA A CB  1 
ATOM   23   N N   . VAL A 1 5   ? 12.606  11.470  4.467   1.00 14.35 ? 5   VAL A N   1 
ATOM   24   C CA  . VAL A 1 5   ? 12.661  10.626  3.277   1.00 13.44 ? 5   VAL A CA  1 
ATOM   25   C C   . VAL A 1 5   ? 11.317  10.672  2.569   1.00 11.98 ? 5   VAL A C   1 
ATOM   26   O O   . VAL A 1 5   ? 10.267  10.611  3.211   1.00 13.16 ? 5   VAL A O   1 
ATOM   27   C CB  . VAL A 1 5   ? 12.977  9.146   3.626   1.00 15.63 ? 5   VAL A CB  1 
ATOM   28   C CG1 . VAL A 1 5   ? 12.983  8.288   2.365   1.00 16.26 ? 5   VAL A CG1 1 
ATOM   29   C CG2 . VAL A 1 5   ? 14.317  9.041   4.323   1.00 18.48 ? 5   VAL A CG2 1 
ATOM   30   N N   . ASP A 1 6   ? 11.347  10.840  1.253   1.00 9.01  ? 6   ASP A N   1 
ATOM   31   C CA  . ASP A 1 6   ? 10.122  10.864  0.465   1.00 12.31 ? 6   ASP A CA  1 
ATOM   32   C C   . ASP A 1 6   ? 10.423  10.153  -0.844  1.00 12.58 ? 6   ASP A C   1 
ATOM   33   O O   . ASP A 1 6   ? 11.050  10.716  -1.742  1.00 11.58 ? 6   ASP A O   1 
ATOM   34   C CB  . ASP A 1 6   ? 9.643   12.296  0.204   1.00 10.99 ? 6   ASP A CB  1 
ATOM   35   C CG  . ASP A 1 6   ? 8.303   12.350  -0.526  1.00 16.07 ? 6   ASP A CG  1 
ATOM   36   O OD1 . ASP A 1 6   ? 7.782   13.459  -0.738  1.00 14.46 ? 6   ASP A OD1 1 
ATOM   37   O OD2 . ASP A 1 6   ? 7.755   11.295  -0.901  1.00 18.91 ? 6   ASP A OD2 1 
ATOM   38   N N   . TRP A 1 7   ? 9.961   8.912   -0.939  1.00 12.01 ? 7   TRP A N   1 
ATOM   39   C CA  . TRP A 1 7   ? 10.187  8.093   -2.120  1.00 11.34 ? 7   TRP A CA  1 
ATOM   40   C C   . TRP A 1 7   ? 9.583   8.616   -3.416  1.00 12.52 ? 7   TRP A C   1 
ATOM   41   O O   . TRP A 1 7   ? 9.976   8.181   -4.498  1.00 11.06 ? 7   TRP A O   1 
ATOM   42   C CB  . TRP A 1 7   ? 9.776   6.648   -1.842  1.00 10.66 ? 7   TRP A CB  1 
ATOM   43   C CG  . TRP A 1 7   ? 10.763  5.974   -0.936  1.00 8.87  ? 7   TRP A CG  1 
ATOM   44   C CD1 . TRP A 1 7   ? 10.599  5.682   0.386   1.00 7.42  ? 7   TRP A CD1 1 
ATOM   45   C CD2 . TRP A 1 7   ? 12.085  5.547   -1.285  1.00 9.39  ? 7   TRP A CD2 1 
ATOM   46   N NE1 . TRP A 1 7   ? 11.740  5.101   0.886   1.00 7.54  ? 7   TRP A NE1 1 
ATOM   47   C CE2 . TRP A 1 7   ? 12.669  5.004   -0.117  1.00 8.61  ? 7   TRP A CE2 1 
ATOM   48   C CE3 . TRP A 1 7   ? 12.835  5.568   -2.467  1.00 10.80 ? 7   TRP A CE3 1 
ATOM   49   C CZ2 . TRP A 1 7   ? 13.968  4.487   -0.100  1.00 8.61  ? 7   TRP A CZ2 1 
ATOM   50   C CZ3 . TRP A 1 7   ? 14.125  5.052   -2.453  1.00 11.42 ? 7   TRP A CZ3 1 
ATOM   51   C CH2 . TRP A 1 7   ? 14.678  4.517   -1.274  1.00 9.76  ? 7   TRP A CH2 1 
ATOM   52   N N   . ARG A 1 8   ? 8.646   9.556   -3.312  1.00 11.40 ? 8   ARG A N   1 
ATOM   53   C CA  . ARG A 1 8   ? 8.050   10.145  -4.509  1.00 14.91 ? 8   ARG A CA  1 
ATOM   54   C C   . ARG A 1 8   ? 9.114   10.998  -5.195  1.00 17.51 ? 8   ARG A C   1 
ATOM   55   O O   . ARG A 1 8   ? 9.090   11.173  -6.409  1.00 20.45 ? 8   ARG A O   1 
ATOM   56   C CB  . ARG A 1 8   ? 6.847   11.014  -4.153  1.00 13.68 ? 8   ARG A CB  1 
ATOM   57   C CG  . ARG A 1 8   ? 5.718   10.257  -3.507  1.00 13.75 ? 8   ARG A CG  1 
ATOM   58   C CD  . ARG A 1 8   ? 4.632   11.210  -3.062  1.00 15.41 ? 8   ARG A CD  1 
ATOM   59   N NE  . ARG A 1 8   ? 5.124   12.150  -2.063  1.00 15.80 ? 8   ARG A NE  1 
ATOM   60   C CZ  . ARG A 1 8   ? 4.389   13.118  -1.527  1.00 17.12 ? 8   ARG A CZ  1 
ATOM   61   N NH1 . ARG A 1 8   ? 3.128   13.273  -1.897  1.00 16.82 ? 8   ARG A NH1 1 
ATOM   62   N NH2 . ARG A 1 8   ? 4.915   13.929  -0.622  1.00 18.20 ? 8   ARG A NH2 1 
ATOM   63   N N   . ALA A 1 9   ? 10.060  11.507  -4.408  1.00 18.25 ? 9   ALA A N   1 
ATOM   64   C CA  . ALA A 1 9   ? 11.147  12.332  -4.930  1.00 19.18 ? 9   ALA A CA  1 
ATOM   65   C C   . ALA A 1 9   ? 12.134  11.525  -5.783  1.00 21.33 ? 9   ALA A C   1 
ATOM   66   O O   . ALA A 1 9   ? 12.842  12.089  -6.619  1.00 20.33 ? 9   ALA A O   1 
ATOM   67   C CB  . ALA A 1 9   ? 11.881  13.026  -3.785  1.00 17.89 ? 9   ALA A CB  1 
ATOM   68   N N   . ARG A 1 10  ? 12.196  10.212  -5.554  1.00 20.93 ? 10  ARG A N   1 
ATOM   69   C CA  . ARG A 1 10  ? 13.090  9.342   -6.316  1.00 20.67 ? 10  ARG A CA  1 
ATOM   70   C C   . ARG A 1 10  ? 12.374  8.644   -7.478  1.00 19.36 ? 10  ARG A C   1 
ATOM   71   O O   . ARG A 1 10  ? 12.945  7.765   -8.123  1.00 21.06 ? 10  ARG A O   1 
ATOM   72   C CB  . ARG A 1 10  ? 13.747  8.291   -5.409  1.00 23.71 ? 10  ARG A CB  1 
ATOM   73   C CG  . ARG A 1 10  ? 14.655  8.841   -4.306  1.00 29.78 ? 10  ARG A CG  1 
ATOM   74   C CD  . ARG A 1 10  ? 13.846  9.254   -3.082  1.00 33.89 ? 10  ARG A CD  1 
ATOM   75   N NE  . ARG A 1 10  ? 14.658  9.595   -1.908  1.00 38.04 ? 10  ARG A NE  1 
ATOM   76   C CZ  . ARG A 1 10  ? 15.436  8.745   -1.240  1.00 38.05 ? 10  ARG A CZ  1 
ATOM   77   N NH1 . ARG A 1 10  ? 15.540  7.481   -1.622  1.00 42.00 ? 10  ARG A NH1 1 
ATOM   78   N NH2 . ARG A 1 10  ? 16.074  9.142   -0.149  1.00 36.86 ? 10  ARG A NH2 1 
ATOM   79   N N   . GLY A 1 11  ? 11.133  9.050   -7.744  1.00 16.66 ? 11  GLY A N   1 
ATOM   80   C CA  . GLY A 1 11  ? 10.349  8.465   -8.820  1.00 19.97 ? 11  GLY A CA  1 
ATOM   81   C C   . GLY A 1 11  ? 9.955   7.013   -8.588  1.00 19.99 ? 11  GLY A C   1 
ATOM   82   O O   . GLY A 1 11  ? 9.670   6.276   -9.533  1.00 21.07 ? 11  GLY A O   1 
ATOM   83   N N   . ALA A 1 12  ? 9.869   6.621   -7.322  1.00 19.11 ? 12  ALA A N   1 
ATOM   84   C CA  . ALA A 1 12  ? 9.541   5.248   -6.959  1.00 16.23 ? 12  ALA A CA  1 
ATOM   85   C C   . ALA A 1 12  ? 8.064   4.934   -6.714  1.00 17.49 ? 12  ALA A C   1 
ATOM   86   O O   . ALA A 1 12  ? 7.710   3.770   -6.507  1.00 17.21 ? 12  ALA A O   1 
ATOM   87   C CB  . ALA A 1 12  ? 10.363  4.840   -5.745  1.00 13.82 ? 12  ALA A CB  1 
ATOM   88   N N   . VAL A 1 13  ? 7.200   5.948   -6.763  1.00 15.56 ? 13  VAL A N   1 
ATOM   89   C CA  . VAL A 1 13  ? 5.773   5.752   -6.500  1.00 12.44 ? 13  VAL A CA  1 
ATOM   90   C C   . VAL A 1 13  ? 4.881   6.068   -7.701  1.00 15.38 ? 13  VAL A C   1 
ATOM   91   O O   . VAL A 1 13  ? 5.043   7.103   -8.346  1.00 16.30 ? 13  VAL A O   1 
ATOM   92   C CB  . VAL A 1 13  ? 5.319   6.621   -5.293  1.00 13.45 ? 13  VAL A CB  1 
ATOM   93   C CG1 . VAL A 1 13  ? 3.872   6.324   -4.912  1.00 12.23 ? 13  VAL A CG1 1 
ATOM   94   C CG2 . VAL A 1 13  ? 6.235   6.381   -4.105  1.00 14.21 ? 13  VAL A CG2 1 
ATOM   95   N N   . THR A 1 14  ? 3.936   5.175   -7.994  1.00 11.69 ? 14  THR A N   1 
ATOM   96   C CA  . THR A 1 14  ? 3.008   5.378   -9.105  1.00 12.47 ? 14  THR A CA  1 
ATOM   97   C C   . THR A 1 14  ? 1.910   6.359   -8.697  1.00 13.17 ? 14  THR A C   1 
ATOM   98   O O   . THR A 1 14  ? 1.795   6.727   -7.522  1.00 13.78 ? 14  THR A O   1 
ATOM   99   C CB  . THR A 1 14  ? 2.338   4.054   -9.535  1.00 12.16 ? 14  THR A CB  1 
ATOM   100  O OG1 . THR A 1 14  ? 1.586   3.523   -8.438  1.00 13.67 ? 14  THR A OG1 1 
ATOM   101  C CG2 . THR A 1 14  ? 3.385   3.031   -9.965  1.00 11.26 ? 14  THR A CG2 1 
ATOM   102  N N   . ALA A 1 15  ? 1.089   6.759   -9.664  1.00 11.61 ? 15  ALA A N   1 
ATOM   103  C CA  . ALA A 1 15  ? -0.008  7.691   -9.425  1.00 13.36 ? 15  ALA A CA  1 
ATOM   104  C C   . ALA A 1 15  ? -1.078  7.115   -8.494  1.00 15.13 ? 15  ALA A C   1 
ATOM   105  O O   . ALA A 1 15  ? -1.225  5.894   -8.381  1.00 16.64 ? 15  ALA A O   1 
ATOM   106  C CB  . ALA A 1 15  ? -0.639  8.099   -10.747 1.00 11.91 ? 15  ALA A CB  1 
ATOM   107  N N   . VAL A 1 16  ? -1.807  8.006   -7.820  1.00 14.04 ? 16  VAL A N   1 
ATOM   108  C CA  . VAL A 1 16  ? -2.873  7.611   -6.905  1.00 12.25 ? 16  VAL A CA  1 
ATOM   109  C C   . VAL A 1 16  ? -3.998  6.946   -7.687  1.00 13.50 ? 16  VAL A C   1 
ATOM   110  O O   . VAL A 1 16  ? -4.403  7.427   -8.750  1.00 12.99 ? 16  VAL A O   1 
ATOM   111  C CB  . VAL A 1 16  ? -3.419  8.823   -6.117  1.00 13.02 ? 16  VAL A CB  1 
ATOM   112  C CG1 . VAL A 1 16  ? -4.647  8.427   -5.308  1.00 13.21 ? 16  VAL A CG1 1 
ATOM   113  C CG2 . VAL A 1 16  ? -2.349  9.354   -5.185  1.00 11.98 ? 16  VAL A CG2 1 
ATOM   114  N N   . LYS A 1 17  ? -4.499  5.834   -7.157  1.00 12.80 ? 17  LYS A N   1 
ATOM   115  C CA  . LYS A 1 17  ? -5.554  5.078   -7.810  1.00 13.77 ? 17  LYS A CA  1 
ATOM   116  C C   . LYS A 1 17  ? -6.918  5.219   -7.137  1.00 15.18 ? 17  LYS A C   1 
ATOM   117  O O   . LYS A 1 17  ? -7.069  5.948   -6.155  1.00 13.84 ? 17  LYS A O   1 
ATOM   118  C CB  . LYS A 1 17  ? -5.139  3.607   -7.925  1.00 14.38 ? 17  LYS A CB  1 
ATOM   119  C CG  . LYS A 1 17  ? -3.772  3.420   -8.567  1.00 12.09 ? 17  LYS A CG  1 
ATOM   120  C CD  . LYS A 1 17  ? -3.432  1.961   -8.745  1.00 14.68 ? 17  LYS A CD  1 
ATOM   121  C CE  . LYS A 1 17  ? -2.011  1.777   -9.254  1.00 12.05 ? 17  LYS A CE  1 
ATOM   122  N NZ  . LYS A 1 17  ? -1.760  0.350   -9.572  1.00 10.26 ? 17  LYS A NZ  1 
ATOM   123  N N   . ASP A 1 18  ? -7.901  4.495   -7.657  1.00 14.08 ? 18  ASP A N   1 
ATOM   124  C CA  . ASP A 1 18  ? -9.261  4.565   -7.145  1.00 15.97 ? 18  ASP A CA  1 
ATOM   125  C C   . ASP A 1 18  ? -9.850  3.170   -6.930  1.00 17.06 ? 18  ASP A C   1 
ATOM   126  O O   . ASP A 1 18  ? -10.081 2.434   -7.892  1.00 17.40 ? 18  ASP A O   1 
ATOM   127  C CB  . ASP A 1 18  ? -10.108 5.365   -8.149  1.00 17.01 ? 18  ASP A CB  1 
ATOM   128  C CG  . ASP A 1 18  ? -11.559 5.551   -7.713  1.00 19.04 ? 18  ASP A CG  1 
ATOM   129  O OD1 . ASP A 1 18  ? -12.382 5.870   -8.596  1.00 22.31 ? 18  ASP A OD1 1 
ATOM   130  O OD2 . ASP A 1 18  ? -11.879 5.415   -6.511  1.00 18.35 ? 18  ASP A OD2 1 
ATOM   131  N N   . GLN A 1 19  ? -10.097 2.816   -5.671  1.00 15.66 ? 19  GLN A N   1 
ATOM   132  C CA  . GLN A 1 19  ? -10.675 1.511   -5.370  1.00 17.88 ? 19  GLN A CA  1 
ATOM   133  C C   . GLN A 1 19  ? -12.188 1.493   -5.571  1.00 18.67 ? 19  GLN A C   1 
ATOM   134  O O   . GLN A 1 19  ? -12.804 0.426   -5.635  1.00 18.25 ? 19  GLN A O   1 
ATOM   135  C CB  . GLN A 1 19  ? -10.307 1.052   -3.953  1.00 17.37 ? 19  GLN A CB  1 
ATOM   136  C CG  . GLN A 1 19  ? -10.819 1.922   -2.835  1.00 19.13 ? 19  GLN A CG  1 
ATOM   137  C CD  . GLN A 1 19  ? -10.498 1.343   -1.470  1.00 16.25 ? 19  GLN A CD  1 
ATOM   138  O OE1 . GLN A 1 19  ? -9.398  1.520   -0.953  1.00 14.31 ? 19  GLN A OE1 1 
ATOM   139  N NE2 . GLN A 1 19  ? -11.460 0.641   -0.884  1.00 13.35 ? 19  GLN A NE2 1 
ATOM   140  N N   . GLY A 1 20  ? -12.785 2.677   -5.687  1.00 20.86 ? 20  GLY A N   1 
ATOM   141  C CA  . GLY A 1 20  ? -14.221 2.773   -5.888  1.00 20.06 ? 20  GLY A CA  1 
ATOM   142  C C   . GLY A 1 20  ? -15.033 2.252   -4.719  1.00 21.47 ? 20  GLY A C   1 
ATOM   143  O O   . GLY A 1 20  ? -14.621 2.384   -3.565  1.00 21.93 ? 20  GLY A O   1 
ATOM   144  N N   . GLN A 1 21  ? -16.178 1.643   -5.025  1.00 22.24 ? 21  GLN A N   1 
ATOM   145  C CA  . GLN A 1 21  ? -17.086 1.084   -4.018  1.00 24.73 ? 21  GLN A CA  1 
ATOM   146  C C   . GLN A 1 21  ? -16.670 -0.293  -3.514  1.00 23.92 ? 21  GLN A C   1 
ATOM   147  O O   . GLN A 1 21  ? -17.421 -0.945  -2.791  1.00 26.68 ? 21  GLN A O   1 
ATOM   148  C CB  . GLN A 1 21  ? -18.506 0.974   -4.576  1.00 28.47 ? 21  GLN A CB  1 
ATOM   149  C CG  . GLN A 1 21  ? -19.272 2.274   -4.727  1.00 32.92 ? 21  GLN A CG  1 
ATOM   150  C CD  . GLN A 1 21  ? -20.691 2.035   -5.226  1.00 38.18 ? 21  GLN A CD  1 
ATOM   151  O OE1 . GLN A 1 21  ? -21.064 2.487   -6.308  1.00 41.06 ? 21  GLN A OE1 1 
ATOM   152  N NE2 . GLN A 1 21  ? -21.483 1.305   -4.441  1.00 39.55 ? 21  GLN A NE2 1 
ATOM   153  N N   . CYS A 1 22  ? -15.487 -0.746  -3.906  1.00 21.52 ? 22  CYS A N   1 
ATOM   154  C CA  . CYS A 1 22  ? -14.996 -2.055  -3.494  1.00 19.71 ? 22  CYS A CA  1 
ATOM   155  C C   . CYS A 1 22  ? -14.062 -1.940  -2.282  1.00 17.73 ? 22  CYS A C   1 
ATOM   156  O O   . CYS A 1 22  ? -13.195 -1.066  -2.246  1.00 20.97 ? 22  CYS A O   1 
ATOM   157  C CB  . CYS A 1 22  ? -14.287 -2.715  -4.685  1.00 18.91 ? 22  CYS A CB  1 
ATOM   158  S SG  . CYS A 1 22  ? -13.550 -4.352  -4.393  1.00 16.75 ? 22  CYS A SG  1 
ATOM   159  N N   . GLY A 1 23  ? -14.267 -2.793  -1.277  1.00 14.01 ? 23  GLY A N   1 
ATOM   160  C CA  . GLY A 1 23  ? -13.422 -2.769  -0.088  1.00 14.10 ? 23  GLY A CA  1 
ATOM   161  C C   . GLY A 1 23  ? -12.122 -3.509  -0.337  1.00 12.20 ? 23  GLY A C   1 
ATOM   162  O O   . GLY A 1 23  ? -11.718 -4.375  0.447   1.00 14.11 ? 23  GLY A O   1 
ATOM   163  N N   . SER A 1 24  ? -11.467 -3.149  -1.435  1.00 12.07 ? 24  SER A N   1 
ATOM   164  C CA  . SER A 1 24  ? -10.221 -3.762  -1.873  1.00 10.98 ? 24  SER A CA  1 
ATOM   165  C C   . SER A 1 24  ? -8.959  -2.995  -1.457  1.00 9.78  ? 24  SER A C   1 
ATOM   166  O O   . SER A 1 24  ? -7.918  -3.102  -2.108  1.00 10.40 ? 24  SER A O   1 
ATOM   167  C CB  . SER A 1 24  ? -10.252 -3.909  -3.393  1.00 7.84  ? 24  SER A CB  1 
ATOM   168  O OG  . SER A 1 24  ? -10.483 -2.656  -4.010  1.00 10.26 ? 24  SER A OG  1 
ATOM   169  N N   . CYS A 1 25  ? -9.057  -2.236  -0.369  1.00 9.09  ? 25  CYS A N   1 
ATOM   170  C CA  . CYS A 1 25  ? -7.934  -1.445  0.122   1.00 8.65  ? 25  CYS A CA  1 
ATOM   171  C C   . CYS A 1 25  ? -6.669  -2.279  0.284   1.00 6.53  ? 25  CYS A C   1 
ATOM   172  O O   . CYS A 1 25  ? -5.587  -1.847  -0.088  1.00 5.39  ? 25  CYS A O   1 
ATOM   173  C CB  . CYS A 1 25  ? -8.294  -0.804  1.458   1.00 7.35  ? 25  CYS A CB  1 
ATOM   174  S SG  . CYS A 1 25  ? -8.837  -1.990  2.724   1.00 11.70 ? 25  CYS A SG  1 
ATOM   175  N N   . TRP A 1 26  ? -6.829  -3.486  0.821   1.00 6.55  ? 26  TRP A N   1 
ATOM   176  C CA  . TRP A 1 26  ? -5.719  -4.413  1.052   1.00 5.78  ? 26  TRP A CA  1 
ATOM   177  C C   . TRP A 1 26  ? -4.934  -4.720  -0.227  1.00 6.45  ? 26  TRP A C   1 
ATOM   178  O O   . TRP A 1 26  ? -3.723  -4.938  -0.188  1.00 7.65  ? 26  TRP A O   1 
ATOM   179  C CB  . TRP A 1 26  ? -6.260  -5.719  1.641   1.00 6.14  ? 26  TRP A CB  1 
ATOM   180  C CG  . TRP A 1 26  ? -7.272  -6.393  0.745   1.00 7.17  ? 26  TRP A CG  1 
ATOM   181  C CD1 . TRP A 1 26  ? -8.604  -6.098  0.649   1.00 8.64  ? 26  TRP A CD1 1 
ATOM   182  C CD2 . TRP A 1 26  ? -7.021  -7.442  -0.205  1.00 8.93  ? 26  TRP A CD2 1 
ATOM   183  N NE1 . TRP A 1 26  ? -9.194  -6.895  -0.304  1.00 10.84 ? 26  TRP A NE1 1 
ATOM   184  C CE2 . TRP A 1 26  ? -8.247  -7.728  -0.840  1.00 8.03  ? 26  TRP A CE2 1 
ATOM   185  C CE3 . TRP A 1 26  ? -5.882  -8.169  -0.578  1.00 6.86  ? 26  TRP A CE3 1 
ATOM   186  C CZ2 . TRP A 1 26  ? -8.364  -8.705  -1.830  1.00 9.02  ? 26  TRP A CZ2 1 
ATOM   187  C CZ3 . TRP A 1 26  ? -6.002  -9.140  -1.561  1.00 9.95  ? 26  TRP A CZ3 1 
ATOM   188  C CH2 . TRP A 1 26  ? -7.235  -9.399  -2.173  1.00 8.60  ? 26  TRP A CH2 1 
ATOM   189  N N   . ALA A 1 27  ? -5.642  -4.758  -1.353  1.00 7.71  ? 27  ALA A N   1 
ATOM   190  C CA  . ALA A 1 27  ? -5.025  -5.048  -2.639  1.00 6.84  ? 27  ALA A CA  1 
ATOM   191  C C   . ALA A 1 27  ? -4.221  -3.848  -3.119  1.00 7.18  ? 27  ALA A C   1 
ATOM   192  O O   . ALA A 1 27  ? -3.160  -4.006  -3.715  1.00 7.48  ? 27  ALA A O   1 
ATOM   193  C CB  . ALA A 1 27  ? -6.092  -5.437  -3.665  1.00 6.82  ? 27  ALA A CB  1 
ATOM   194  N N   . PHE A 1 28  ? -4.735  -2.646  -2.875  1.00 9.33  ? 28  PHE A N   1 
ATOM   195  C CA  . PHE A 1 28  ? -4.025  -1.434  -3.278  1.00 8.55  ? 28  PHE A CA  1 
ATOM   196  C C   . PHE A 1 28  ? -2.772  -1.248  -2.428  1.00 8.19  ? 28  PHE A C   1 
ATOM   197  O O   . PHE A 1 28  ? -1.728  -0.835  -2.929  1.00 8.11  ? 28  PHE A O   1 
ATOM   198  C CB  . PHE A 1 28  ? -4.953  -0.215  -3.197  1.00 9.15  ? 28  PHE A CB  1 
ATOM   199  C CG  . PHE A 1 28  ? -5.938  -0.146  -4.329  1.00 9.02  ? 28  PHE A CG  1 
ATOM   200  C CD1 . PHE A 1 28  ? -7.076  -0.953  -4.332  1.00 10.50 ? 28  PHE A CD1 1 
ATOM   201  C CD2 . PHE A 1 28  ? -5.685  0.662   -5.435  1.00 9.21  ? 28  PHE A CD2 1 
ATOM   202  C CE1 . PHE A 1 28  ? -7.939  -0.961  -5.428  1.00 11.05 ? 28  PHE A CE1 1 
ATOM   203  C CE2 . PHE A 1 28  ? -6.543  0.659   -6.533  1.00 6.68  ? 28  PHE A CE2 1 
ATOM   204  C CZ  . PHE A 1 28  ? -7.667  -0.154  -6.531  1.00 9.00  ? 28  PHE A CZ  1 
ATOM   205  N N   . SER A 1 29  ? -2.862  -1.630  -1.159  1.00 6.67  ? 29  SER A N   1 
ATOM   206  C CA  . SER A 1 29  ? -1.738  -1.526  -0.239  1.00 4.71  ? 29  SER A CA  1 
ATOM   207  C C   . SER A 1 29  ? -0.633  -2.497  -0.659  1.00 6.73  ? 29  SER A C   1 
ATOM   208  O O   . SER A 1 29  ? 0.531   -2.116  -0.759  1.00 7.19  ? 29  SER A O   1 
ATOM   209  C CB  . SER A 1 29  ? -2.203  -1.851  1.181   1.00 3.37  ? 29  SER A CB  1 
ATOM   210  O OG  . SER A 1 29  ? -1.141  -1.787  2.114   1.00 6.82  ? 29  SER A OG  1 
ATOM   211  N N   . ALA A 1 30  ? -1.011  -3.748  -0.910  1.00 4.07  ? 30  ALA A N   1 
ATOM   212  C CA  . ALA A 1 30  ? -0.063  -4.786  -1.310  1.00 6.33  ? 30  ALA A CA  1 
ATOM   213  C C   . ALA A 1 30  ? 0.592   -4.502  -2.663  1.00 5.05  ? 30  ALA A C   1 
ATOM   214  O O   . ALA A 1 30  ? 1.808   -4.622  -2.797  1.00 8.54  ? 30  ALA A O   1 
ATOM   215  C CB  . ALA A 1 30  ? -0.756  -6.154  -1.328  1.00 6.22  ? 30  ALA A CB  1 
ATOM   216  N N   . ILE A 1 31  ? -0.213  -4.124  -3.657  1.00 7.52  ? 31  ILE A N   1 
ATOM   217  C CA  . ILE A 1 31  ? 0.299   -3.832  -4.995  1.00 5.91  ? 31  ILE A CA  1 
ATOM   218  C C   . ILE A 1 31  ? 1.124   -2.552  -5.027  1.00 7.88  ? 31  ILE A C   1 
ATOM   219  O O   . ILE A 1 31  ? 2.116   -2.479  -5.745  1.00 10.07 ? 31  ILE A O   1 
ATOM   220  C CB  . ILE A 1 31  ? -0.833  -3.761  -6.044  1.00 5.52  ? 31  ILE A CB  1 
ATOM   221  C CG1 . ILE A 1 31  ? -1.466  -5.142  -6.224  1.00 8.23  ? 31  ILE A CG1 1 
ATOM   222  C CG2 . ILE A 1 31  ? -0.297  -3.261  -7.386  1.00 8.91  ? 31  ILE A CG2 1 
ATOM   223  C CD1 . ILE A 1 31  ? -0.477  -6.226  -6.653  1.00 8.19  ? 31  ILE A CD1 1 
ATOM   224  N N   . GLY A 1 32  ? 0.707   -1.543  -4.265  1.00 6.94  ? 32  GLY A N   1 
ATOM   225  C CA  . GLY A 1 32  ? 1.461   -0.301  -4.220  1.00 7.80  ? 32  GLY A CA  1 
ATOM   226  C C   . GLY A 1 32  ? 2.857   -0.588  -3.696  1.00 7.58  ? 32  GLY A C   1 
ATOM   227  O O   . GLY A 1 32  ? 3.849   -0.047  -4.188  1.00 10.29 ? 32  GLY A O   1 
ATOM   228  N N   . ASN A 1 33  ? 2.935   -1.461  -2.696  1.00 6.35  ? 33  ASN A N   1 
ATOM   229  C CA  . ASN A 1 33  ? 4.212   -1.843  -2.122  1.00 5.76  ? 33  ASN A CA  1 
ATOM   230  C C   . ASN A 1 33  ? 5.061   -2.585  -3.162  1.00 8.56  ? 33  ASN A C   1 
ATOM   231  O O   . ASN A 1 33  ? 6.248   -2.295  -3.310  1.00 9.91  ? 33  ASN A O   1 
ATOM   232  C CB  . ASN A 1 33  ? 4.005   -2.703  -0.872  1.00 6.27  ? 33  ASN A CB  1 
ATOM   233  C CG  . ASN A 1 33  ? 5.277   -3.382  -0.409  1.00 9.36  ? 33  ASN A CG  1 
ATOM   234  O OD1 . ASN A 1 33  ? 5.469   -4.568  -0.658  1.00 8.94  ? 33  ASN A OD1 1 
ATOM   235  N ND2 . ASN A 1 33  ? 6.165   -2.630  0.239   1.00 7.33  ? 33  ASN A ND2 1 
ATOM   236  N N   . VAL A 1 34  ? 4.453   -3.530  -3.882  1.00 7.34  ? 34  VAL A N   1 
ATOM   237  C CA  . VAL A 1 34  ? 5.178   -4.287  -4.902  1.00 7.49  ? 34  VAL A CA  1 
ATOM   238  C C   . VAL A 1 34  ? 5.700   -3.368  -6.010  1.00 8.40  ? 34  VAL A C   1 
ATOM   239  O O   . VAL A 1 34  ? 6.824   -3.539  -6.477  1.00 6.88  ? 34  VAL A O   1 
ATOM   240  C CB  . VAL A 1 34  ? 4.312   -5.410  -5.548  1.00 7.01  ? 34  VAL A CB  1 
ATOM   241  C CG1 . VAL A 1 34  ? 5.141   -6.177  -6.591  1.00 8.22  ? 34  VAL A CG1 1 
ATOM   242  C CG2 . VAL A 1 34  ? 3.800   -6.377  -4.484  1.00 6.97  ? 34  VAL A CG2 1 
ATOM   243  N N   . GLU A 1 35  ? 4.882   -2.409  -6.439  1.00 8.88  ? 35  GLU A N   1 
ATOM   244  C CA  . GLU A 1 35  ? 5.286   -1.477  -7.492  1.00 10.05 ? 35  GLU A CA  1 
ATOM   245  C C   . GLU A 1 35  ? 6.558   -0.736  -7.116  1.00 10.43 ? 35  GLU A C   1 
ATOM   246  O O   . GLU A 1 35  ? 7.477   -0.614  -7.927  1.00 9.77  ? 35  GLU A O   1 
ATOM   247  C CB  . GLU A 1 35  ? 4.182   -0.458  -7.778  1.00 9.09  ? 35  GLU A CB  1 
ATOM   248  C CG  . GLU A 1 35  ? 2.949   -1.047  -8.435  1.00 10.73 ? 35  GLU A CG  1 
ATOM   249  C CD  . GLU A 1 35  ? 1.827   -0.044  -8.573  1.00 10.47 ? 35  GLU A CD  1 
ATOM   250  O OE1 . GLU A 1 35  ? 1.826   0.967   -7.847  1.00 11.31 ? 35  GLU A OE1 1 
ATOM   251  O OE2 . GLU A 1 35  ? 0.931   -0.263  -9.405  1.00 9.30  ? 35  GLU A OE2 1 
ATOM   252  N N   . CYS A 1 36  ? 6.604   -0.252  -5.880  1.00 10.08 ? 36  CYS A N   1 
ATOM   253  C CA  . CYS A 1 36  ? 7.754   0.487   -5.375  1.00 9.85  ? 36  CYS A CA  1 
ATOM   254  C C   . CYS A 1 36  ? 8.986   -0.400  -5.237  1.00 10.68 ? 36  CYS A C   1 
ATOM   255  O O   . CYS A 1 36  ? 10.087  0.011   -5.591  1.00 10.49 ? 36  CYS A O   1 
ATOM   256  C CB  . CYS A 1 36  ? 7.427   1.119   -4.018  1.00 10.91 ? 36  CYS A CB  1 
ATOM   257  S SG  . CYS A 1 36  ? 6.101   2.344   -4.072  1.00 8.97  ? 36  CYS A SG  1 
ATOM   258  N N   . GLN A 1 37  ? 8.794   -1.602  -4.698  1.00 9.02  ? 37  GLN A N   1 
ATOM   259  C CA  . GLN A 1 37  ? 9.893   -2.543  -4.508  1.00 9.64  ? 37  GLN A CA  1 
ATOM   260  C C   . GLN A 1 37  ? 10.479  -3.000  -5.847  1.00 12.34 ? 37  GLN A C   1 
ATOM   261  O O   . GLN A 1 37  ? 11.696  -3.180  -5.972  1.00 11.21 ? 37  GLN A O   1 
ATOM   262  C CB  . GLN A 1 37  ? 9.429   -3.745  -3.678  1.00 6.51  ? 37  GLN A CB  1 
ATOM   263  C CG  . GLN A 1 37  ? 9.113   -3.412  -2.222  1.00 8.57  ? 37  GLN A CG  1 
ATOM   264  C CD  . GLN A 1 37  ? 10.316  -2.847  -1.474  1.00 11.71 ? 37  GLN A CD  1 
ATOM   265  O OE1 . GLN A 1 37  ? 11.431  -3.352  -1.606  1.00 13.25 ? 37  GLN A OE1 1 
ATOM   266  N NE2 . GLN A 1 37  ? 10.093  -1.799  -0.684  1.00 10.97 ? 37  GLN A NE2 1 
ATOM   267  N N   . TRP A 1 38  ? 9.612   -3.185  -6.844  1.00 12.50 ? 38  TRP A N   1 
ATOM   268  C CA  . TRP A 1 38  ? 10.039  -3.603  -8.172  1.00 13.06 ? 38  TRP A CA  1 
ATOM   269  C C   . TRP A 1 38  ? 10.954  -2.524  -8.747  1.00 14.84 ? 38  TRP A C   1 
ATOM   270  O O   . TRP A 1 38  ? 12.046  -2.818  -9.237  1.00 16.89 ? 38  TRP A O   1 
ATOM   271  C CB  . TRP A 1 38  ? 8.821   -3.813  -9.077  1.00 14.23 ? 38  TRP A CB  1 
ATOM   272  C CG  . TRP A 1 38  ? 9.142   -4.322  -10.456 1.00 14.65 ? 38  TRP A CG  1 
ATOM   273  C CD1 . TRP A 1 38  ? 8.904   -3.682  -11.643 1.00 11.90 ? 38  TRP A CD1 1 
ATOM   274  C CD2 . TRP A 1 38  ? 9.723   -5.590  -10.795 1.00 13.67 ? 38  TRP A CD2 1 
ATOM   275  N NE1 . TRP A 1 38  ? 9.296   -4.474  -12.695 1.00 13.52 ? 38  TRP A NE1 1 
ATOM   276  C CE2 . TRP A 1 38  ? 9.802   -5.650  -12.203 1.00 15.44 ? 38  TRP A CE2 1 
ATOM   277  C CE3 . TRP A 1 38  ? 10.176  -6.684  -10.044 1.00 14.83 ? 38  TRP A CE3 1 
ATOM   278  C CZ2 . TRP A 1 38  ? 10.321  -6.762  -12.881 1.00 16.99 ? 38  TRP A CZ2 1 
ATOM   279  C CZ3 . TRP A 1 38  ? 10.692  -7.791  -10.718 1.00 15.04 ? 38  TRP A CZ3 1 
ATOM   280  C CH2 . TRP A 1 38  ? 10.760  -7.819  -12.122 1.00 14.78 ? 38  TRP A CH2 1 
ATOM   281  N N   . PHE A 1 39  ? 10.515  -1.271  -8.659  1.00 11.86 ? 39  PHE A N   1 
ATOM   282  C CA  . PHE A 1 39  ? 11.305  -0.150  -9.155  1.00 14.38 ? 39  PHE A CA  1 
ATOM   283  C C   . PHE A 1 39  ? 12.667  -0.090  -8.456  1.00 14.99 ? 39  PHE A C   1 
ATOM   284  O O   . PHE A 1 39  ? 13.701  0.047   -9.113  1.00 16.93 ? 39  PHE A O   1 
ATOM   285  C CB  . PHE A 1 39  ? 10.555  1.176   -8.957  1.00 13.57 ? 39  PHE A CB  1 
ATOM   286  C CG  . PHE A 1 39  ? 11.376  2.392   -9.293  1.00 16.05 ? 39  PHE A CG  1 
ATOM   287  C CD1 . PHE A 1 39  ? 12.057  3.083   -8.293  1.00 12.80 ? 39  PHE A CD1 1 
ATOM   288  C CD2 . PHE A 1 39  ? 11.508  2.820   -10.612 1.00 15.98 ? 39  PHE A CD2 1 
ATOM   289  C CE1 . PHE A 1 39  ? 12.862  4.179   -8.605  1.00 15.84 ? 39  PHE A CE1 1 
ATOM   290  C CE2 . PHE A 1 39  ? 12.311  3.917   -10.931 1.00 17.35 ? 39  PHE A CE2 1 
ATOM   291  C CZ  . PHE A 1 39  ? 12.990  4.595   -9.927  1.00 12.87 ? 39  PHE A CZ  1 
ATOM   292  N N   . LEU A 1 40  ? 12.661  -0.216  -7.133  1.00 12.25 ? 40  LEU A N   1 
ATOM   293  C CA  . LEU A 1 40  ? 13.889  -0.164  -6.345  1.00 14.22 ? 40  LEU A CA  1 
ATOM   294  C C   . LEU A 1 40  ? 14.866  -1.303  -6.625  1.00 15.49 ? 40  LEU A C   1 
ATOM   295  O O   . LEU A 1 40  ? 16.060  -1.189  -6.341  1.00 15.29 ? 40  LEU A O   1 
ATOM   296  C CB  . LEU A 1 40  ? 13.563  -0.093  -4.854  1.00 13.23 ? 40  LEU A CB  1 
ATOM   297  C CG  . LEU A 1 40  ? 12.847  1.201   -4.463  1.00 15.32 ? 40  LEU A CG  1 
ATOM   298  C CD1 . LEU A 1 40  ? 12.416  1.142   -3.009  1.00 17.33 ? 40  LEU A CD1 1 
ATOM   299  C CD2 . LEU A 1 40  ? 13.761  2.390   -4.715  1.00 15.55 ? 40  LEU A CD2 1 
ATOM   300  N N   . ALA A 1 41  ? 14.358  -2.395  -7.193  1.00 16.38 ? 41  ALA A N   1 
ATOM   301  C CA  . ALA A 1 41  ? 15.196  -3.544  -7.526  1.00 18.25 ? 41  ALA A CA  1 
ATOM   302  C C   . ALA A 1 41  ? 15.910  -3.343  -8.866  1.00 18.85 ? 41  ALA A C   1 
ATOM   303  O O   . ALA A 1 41  ? 16.579  -4.252  -9.356  1.00 23.72 ? 41  ALA A O   1 
ATOM   304  C CB  . ALA A 1 41  ? 14.367  -4.816  -7.549  1.00 13.36 ? 41  ALA A CB  1 
ATOM   305  N N   . GLY A 1 42  ? 15.750  -2.162  -9.460  1.00 20.72 ? 42  GLY A N   1 
ATOM   306  C CA  . GLY A 1 42  ? 16.408  -1.857  -10.720 1.00 20.62 ? 42  GLY A CA  1 
ATOM   307  C C   . GLY A 1 42  ? 15.590  -2.030  -11.984 1.00 20.93 ? 42  GLY A C   1 
ATOM   308  O O   . GLY A 1 42  ? 16.148  -2.252  -13.060 1.00 22.38 ? 42  GLY A O   1 
ATOM   309  N N   . HIS A 1 43  ? 14.272  -1.920  -11.870 1.00 21.01 ? 43  HIS A N   1 
ATOM   310  C CA  . HIS A 1 43  ? 13.395  -2.061  -13.027 1.00 20.17 ? 43  HIS A CA  1 
ATOM   311  C C   . HIS A 1 43  ? 12.589  -0.779  -13.191 1.00 21.58 ? 43  HIS A C   1 
ATOM   312  O O   . HIS A 1 43  ? 12.422  -0.019  -12.235 1.00 23.85 ? 43  HIS A O   1 
ATOM   313  C CB  . HIS A 1 43  ? 12.435  -3.242  -12.834 1.00 20.62 ? 43  HIS A CB  1 
ATOM   314  C CG  . HIS A 1 43  ? 13.111  -4.512  -12.423 1.00 21.03 ? 43  HIS A CG  1 
ATOM   315  N ND1 . HIS A 1 43  ? 13.631  -5.409  -13.332 1.00 21.84 ? 43  HIS A ND1 1 
ATOM   316  C CD2 . HIS A 1 43  ? 13.364  -5.032  -11.198 1.00 20.72 ? 43  HIS A CD2 1 
ATOM   317  C CE1 . HIS A 1 43  ? 14.176  -6.423  -12.686 1.00 22.38 ? 43  HIS A CE1 1 
ATOM   318  N NE2 . HIS A 1 43  ? 14.027  -6.218  -11.387 1.00 17.84 ? 43  HIS A NE2 1 
ATOM   319  N N   . PRO A 1 44  ? 12.117  -0.494  -14.414 1.00 22.38 ? 44  PRO A N   1 
ATOM   320  C CA  . PRO A 1 44  ? 11.331  0.728   -14.614 1.00 21.75 ? 44  PRO A CA  1 
ATOM   321  C C   . PRO A 1 44  ? 10.013  0.677   -13.838 1.00 20.97 ? 44  PRO A C   1 
ATOM   322  O O   . PRO A 1 44  ? 9.416   -0.393  -13.686 1.00 18.66 ? 44  PRO A O   1 
ATOM   323  C CB  . PRO A 1 44  ? 11.108  0.755   -16.132 1.00 21.67 ? 44  PRO A CB  1 
ATOM   324  C CG  . PRO A 1 44  ? 11.193  -0.690  -16.531 1.00 25.00 ? 44  PRO A CG  1 
ATOM   325  C CD  . PRO A 1 44  ? 12.347  -1.190  -15.691 1.00 23.97 ? 44  PRO A CD  1 
ATOM   326  N N   . LEU A 1 45  ? 9.598   1.826   -13.311 1.00 18.64 ? 45  LEU A N   1 
ATOM   327  C CA  . LEU A 1 45  ? 8.358   1.927   -12.551 1.00 17.90 ? 45  LEU A CA  1 
ATOM   328  C C   . LEU A 1 45  ? 7.190   1.481   -13.424 1.00 18.69 ? 45  LEU A C   1 
ATOM   329  O O   . LEU A 1 45  ? 6.945   2.034   -14.498 1.00 15.33 ? 45  LEU A O   1 
ATOM   330  C CB  . LEU A 1 45  ? 8.145   3.359   -12.068 1.00 17.80 ? 45  LEU A CB  1 
ATOM   331  C CG  . LEU A 1 45  ? 6.937   3.572   -11.156 1.00 17.22 ? 45  LEU A CG  1 
ATOM   332  C CD1 . LEU A 1 45  ? 7.105   2.778   -9.855  1.00 19.61 ? 45  LEU A CD1 1 
ATOM   333  C CD2 . LEU A 1 45  ? 6.776   5.060   -10.876 1.00 17.68 ? 45  LEU A CD2 1 
ATOM   334  N N   . THR A 1 46  ? 6.477   0.465   -12.954 1.00 18.50 ? 46  THR A N   1 
ATOM   335  C CA  . THR A 1 46  ? 5.357   -0.095  -13.694 1.00 18.09 ? 46  THR A CA  1 
ATOM   336  C C   . THR A 1 46  ? 4.111   -0.203  -12.824 1.00 17.84 ? 46  THR A C   1 
ATOM   337  O O   . THR A 1 46  ? 4.199   -0.550  -11.649 1.00 15.35 ? 46  THR A O   1 
ATOM   338  C CB  . THR A 1 46  ? 5.709   -1.515  -14.190 1.00 19.77 ? 46  THR A CB  1 
ATOM   339  O OG1 . THR A 1 46  ? 6.990   -1.490  -14.830 1.00 21.63 ? 46  THR A OG1 1 
ATOM   340  C CG2 . THR A 1 46  ? 4.665   -2.024  -15.171 1.00 21.24 ? 46  THR A CG2 1 
ATOM   341  N N   . ASN A 1 47  ? 2.958   0.123   -13.405 1.00 15.62 ? 47  ASN A N   1 
ATOM   342  C CA  . ASN A 1 47  ? 1.689   0.009   -12.702 1.00 16.33 ? 47  ASN A CA  1 
ATOM   343  C C   . ASN A 1 47  ? 1.285   -1.455  -12.724 1.00 16.25 ? 47  ASN A C   1 
ATOM   344  O O   . ASN A 1 47  ? 1.233   -2.077  -13.790 1.00 15.29 ? 47  ASN A O   1 
ATOM   345  C CB  . ASN A 1 47  ? 0.612   0.848   -13.387 1.00 18.29 ? 47  ASN A CB  1 
ATOM   346  C CG  . ASN A 1 47  ? 0.653   2.296   -12.967 1.00 22.81 ? 47  ASN A CG  1 
ATOM   347  O OD1 . ASN A 1 47  ? 1.650   2.986   -13.173 1.00 25.18 ? 47  ASN A OD1 1 
ATOM   348  N ND2 . ASN A 1 47  ? -0.431  2.766   -12.356 1.00 26.07 ? 47  ASN A ND2 1 
ATOM   349  N N   . LEU A 1 48  ? 1.023   -2.015  -11.550 1.00 14.66 ? 48  LEU A N   1 
ATOM   350  C CA  . LEU A 1 48  ? 0.635   -3.409  -11.424 1.00 12.33 ? 48  LEU A CA  1 
ATOM   351  C C   . LEU A 1 48  ? -0.855  -3.580  -11.119 1.00 13.16 ? 48  LEU A C   1 
ATOM   352  O O   . LEU A 1 48  ? -1.533  -2.633  -10.711 1.00 12.44 ? 48  LEU A O   1 
ATOM   353  C CB  . LEU A 1 48  ? 1.534   -4.111  -10.403 1.00 9.08  ? 48  LEU A CB  1 
ATOM   354  C CG  . LEU A 1 48  ? 3.019   -4.003  -10.781 1.00 8.76  ? 48  LEU A CG  1 
ATOM   355  C CD1 . LEU A 1 48  ? 3.894   -4.580  -9.692  1.00 10.28 ? 48  LEU A CD1 1 
ATOM   356  C CD2 . LEU A 1 48  ? 3.279   -4.706  -12.103 1.00 11.29 ? 48  LEU A CD2 1 
ATOM   357  N N   . SER A 1 49  ? -1.357  -4.797  -11.312 1.00 12.33 ? 49  SER A N   1 
ATOM   358  C CA  . SER A 1 49  ? -2.773  -5.095  -11.146 1.00 9.76  ? 49  SER A CA  1 
ATOM   359  C C   . SER A 1 49  ? -3.349  -5.443  -9.779  1.00 9.71  ? 49  SER A C   1 
ATOM   360  O O   . SER A 1 49  ? -3.045  -6.492  -9.214  1.00 9.17  ? 49  SER A O   1 
ATOM   361  C CB  . SER A 1 49  ? -3.171  -6.191  -12.137 1.00 9.14  ? 49  SER A CB  1 
ATOM   362  O OG  . SER A 1 49  ? -4.553  -6.481  -12.053 1.00 8.79  ? 49  SER A OG  1 
ATOM   363  N N   . GLU A 1 50  ? -4.240  -4.586  -9.281  1.00 9.20  ? 50  GLU A N   1 
ATOM   364  C CA  . GLU A 1 50  ? -4.916  -4.852  -8.014  1.00 10.08 ? 50  GLU A CA  1 
ATOM   365  C C   . GLU A 1 50  ? -6.033  -5.847  -8.316  1.00 10.58 ? 50  GLU A C   1 
ATOM   366  O O   . GLU A 1 50  ? -6.390  -6.668  -7.470  1.00 8.56  ? 50  GLU A O   1 
ATOM   367  C CB  . GLU A 1 50  ? -5.541  -3.584  -7.421  1.00 10.85 ? 50  GLU A CB  1 
ATOM   368  C CG  . GLU A 1 50  ? -4.560  -2.604  -6.813  1.00 11.89 ? 50  GLU A CG  1 
ATOM   369  C CD  . GLU A 1 50  ? -3.870  -1.729  -7.841  1.00 13.20 ? 50  GLU A CD  1 
ATOM   370  O OE1 . GLU A 1 50  ? -4.317  -1.678  -9.009  1.00 14.15 ? 50  GLU A OE1 1 
ATOM   371  O OE2 . GLU A 1 50  ? -2.877  -1.076  -7.468  1.00 14.50 ? 50  GLU A OE2 1 
ATOM   372  N N   . GLN A 1 51  ? -6.573  -5.768  -9.533  1.00 10.74 ? 51  GLN A N   1 
ATOM   373  C CA  . GLN A 1 51  ? -7.657  -6.654  -9.946  1.00 9.97  ? 51  GLN A CA  1 
ATOM   374  C C   . GLN A 1 51  ? -7.243  -8.112  -9.875  1.00 11.14 ? 51  GLN A C   1 
ATOM   375  O O   . GLN A 1 51  ? -8.053  -8.968  -9.540  1.00 11.90 ? 51  GLN A O   1 
ATOM   376  C CB  . GLN A 1 51  ? -8.143  -6.325  -11.354 1.00 11.72 ? 51  GLN A CB  1 
ATOM   377  C CG  . GLN A 1 51  ? -9.489  -6.958  -11.677 1.00 10.82 ? 51  GLN A CG  1 
ATOM   378  C CD  . GLN A 1 51  ? -10.573 -6.512  -10.717 1.00 13.54 ? 51  GLN A CD  1 
ATOM   379  O OE1 . GLN A 1 51  ? -10.873 -5.328  -10.623 1.00 17.81 ? 51  GLN A OE1 1 
ATOM   380  N NE2 . GLN A 1 51  ? -11.149 -7.455  -9.986  1.00 14.22 ? 51  GLN A NE2 1 
ATOM   381  N N   . MET A 1 52  ? -5.983  -8.390  -10.193 1.00 10.26 ? 52  MET A N   1 
ATOM   382  C CA  . MET A 1 52  ? -5.464  -9.752  -10.130 1.00 9.58  ? 52  MET A CA  1 
ATOM   383  C C   . MET A 1 52  ? -5.736  -10.323 -8.737  1.00 8.52  ? 52  MET A C   1 
ATOM   384  O O   . MET A 1 52  ? -6.243  -11.435 -8.600  1.00 8.75  ? 52  MET A O   1 
ATOM   385  C CB  . MET A 1 52  ? -3.961  -9.762  -10.402 1.00 9.43  ? 52  MET A CB  1 
ATOM   386  C CG  . MET A 1 52  ? -3.328  -11.133 -10.256 1.00 13.00 ? 52  MET A CG  1 
ATOM   387  S SD  . MET A 1 52  ? -1.536  -11.043 -10.212 1.00 13.61 ? 52  MET A SD  1 
ATOM   388  C CE  . MET A 1 52  ? -1.281  -10.458 -8.549  1.00 13.00 ? 52  MET A CE  1 
ATOM   389  N N   . LEU A 1 53  ? -5.423  -9.544  -7.706  1.00 8.71  ? 53  LEU A N   1 
ATOM   390  C CA  . LEU A 1 53  ? -5.647  -9.978  -6.331  1.00 7.93  ? 53  LEU A CA  1 
ATOM   391  C C   . LEU A 1 53  ? -7.124  -10.071 -5.964  1.00 8.68  ? 53  LEU A C   1 
ATOM   392  O O   . LEU A 1 53  ? -7.565  -11.064 -5.393  1.00 10.69 ? 53  LEU A O   1 
ATOM   393  C CB  . LEU A 1 53  ? -4.943  -9.039  -5.351  1.00 6.51  ? 53  LEU A CB  1 
ATOM   394  C CG  . LEU A 1 53  ? -3.418  -9.145  -5.336  1.00 7.65  ? 53  LEU A CG  1 
ATOM   395  C CD1 . LEU A 1 53  ? -2.845  -8.101  -4.402  1.00 6.32  ? 53  LEU A CD1 1 
ATOM   396  C CD2 . LEU A 1 53  ? -2.999  -10.544 -4.912  1.00 8.01  ? 53  LEU A CD2 1 
ATOM   397  N N   . VAL A 1 54  ? -7.887  -9.036  -6.287  1.00 8.74  ? 54  VAL A N   1 
ATOM   398  C CA  . VAL A 1 54  ? -9.309  -9.018  -5.963  1.00 10.04 ? 54  VAL A CA  1 
ATOM   399  C C   . VAL A 1 54  ? -10.041 -10.220 -6.570  1.00 10.43 ? 54  VAL A C   1 
ATOM   400  O O   . VAL A 1 54  ? -10.815 -10.891 -5.890  1.00 12.81 ? 54  VAL A O   1 
ATOM   401  C CB  . VAL A 1 54  ? -9.968  -7.682  -6.420  1.00 10.71 ? 54  VAL A CB  1 
ATOM   402  C CG1 . VAL A 1 54  ? -11.444 -7.673  -6.096  1.00 13.03 ? 54  VAL A CG1 1 
ATOM   403  C CG2 . VAL A 1 54  ? -9.290  -6.506  -5.732  1.00 10.55 ? 54  VAL A CG2 1 
ATOM   404  N N   . SER A 1 55  ? -9.728  -10.525 -7.825  1.00 12.07 ? 55  SER A N   1 
ATOM   405  C CA  . SER A 1 55  ? -10.360 -11.625 -8.556  1.00 13.37 ? 55  SER A CA  1 
ATOM   406  C C   . SER A 1 55  ? -9.784  -13.016 -8.343  1.00 15.18 ? 55  SER A C   1 
ATOM   407  O O   . SER A 1 55  ? -10.537 -13.987 -8.262  1.00 17.45 ? 55  SER A O   1 
ATOM   408  C CB  . SER A 1 55  ? -10.337 -11.343 -10.062 1.00 11.90 ? 55  SER A CB  1 
ATOM   409  O OG  . SER A 1 55  ? -11.206 -10.284 -10.408 1.00 15.63 ? 55  SER A OG  1 
ATOM   410  N N   . CYS A 1 56  ? -8.462  -13.115 -8.261  1.00 13.76 ? 56  CYS A N   1 
ATOM   411  C CA  . CYS A 1 56  ? -7.794  -14.404 -8.144  1.00 12.14 ? 56  CYS A CA  1 
ATOM   412  C C   . CYS A 1 56  ? -7.300  -14.847 -6.781  1.00 11.18 ? 56  CYS A C   1 
ATOM   413  O O   . CYS A 1 56  ? -7.137  -16.045 -6.544  1.00 12.05 ? 56  CYS A O   1 
ATOM   414  C CB  . CYS A 1 56  ? -6.649  -14.467 -9.149  1.00 12.28 ? 56  CYS A CB  1 
ATOM   415  S SG  . CYS A 1 56  ? -7.161  -14.030 -10.839 1.00 16.33 ? 56  CYS A SG  1 
ATOM   416  N N   . ASP A 1 57  ? -7.015  -13.897 -5.898  1.00 12.77 ? 57  ASP A N   1 
ATOM   417  C CA  . ASP A 1 57  ? -6.528  -14.242 -4.567  1.00 11.42 ? 57  ASP A CA  1 
ATOM   418  C C   . ASP A 1 57  ? -7.662  -14.828 -3.740  1.00 12.90 ? 57  ASP A C   1 
ATOM   419  O O   . ASP A 1 57  ? -8.422  -14.102 -3.103  1.00 14.32 ? 57  ASP A O   1 
ATOM   420  C CB  . ASP A 1 57  ? -5.938  -13.006 -3.884  1.00 11.86 ? 57  ASP A CB  1 
ATOM   421  C CG  . ASP A 1 57  ? -5.377  -13.294 -2.511  1.00 10.83 ? 57  ASP A CG  1 
ATOM   422  O OD1 . ASP A 1 57  ? -5.461  -14.435 -2.030  1.00 9.65  ? 57  ASP A OD1 1 
ATOM   423  O OD2 . ASP A 1 57  ? -4.845  -12.357 -1.901  1.00 13.05 ? 57  ASP A OD2 1 
ATOM   424  N N   . LYS A 1 58  ? -7.735  -16.151 -3.723  1.00 12.10 ? 58  LYS A N   1 
ATOM   425  C CA  . LYS A 1 58  ? -8.777  -16.849 -2.990  1.00 13.44 ? 58  LYS A CA  1 
ATOM   426  C C   . LYS A 1 58  ? -8.539  -17.011 -1.496  1.00 11.62 ? 58  LYS A C   1 
ATOM   427  O O   . LYS A 1 58  ? -9.390  -17.547 -0.786  1.00 12.39 ? 58  LYS A O   1 
ATOM   428  C CB  . LYS A 1 58  ? -9.048  -18.199 -3.640  1.00 18.18 ? 58  LYS A CB  1 
ATOM   429  C CG  . LYS A 1 58  ? -10.299 -18.206 -4.479  1.00 24.95 ? 58  LYS A CG  1 
ATOM   430  C CD  . LYS A 1 58  ? -10.300 -17.141 -5.554  1.00 25.86 ? 58  LYS A CD  1 
ATOM   431  C CE  . LYS A 1 58  ? -11.561 -16.301 -5.462  1.00 29.37 ? 58  LYS A CE  1 
ATOM   432  N NZ  . LYS A 1 58  ? -11.940 -15.692 -6.772  1.00 27.12 ? 58  LYS A NZ  1 
ATOM   433  N N   . THR A 1 59  ? -7.375  -16.574 -1.022  1.00 10.27 ? 59  THR A N   1 
ATOM   434  C CA  . THR A 1 59  ? -7.065  -16.655 0.402   1.00 9.07  ? 59  THR A CA  1 
ATOM   435  C C   . THR A 1 59  ? -7.562  -15.379 1.075   1.00 10.17 ? 59  THR A C   1 
ATOM   436  O O   . THR A 1 59  ? -7.523  -15.246 2.300   1.00 11.82 ? 59  THR A O   1 
ATOM   437  C CB  . THR A 1 59  ? -5.563  -16.859 0.655   1.00 9.64  ? 59  THR A CB  1 
ATOM   438  O OG1 . THR A 1 59  ? -4.842  -15.685 0.277   1.00 10.43 ? 59  THR A OG1 1 
ATOM   439  C CG2 . THR A 1 59  ? -5.054  -18.041 -0.152  1.00 9.89  ? 59  THR A CG2 1 
ATOM   440  N N   . ASP A 1 60  ? -8.038  -14.452 0.244   1.00 8.72  ? 60  ASP A N   1 
ATOM   441  C CA  . ASP A 1 60  ? -8.600  -13.186 0.701   1.00 9.80  ? 60  ASP A CA  1 
ATOM   442  C C   . ASP A 1 60  ? -10.048 -13.084 0.227   1.00 12.74 ? 60  ASP A C   1 
ATOM   443  O O   . ASP A 1 60  ? -10.544 -14.004 -0.436  1.00 13.57 ? 60  ASP A O   1 
ATOM   444  C CB  . ASP A 1 60  ? -7.741  -12.006 0.253   1.00 9.21  ? 60  ASP A CB  1 
ATOM   445  C CG  . ASP A 1 60  ? -6.498  -11.866 1.100   1.00 9.28  ? 60  ASP A CG  1 
ATOM   446  O OD1 . ASP A 1 60  ? -6.636  -11.753 2.327   1.00 11.08 ? 60  ASP A OD1 1 
ATOM   447  O OD2 . ASP A 1 60  ? -5.380  -11.933 0.567   1.00 9.55  ? 60  ASP A OD2 1 
ATOM   448  N N   . SER A 1 61  ? -10.732 -11.993 0.565   1.00 10.14 ? 61  SER A N   1 
ATOM   449  C CA  . SER A 1 61  ? -12.146 -11.872 0.218   1.00 11.53 ? 61  SER A CA  1 
ATOM   450  C C   . SER A 1 61  ? -12.590 -10.751 -0.717  1.00 12.22 ? 61  SER A C   1 
ATOM   451  O O   . SER A 1 61  ? -13.636 -10.143 -0.500  1.00 13.67 ? 61  SER A O   1 
ATOM   452  C CB  . SER A 1 61  ? -12.977 -11.834 1.502   1.00 10.68 ? 61  SER A CB  1 
ATOM   453  O OG  . SER A 1 61  ? -12.706 -12.964 2.317   1.00 12.79 ? 61  SER A OG  1 
ATOM   454  N N   . GLY A 1 62  ? -11.808 -10.494 -1.760  1.00 13.14 ? 62  GLY A N   1 
ATOM   455  C CA  . GLY A 1 62  ? -12.156 -9.466  -2.729  1.00 13.26 ? 62  GLY A CA  1 
ATOM   456  C C   . GLY A 1 62  ? -12.649 -8.145  -2.171  1.00 14.48 ? 62  GLY A C   1 
ATOM   457  O O   . GLY A 1 62  ? -11.941 -7.475  -1.421  1.00 13.91 ? 62  GLY A O   1 
ATOM   458  N N   . CYS A 1 63  ? -13.871 -7.768  -2.544  1.00 12.79 ? 63  CYS A N   1 
ATOM   459  C CA  . CYS A 1 63  ? -14.462 -6.512  -2.082  1.00 12.92 ? 63  CYS A CA  1 
ATOM   460  C C   . CYS A 1 63  ? -14.928 -6.526  -0.629  1.00 13.33 ? 63  CYS A C   1 
ATOM   461  O O   . CYS A 1 63  ? -15.324 -5.489  -0.095  1.00 16.72 ? 63  CYS A O   1 
ATOM   462  C CB  . CYS A 1 63  ? -15.607 -6.088  -3.003  1.00 11.69 ? 63  CYS A CB  1 
ATOM   463  S SG  . CYS A 1 63  ? -15.059 -5.677  -4.687  1.00 13.80 ? 63  CYS A SG  1 
ATOM   464  N N   . SER A 1 64  ? -14.882 -7.691  0.008   0.50 9.14  ? 64  SER A N   1 
ATOM   465  C CA  . SER A 1 64  ? -15.285 -7.825  1.402   0.50 7.77  ? 64  SER A CA  1 
ATOM   466  C C   . SER A 1 64  ? -14.102 -7.704  2.358   0.50 7.93  ? 64  SER A C   1 
ATOM   467  O O   . SER A 1 64  ? -14.274 -7.756  3.573   0.50 8.40  ? 64  SER A O   1 
ATOM   468  C CB  . SER A 1 64  ? -16.004 -9.154  1.629   0.50 5.35  ? 64  SER A CB  1 
ATOM   469  O OG  . SER A 1 64  ? -17.276 -9.144  1.012   0.50 5.23  ? 64  SER A OG  1 
ATOM   470  N N   . GLY A 1 65  ? -12.900 -7.563  1.810   1.00 12.09 ? 65  GLY A N   1 
ATOM   471  C CA  . GLY A 1 65  ? -11.729 -7.428  2.661   1.00 10.92 ? 65  GLY A CA  1 
ATOM   472  C C   . GLY A 1 65  ? -10.605 -8.414  2.414   1.00 10.84 ? 65  GLY A C   1 
ATOM   473  O O   . GLY A 1 65  ? -10.740 -9.344  1.625   1.00 11.16 ? 65  GLY A O   1 
ATOM   474  N N   . GLY A 1 66  ? -9.493  -8.203  3.113   1.00 9.26  ? 66  GLY A N   1 
ATOM   475  C CA  . GLY A 1 66  ? -8.334  -9.061  2.974   1.00 8.71  ? 66  GLY A CA  1 
ATOM   476  C C   . GLY A 1 66  ? -7.133  -8.543  3.738   1.00 8.97  ? 66  GLY A C   1 
ATOM   477  O O   . GLY A 1 66  ? -7.149  -7.431  4.278   1.00 8.20  ? 66  GLY A O   1 
ATOM   478  N N   . LEU A 1 67  ? -6.079  -9.348  3.762   1.00 6.78  ? 67  LEU A N   1 
ATOM   479  C CA  . LEU A 1 67  ? -4.844  -9.022  4.455   1.00 9.02  ? 67  LEU A CA  1 
ATOM   480  C C   . LEU A 1 67  ? -3.688  -8.917  3.461   1.00 10.12 ? 67  LEU A C   1 
ATOM   481  O O   . LEU A 1 67  ? -3.551  -9.755  2.563   1.00 7.77  ? 67  LEU A O   1 
ATOM   482  C CB  . LEU A 1 67  ? -4.531  -10.105 5.494   1.00 8.88  ? 67  LEU A CB  1 
ATOM   483  C CG  . LEU A 1 67  ? -5.636  -10.443 6.501   1.00 7.57  ? 67  LEU A CG  1 
ATOM   484  C CD1 . LEU A 1 67  ? -5.191  -11.576 7.405   1.00 10.16 ? 67  LEU A CD1 1 
ATOM   485  C CD2 . LEU A 1 67  ? -5.976  -9.200  7.320   1.00 6.71  ? 67  LEU A CD2 1 
ATOM   486  N N   . MET A 1 68  ? -2.871  -7.875  3.604   1.00 8.75  ? 68  MET A N   1 
ATOM   487  C CA  . MET A 1 68  ? -1.734  -7.683  2.714   1.00 7.18  ? 68  MET A CA  1 
ATOM   488  C C   . MET A 1 68  ? -0.779  -8.869  2.787   1.00 7.06  ? 68  MET A C   1 
ATOM   489  O O   . MET A 1 68  ? -0.237  -9.288  1.769   1.00 8.49  ? 68  MET A O   1 
ATOM   490  C CB  . MET A 1 68  ? -0.982  -6.389  3.038   1.00 5.37  ? 68  MET A CB  1 
ATOM   491  C CG  . MET A 1 68  ? -1.719  -5.128  2.628   1.00 6.19  ? 68  MET A CG  1 
ATOM   492  S SD  . MET A 1 68  ? -2.997  -4.635  3.806   1.00 9.76  ? 68  MET A SD  1 
ATOM   493  C CE  . MET A 1 68  ? -1.965  -3.806  5.050   1.00 8.61  ? 68  MET A CE  1 
ATOM   494  N N   . ASN A 1 69  ? -0.583  -9.402  3.992   1.00 5.49  ? 69  ASN A N   1 
ATOM   495  C CA  . ASN A 1 69  ? 0.301   -10.547 4.173   1.00 7.31  ? 69  ASN A CA  1 
ATOM   496  C C   . ASN A 1 69  ? -0.211  -11.792 3.441   1.00 9.75  ? 69  ASN A C   1 
ATOM   497  O O   . ASN A 1 69  ? 0.587   -12.565 2.910   1.00 8.11  ? 69  ASN A O   1 
ATOM   498  C CB  . ASN A 1 69  ? 0.528   -10.831 5.657   1.00 10.40 ? 69  ASN A CB  1 
ATOM   499  C CG  . ASN A 1 69  ? 1.411   -9.781  6.319   1.00 12.87 ? 69  ASN A CG  1 
ATOM   500  O OD1 . ASN A 1 69  ? 2.220   -9.130  5.654   1.00 13.50 ? 69  ASN A OD1 1 
ATOM   501  N ND2 . ASN A 1 69  ? 1.256   -9.608  7.630   1.00 15.23 ? 69  ASN A ND2 1 
ATOM   502  N N   . ASN A 1 70  ? -1.532  -11.971 3.393   1.00 8.13  ? 70  ASN A N   1 
ATOM   503  C CA  . ASN A 1 70  ? -2.131  -13.111 2.685   1.00 9.43  ? 70  ASN A CA  1 
ATOM   504  C C   . ASN A 1 70  ? -1.883  -12.934 1.188   1.00 10.93 ? 70  ASN A C   1 
ATOM   505  O O   . ASN A 1 70  ? -1.549  -13.888 0.482   1.00 10.48 ? 70  ASN A O   1 
ATOM   506  C CB  . ASN A 1 70  ? -3.649  -13.182 2.920   1.00 9.22  ? 70  ASN A CB  1 
ATOM   507  C CG  . ASN A 1 70  ? -4.024  -13.857 4.226   1.00 9.14  ? 70  ASN A CG  1 
ATOM   508  O OD1 . ASN A 1 70  ? -3.169  -14.202 5.036   1.00 10.39 ? 70  ASN A OD1 1 
ATOM   509  N ND2 . ASN A 1 70  ? -5.322  -14.046 4.434   1.00 9.46  ? 70  ASN A ND2 1 
ATOM   510  N N   . ALA A 1 71  ? -2.052  -11.702 0.715   1.00 8.18  ? 71  ALA A N   1 
ATOM   511  C CA  . ALA A 1 71  ? -1.857  -11.378 -0.688  1.00 8.82  ? 71  ALA A CA  1 
ATOM   512  C C   . ALA A 1 71  ? -0.419  -11.658 -1.126  1.00 8.06  ? 71  ALA A C   1 
ATOM   513  O O   . ALA A 1 71  ? -0.199  -12.273 -2.167  1.00 8.95  ? 71  ALA A O   1 
ATOM   514  C CB  . ALA A 1 71  ? -2.229  -9.921  -0.951  1.00 8.44  ? 71  ALA A CB  1 
ATOM   515  N N   . PHE A 1 72  ? 0.554   -11.234 -0.322  1.00 7.33  ? 72  PHE A N   1 
ATOM   516  C CA  . PHE A 1 72  ? 1.963   -11.459 -0.643  1.00 8.32  ? 72  PHE A CA  1 
ATOM   517  C C   . PHE A 1 72  ? 2.254   -12.952 -0.789  1.00 11.56 ? 72  PHE A C   1 
ATOM   518  O O   . PHE A 1 72  ? 2.918   -13.370 -1.733  1.00 12.87 ? 72  PHE A O   1 
ATOM   519  C CB  . PHE A 1 72  ? 2.869   -10.850 0.430   1.00 7.37  ? 72  PHE A CB  1 
ATOM   520  C CG  . PHE A 1 72  ? 2.864   -9.343  0.453   1.00 7.89  ? 72  PHE A CG  1 
ATOM   521  C CD1 . PHE A 1 72  ? 2.796   -8.611  -0.734  1.00 7.38  ? 72  PHE A CD1 1 
ATOM   522  C CD2 . PHE A 1 72  ? 2.943   -8.656  1.663   1.00 6.51  ? 72  PHE A CD2 1 
ATOM   523  C CE1 . PHE A 1 72  ? 2.809   -7.220  -0.712  1.00 6.32  ? 72  PHE A CE1 1 
ATOM   524  C CE2 . PHE A 1 72  ? 2.958   -7.269  1.695   1.00 3.68  ? 72  PHE A CE2 1 
ATOM   525  C CZ  . PHE A 1 72  ? 2.891   -6.549  0.509   1.00 6.84  ? 72  PHE A CZ  1 
ATOM   526  N N   . GLU A 1 73  ? 1.724   -13.745 0.137   1.00 12.36 ? 73  GLU A N   1 
ATOM   527  C CA  . GLU A 1 73  ? 1.910   -15.193 0.115   1.00 13.95 ? 73  GLU A CA  1 
ATOM   528  C C   . GLU A 1 73  ? 1.197   -15.866 -1.056  1.00 11.84 ? 73  GLU A C   1 
ATOM   529  O O   . GLU A 1 73  ? 1.723   -16.811 -1.634  1.00 13.31 ? 73  GLU A O   1 
ATOM   530  C CB  . GLU A 1 73  ? 1.448   -15.814 1.437   1.00 17.56 ? 73  GLU A CB  1 
ATOM   531  C CG  . GLU A 1 73  ? 2.423   -15.627 2.586   1.00 27.33 ? 73  GLU A CG  1 
ATOM   532  C CD  . GLU A 1 73  ? 3.784   -16.256 2.311   1.00 34.97 ? 73  GLU A CD  1 
ATOM   533  O OE1 . GLU A 1 73  ? 3.829   -17.467 1.997   1.00 41.70 ? 73  GLU A OE1 1 
ATOM   534  O OE2 . GLU A 1 73  ? 4.808   -15.541 2.401   1.00 38.76 ? 73  GLU A OE2 1 
ATOM   535  N N   . TRP A 1 74  ? -0.002  -15.399 -1.394  1.00 11.33 ? 74  TRP A N   1 
ATOM   536  C CA  . TRP A 1 74  ? -0.744  -15.975 -2.511  1.00 9.12  ? 74  TRP A CA  1 
ATOM   537  C C   . TRP A 1 74  ? 0.064   -15.808 -3.803  1.00 10.80 ? 74  TRP A C   1 
ATOM   538  O O   . TRP A 1 74  ? 0.160   -16.733 -4.605  1.00 9.75  ? 74  TRP A O   1 
ATOM   539  C CB  . TRP A 1 74  ? -2.119  -15.311 -2.670  1.00 9.19  ? 74  TRP A CB  1 
ATOM   540  C CG  . TRP A 1 74  ? -2.880  -15.821 -3.869  1.00 7.80  ? 74  TRP A CG  1 
ATOM   541  C CD1 . TRP A 1 74  ? -3.675  -16.923 -3.921  1.00 8.71  ? 74  TRP A CD1 1 
ATOM   542  C CD2 . TRP A 1 74  ? -2.854  -15.279 -5.196  1.00 8.98  ? 74  TRP A CD2 1 
ATOM   543  N NE1 . TRP A 1 74  ? -4.145  -17.112 -5.198  1.00 5.60  ? 74  TRP A NE1 1 
ATOM   544  C CE2 . TRP A 1 74  ? -3.656  -16.120 -6.004  1.00 7.95  ? 74  TRP A CE2 1 
ATOM   545  C CE3 . TRP A 1 74  ? -2.233  -14.172 -5.788  1.00 7.17  ? 74  TRP A CE3 1 
ATOM   546  C CZ2 . TRP A 1 74  ? -3.849  -15.888 -7.368  1.00 9.18  ? 74  TRP A CZ2 1 
ATOM   547  C CZ3 . TRP A 1 74  ? -2.426  -13.940 -7.150  1.00 9.17  ? 74  TRP A CZ3 1 
ATOM   548  C CH2 . TRP A 1 74  ? -3.228  -14.796 -7.923  1.00 11.13 ? 74  TRP A CH2 1 
ATOM   549  N N   . ILE A 1 75  ? 0.626   -14.619 -4.006  1.00 9.59  ? 75  ILE A N   1 
ATOM   550  C CA  . ILE A 1 75  ? 1.421   -14.344 -5.198  1.00 10.07 ? 75  ILE A CA  1 
ATOM   551  C C   . ILE A 1 75  ? 2.548   -15.372 -5.328  1.00 11.65 ? 75  ILE A C   1 
ATOM   552  O O   . ILE A 1 75  ? 2.700   -16.009 -6.369  1.00 11.57 ? 75  ILE A O   1 
ATOM   553  C CB  . ILE A 1 75  ? 2.016   -12.913 -5.152  1.00 10.37 ? 75  ILE A CB  1 
ATOM   554  C CG1 . ILE A 1 75  ? 0.888   -11.877 -5.208  1.00 10.41 ? 75  ILE A CG1 1 
ATOM   555  C CG2 . ILE A 1 75  ? 2.997   -12.705 -6.297  1.00 11.29 ? 75  ILE A CG2 1 
ATOM   556  C CD1 . ILE A 1 75  ? 1.330   -10.453 -4.920  1.00 10.03 ? 75  ILE A CD1 1 
ATOM   557  N N   . VAL A 1 76  ? 3.290   -15.566 -4.245  1.00 12.41 ? 76  VAL A N   1 
ATOM   558  C CA  . VAL A 1 76  ? 4.400   -16.507 -4.224  1.00 13.26 ? 76  VAL A CA  1 
ATOM   559  C C   . VAL A 1 76  ? 3.972   -17.977 -4.327  1.00 16.22 ? 76  VAL A C   1 
ATOM   560  O O   . VAL A 1 76  ? 4.370   -18.680 -5.257  1.00 16.59 ? 76  VAL A O   1 
ATOM   561  C CB  . VAL A 1 76  ? 5.273   -16.307 -2.954  1.00 15.00 ? 76  VAL A CB  1 
ATOM   562  C CG1 . VAL A 1 76  ? 6.386   -17.341 -2.900  1.00 10.87 ? 76  VAL A CG1 1 
ATOM   563  C CG2 . VAL A 1 76  ? 5.862   -14.904 -2.945  1.00 13.00 ? 76  VAL A CG2 1 
ATOM   564  N N   . GLN A 1 77  ? 3.136   -18.424 -3.398  1.00 15.44 ? 77  GLN A N   1 
ATOM   565  C CA  . GLN A 1 77  ? 2.694   -19.812 -3.351  1.00 17.83 ? 77  GLN A CA  1 
ATOM   566  C C   . GLN A 1 77  ? 1.721   -20.296 -4.410  1.00 17.07 ? 77  GLN A C   1 
ATOM   567  O O   . GLN A 1 77  ? 1.769   -21.463 -4.794  1.00 17.77 ? 77  GLN A O   1 
ATOM   568  C CB  . GLN A 1 77  ? 2.107   -20.123 -1.980  1.00 20.07 ? 77  GLN A CB  1 
ATOM   569  C CG  . GLN A 1 77  ? 3.089   -20.020 -0.832  1.00 30.39 ? 77  GLN A CG  1 
ATOM   570  C CD  . GLN A 1 77  ? 2.432   -20.243 0.520   1.00 38.51 ? 77  GLN A CD  1 
ATOM   571  O OE1 . GLN A 1 77  ? 3.082   -20.136 1.557   1.00 45.53 ? 77  GLN A OE1 1 
ATOM   572  N NE2 . GLN A 1 77  ? 1.136   -20.555 0.517   1.00 43.84 ? 77  GLN A NE2 1 
ATOM   573  N N   . GLU A 1 78  ? 0.841   -19.421 -4.882  1.00 16.62 ? 78  GLU A N   1 
ATOM   574  C CA  . GLU A 1 78  ? -0.168  -19.818 -5.863  1.00 16.66 ? 78  GLU A CA  1 
ATOM   575  C C   . GLU A 1 78  ? -0.046  -19.263 -7.276  1.00 15.83 ? 78  GLU A C   1 
ATOM   576  O O   . GLU A 1 78  ? -0.576  -19.857 -8.214  1.00 18.81 ? 78  GLU A O   1 
ATOM   577  C CB  . GLU A 1 78  ? -1.565  -19.493 -5.330  1.00 20.39 ? 78  GLU A CB  1 
ATOM   578  C CG  . GLU A 1 78  ? -1.880  -20.075 -3.945  1.00 27.48 ? 78  GLU A CG  1 
ATOM   579  C CD  . GLU A 1 78  ? -1.983  -21.593 -3.929  1.00 31.40 ? 78  GLU A CD  1 
ATOM   580  O OE1 . GLU A 1 78  ? -2.429  -22.178 -4.941  1.00 34.92 ? 78  GLU A OE1 1 
ATOM   581  O OE2 . GLU A 1 78  ? -1.626  -22.199 -2.895  1.00 33.18 ? 78  GLU A OE2 1 
ATOM   582  N N   . ASN A 1 79  A 0.634   -18.136 -7.447  1.00 12.79 ? 78  ASN A N   1 
ATOM   583  C CA  . ASN A 1 79  A 0.756   -17.552 -8.775  1.00 12.44 ? 78  ASN A CA  1 
ATOM   584  C C   . ASN A 1 79  A 2.181   -17.546 -9.326  1.00 13.45 ? 78  ASN A C   1 
ATOM   585  O O   . ASN A 1 79  A 2.493   -16.773 -10.232 1.00 8.81  ? 78  ASN A O   1 
ATOM   586  C CB  . ASN A 1 79  A 0.176   -16.132 -8.776  1.00 12.58 ? 78  ASN A CB  1 
ATOM   587  C CG  . ASN A 1 79  A -0.387  -15.732 -10.126 1.00 12.93 ? 78  ASN A CG  1 
ATOM   588  O OD1 . ASN A 1 79  A -0.240  -14.586 -10.568 1.00 14.59 ? 78  ASN A OD1 1 
ATOM   589  N ND2 . ASN A 1 79  A -1.046  -16.673 -10.789 1.00 10.29 ? 78  ASN A ND2 1 
ATOM   590  N N   . ASN A 1 80  B 3.030   -18.428 -8.794  1.00 12.86 ? 78  ASN A N   1 
ATOM   591  C CA  . ASN A 1 80  B 4.426   -18.540 -9.224  1.00 15.95 ? 78  ASN A CA  1 
ATOM   592  C C   . ASN A 1 80  B 5.212   -17.238 -9.084  1.00 15.66 ? 78  ASN A C   1 
ATOM   593  O O   . ASN A 1 80  B 6.115   -16.952 -9.876  1.00 16.29 ? 78  ASN A O   1 
ATOM   594  C CB  . ASN A 1 80  B 4.509   -19.066 -10.664 1.00 16.17 ? 78  ASN A CB  1 
ATOM   595  C CG  . ASN A 1 80  B 4.182   -20.543 -10.759 1.00 20.86 ? 78  ASN A CG  1 
ATOM   596  O OD1 . ASN A 1 80  B 3.045   -20.922 -11.043 1.00 22.54 ? 78  ASN A OD1 1 
ATOM   597  N ND2 . ASN A 1 80  B 5.178   -21.387 -10.506 1.00 18.56 ? 78  ASN A ND2 1 
ATOM   598  N N   . GLY A 1 81  C 4.849   -16.456 -8.070  1.00 13.21 ? 78  GLY A N   1 
ATOM   599  C CA  . GLY A 1 81  C 5.508   -15.187 -7.804  1.00 13.71 ? 78  GLY A CA  1 
ATOM   600  C C   . GLY A 1 81  C 5.201   -14.045 -8.751  1.00 12.21 ? 78  GLY A C   1 
ATOM   601  O O   . GLY A 1 81  C 5.722   -12.950 -8.565  1.00 12.72 ? 78  GLY A O   1 
ATOM   602  N N   . ALA A 1 82  ? 4.305   -14.268 -9.713  1.00 11.58 ? 79  ALA A N   1 
ATOM   603  C CA  . ALA A 1 82  ? 3.963   -13.254 -10.711 1.00 11.37 ? 79  ALA A CA  1 
ATOM   604  C C   . ALA A 1 82  ? 2.908   -12.237 -10.323 1.00 13.63 ? 79  ALA A C   1 
ATOM   605  O O   . ALA A 1 82  ? 1.943   -12.547 -9.629  1.00 11.72 ? 79  ALA A O   1 
ATOM   606  C CB  . ALA A 1 82  ? 3.557   -13.918 -12.017 1.00 9.38  ? 79  ALA A CB  1 
ATOM   607  N N   . VAL A 1 83  ? 3.086   -11.025 -10.837 1.00 12.45 ? 80  VAL A N   1 
ATOM   608  C CA  . VAL A 1 83  ? 2.161   -9.924  -10.612 1.00 11.65 ? 80  VAL A CA  1 
ATOM   609  C C   . VAL A 1 83  ? 1.975   -9.282  -11.984 1.00 12.35 ? 80  VAL A C   1 
ATOM   610  O O   . VAL A 1 83  ? 2.931   -8.781  -12.565 1.00 11.85 ? 80  VAL A O   1 
ATOM   611  C CB  . VAL A 1 83  ? 2.742   -8.888  -9.616  1.00 12.74 ? 80  VAL A CB  1 
ATOM   612  C CG1 . VAL A 1 83  ? 1.724   -7.787  -9.356  1.00 11.15 ? 80  VAL A CG1 1 
ATOM   613  C CG2 . VAL A 1 83  ? 3.135   -9.571  -8.314  1.00 11.02 ? 80  VAL A CG2 1 
ATOM   614  N N   . TYR A 1 84  ? 0.755   -9.340  -12.514 1.00 13.31 ? 81  TYR A N   1 
ATOM   615  C CA  . TYR A 1 84  ? 0.456   -8.786  -13.835 1.00 14.36 ? 81  TYR A CA  1 
ATOM   616  C C   . TYR A 1 84  ? 0.450   -7.264  -13.868 1.00 15.69 ? 81  TYR A C   1 
ATOM   617  O O   . TYR A 1 84  ? 0.296   -6.611  -12.837 1.00 14.83 ? 81  TYR A O   1 
ATOM   618  C CB  . TYR A 1 84  ? -0.904  -9.271  -14.327 1.00 15.02 ? 81  TYR A CB  1 
ATOM   619  C CG  . TYR A 1 84  ? -1.116  -10.758 -14.227 1.00 16.65 ? 81  TYR A CG  1 
ATOM   620  C CD1 . TYR A 1 84  ? -2.277  -11.269 -13.649 1.00 17.39 ? 81  TYR A CD1 1 
ATOM   621  C CD2 . TYR A 1 84  ? -0.176  -11.656 -14.726 1.00 19.62 ? 81  TYR A CD2 1 
ATOM   622  C CE1 . TYR A 1 84  ? -2.501  -12.640 -13.572 1.00 20.51 ? 81  TYR A CE1 1 
ATOM   623  C CE2 . TYR A 1 84  ? -0.391  -13.037 -14.654 1.00 22.63 ? 81  TYR A CE2 1 
ATOM   624  C CZ  . TYR A 1 84  ? -1.558  -13.516 -14.075 1.00 21.91 ? 81  TYR A CZ  1 
ATOM   625  O OH  . TYR A 1 84  ? -1.798  -14.867 -14.015 1.00 27.85 ? 81  TYR A OH  1 
ATOM   626  N N   . THR A 1 85  ? 0.628   -6.709  -15.063 1.00 14.83 ? 82  THR A N   1 
ATOM   627  C CA  . THR A 1 85  ? 0.613   -5.263  -15.243 1.00 14.41 ? 82  THR A CA  1 
ATOM   628  C C   . THR A 1 85  ? -0.850  -4.838  -15.177 1.00 16.06 ? 82  THR A C   1 
ATOM   629  O O   . THR A 1 85  ? -1.750  -5.625  -15.497 1.00 14.66 ? 82  THR A O   1 
ATOM   630  C CB  . THR A 1 85  ? 1.168   -4.843  -16.629 1.00 13.28 ? 82  THR A CB  1 
ATOM   631  O OG1 . THR A 1 85  ? 0.369   -5.441  -17.654 1.00 13.07 ? 82  THR A OG1 1 
ATOM   632  C CG2 . THR A 1 85  ? 2.614   -5.276  -16.794 1.00 13.11 ? 82  THR A CG2 1 
ATOM   633  N N   . GLU A 1 86  ? -1.087  -3.592  -14.779 1.00 16.69 ? 83  GLU A N   1 
ATOM   634  C CA  . GLU A 1 86  ? -2.443  -3.066  -14.683 1.00 16.58 ? 83  GLU A CA  1 
ATOM   635  C C   . GLU A 1 86  ? -3.091  -2.956  -16.066 1.00 17.75 ? 83  GLU A C   1 
ATOM   636  O O   . GLU A 1 86  ? -4.300  -3.133  -16.207 1.00 20.20 ? 83  GLU A O   1 
ATOM   637  C CB  . GLU A 1 86  ? -2.433  -1.698  -13.986 1.00 15.76 ? 83  GLU A CB  1 
ATOM   638  C CG  . GLU A 1 86  ? -3.825  -1.152  -13.662 1.00 19.70 ? 83  GLU A CG  1 
ATOM   639  C CD  . GLU A 1 86  ? -3.796  0.105   -12.798 1.00 23.61 ? 83  GLU A CD  1 
ATOM   640  O OE1 . GLU A 1 86  ? -4.883  0.616   -12.459 1.00 24.83 ? 83  GLU A OE1 1 
ATOM   641  O OE2 . GLU A 1 86  ? -2.697  0.582   -12.449 1.00 22.09 ? 83  GLU A OE2 1 
ATOM   642  N N   . ASP A 1 87  ? -2.284  -2.677  -17.085 0.50 16.08 ? 84  ASP A N   1 
ATOM   643  C CA  . ASP A 1 87  ? -2.784  -2.549  -18.449 0.50 14.85 ? 84  ASP A CA  1 
ATOM   644  C C   . ASP A 1 87  ? -3.347  -3.854  -18.991 0.50 13.95 ? 84  ASP A C   1 
ATOM   645  O O   . ASP A 1 87  ? -4.311  -3.850  -19.753 0.50 11.93 ? 84  ASP A O   1 
ATOM   646  C CB  . ASP A 1 87  ? -1.682  -2.045  -19.381 0.50 16.31 ? 84  ASP A CB  1 
ATOM   647  C CG  . ASP A 1 87  ? -1.347  -0.587  -19.151 0.50 18.68 ? 84  ASP A CG  1 
ATOM   648  O OD1 . ASP A 1 87  ? -2.236  0.177   -18.715 0.50 22.72 ? 84  ASP A OD1 1 
ATOM   649  O OD2 . ASP A 1 87  ? -0.194  -0.200  -19.418 0.50 23.33 ? 84  ASP A OD2 1 
ATOM   650  N N   . SER A 1 88  ? -2.740  -4.969  -18.594 1.00 16.24 ? 85  SER A N   1 
ATOM   651  C CA  . SER A 1 88  ? -3.185  -6.281  -19.050 1.00 18.32 ? 85  SER A CA  1 
ATOM   652  C C   . SER A 1 88  ? -4.311  -6.856  -18.195 1.00 18.40 ? 85  SER A C   1 
ATOM   653  O O   . SER A 1 88  ? -5.008  -7.781  -18.616 1.00 20.53 ? 85  SER A O   1 
ATOM   654  C CB  . SER A 1 88  ? -2.003  -7.260  -19.115 1.00 20.10 ? 85  SER A CB  1 
ATOM   655  O OG  . SER A 1 88  ? -1.551  -7.624  -17.823 1.00 21.46 ? 85  SER A OG  1 
ATOM   656  N N   . TYR A 1 89  ? -4.484  -6.309  -16.992 1.00 17.37 ? 86  TYR A N   1 
ATOM   657  C CA  . TYR A 1 89  ? -5.540  -6.765  -16.091 1.00 16.11 ? 86  TYR A CA  1 
ATOM   658  C C   . TYR A 1 89  ? -6.080  -5.534  -15.348 1.00 17.35 ? 86  TYR A C   1 
ATOM   659  O O   . TYR A 1 89  ? -5.861  -5.374  -14.144 1.00 15.32 ? 86  TYR A O   1 
ATOM   660  C CB  . TYR A 1 89  ? -4.989  -7.804  -15.103 1.00 13.57 ? 86  TYR A CB  1 
ATOM   661  C CG  . TYR A 1 89  ? -6.023  -8.787  -14.585 1.00 15.16 ? 86  TYR A CG  1 
ATOM   662  C CD1 . TYR A 1 89  ? -5.637  -10.034 -14.093 1.00 15.02 ? 86  TYR A CD1 1 
ATOM   663  C CD2 . TYR A 1 89  ? -7.389  -8.488  -14.607 1.00 13.97 ? 86  TYR A CD2 1 
ATOM   664  C CE1 . TYR A 1 89  ? -6.581  -10.956 -13.642 1.00 14.37 ? 86  TYR A CE1 1 
ATOM   665  C CE2 . TYR A 1 89  ? -8.336  -9.401  -14.161 1.00 15.09 ? 86  TYR A CE2 1 
ATOM   666  C CZ  . TYR A 1 89  ? -7.926  -10.634 -13.682 1.00 14.92 ? 86  TYR A CZ  1 
ATOM   667  O OH  . TYR A 1 89  ? -8.864  -11.546 -13.257 1.00 17.08 ? 86  TYR A OH  1 
ATOM   668  N N   . PRO A 1 90  ? -6.792  -4.647  -16.072 1.00 17.26 ? 87  PRO A N   1 
ATOM   669  C CA  . PRO A 1 90  ? -7.396  -3.406  -15.575 1.00 15.99 ? 87  PRO A CA  1 
ATOM   670  C C   . PRO A 1 90  ? -8.366  -3.579  -14.406 1.00 15.92 ? 87  PRO A C   1 
ATOM   671  O O   . PRO A 1 90  ? -9.011  -4.622  -14.257 1.00 12.30 ? 87  PRO A O   1 
ATOM   672  C CB  . PRO A 1 90  ? -8.125  -2.869  -16.809 1.00 18.71 ? 87  PRO A CB  1 
ATOM   673  C CG  . PRO A 1 90  ? -7.324  -3.396  -17.944 1.00 19.75 ? 87  PRO A CG  1 
ATOM   674  C CD  . PRO A 1 90  ? -7.085  -4.812  -17.508 1.00 18.18 ? 87  PRO A CD  1 
ATOM   675  N N   . TYR A 1 91  ? -8.472  -2.539  -13.585 1.00 16.67 ? 88  TYR A N   1 
ATOM   676  C CA  . TYR A 1 91  ? -9.371  -2.552  -12.438 1.00 15.84 ? 88  TYR A CA  1 
ATOM   677  C C   . TYR A 1 91  ? -10.802 -2.455  -12.950 1.00 17.29 ? 88  TYR A C   1 
ATOM   678  O O   . TYR A 1 91  ? -11.122 -1.584  -13.764 1.00 19.06 ? 88  TYR A O   1 
ATOM   679  C CB  . TYR A 1 91  ? -9.058  -1.387  -11.495 1.00 13.78 ? 88  TYR A CB  1 
ATOM   680  C CG  . TYR A 1 91  ? -9.746  -1.493  -10.151 1.00 13.05 ? 88  TYR A CG  1 
ATOM   681  C CD1 . TYR A 1 91  ? -9.383  -2.490  -9.242  1.00 13.54 ? 88  TYR A CD1 1 
ATOM   682  C CD2 . TYR A 1 91  ? -10.753 -0.603  -9.787  1.00 11.73 ? 88  TYR A CD2 1 
ATOM   683  C CE1 . TYR A 1 91  ? -10.007 -2.598  -8.007  1.00 11.30 ? 88  TYR A CE1 1 
ATOM   684  C CE2 . TYR A 1 91  ? -11.383 -0.702  -8.549  1.00 12.02 ? 88  TYR A CE2 1 
ATOM   685  C CZ  . TYR A 1 91  ? -11.003 -1.701  -7.667  1.00 12.57 ? 88  TYR A CZ  1 
ATOM   686  O OH  . TYR A 1 91  ? -11.612 -1.806  -6.446  1.00 15.40 ? 88  TYR A OH  1 
ATOM   687  N N   . ALA A 1 92  ? -11.651 -3.368  -12.494 1.00 18.83 ? 89  ALA A N   1 
ATOM   688  C CA  . ALA A 1 92  ? -13.046 -3.407  -12.909 1.00 20.37 ? 89  ALA A CA  1 
ATOM   689  C C   . ALA A 1 92  ? -13.957 -3.783  -11.745 1.00 21.02 ? 89  ALA A C   1 
ATOM   690  O O   . ALA A 1 92  ? -14.988 -4.427  -11.941 1.00 21.64 ? 89  ALA A O   1 
ATOM   691  C CB  . ALA A 1 92  ? -13.217 -4.405  -14.048 1.00 21.74 ? 89  ALA A CB  1 
ATOM   692  N N   . SER A 1 93  A -13.578 -3.365  -10.539 1.00 19.79 ? 89  SER A N   1 
ATOM   693  C CA  . SER A 1 93  A -14.358 -3.662  -9.340  1.00 21.23 ? 89  SER A CA  1 
ATOM   694  C C   . SER A 1 93  A -14.881 -2.404  -8.653  1.00 21.62 ? 89  SER A C   1 
ATOM   695  O O   . SER A 1 93  A -15.431 -2.478  -7.554  1.00 23.42 ? 89  SER A O   1 
ATOM   696  C CB  . SER A 1 93  A -13.522 -4.474  -8.345  1.00 19.52 ? 89  SER A CB  1 
ATOM   697  O OG  . SER A 1 93  A -13.195 -5.748  -8.871  1.00 21.01 ? 89  SER A OG  1 
ATOM   698  N N   . GLY A 1 94  B -14.735 -1.261  -9.318  1.00 23.32 ? 89  GLY A N   1 
ATOM   699  C CA  . GLY A 1 94  B -15.183 0.004   -8.757  1.00 25.76 ? 89  GLY A CA  1 
ATOM   700  C C   . GLY A 1 94  B -16.660 0.076   -8.427  1.00 27.74 ? 89  GLY A C   1 
ATOM   701  O O   . GLY A 1 94  B -17.077 0.896   -7.611  1.00 27.13 ? 89  GLY A O   1 
ATOM   702  N N   . GLU A 1 95  C -17.455 -0.787  -9.051  1.00 29.73 ? 89  GLU A N   1 
ATOM   703  C CA  . GLU A 1 95  C -18.892 -0.817  -8.818  1.00 33.40 ? 89  GLU A CA  1 
ATOM   704  C C   . GLU A 1 95  C -19.235 -1.591  -7.542  1.00 32.18 ? 89  GLU A C   1 
ATOM   705  O O   . GLU A 1 95  C -20.333 -1.452  -7.002  1.00 35.09 ? 89  GLU A O   1 
ATOM   706  C CB  . GLU A 1 95  C -19.599 -1.414  -10.040 1.00 37.09 ? 89  GLU A CB  1 
ATOM   707  C CG  . GLU A 1 95  C -21.120 -1.402  -9.996  1.00 42.39 ? 89  GLU A CG  1 
ATOM   708  C CD  . GLU A 1 95  C -21.718 -0.008  -9.890  1.00 46.26 ? 89  GLU A CD  1 
ATOM   709  O OE1 . GLU A 1 95  C -21.126 0.971   -10.407 1.00 43.81 ? 89  GLU A OE1 1 
ATOM   710  O OE2 . GLU A 1 95  C -22.806 0.094   -9.291  1.00 48.89 ? 89  GLU A OE2 1 
ATOM   711  N N   . GLY A 1 96  ? -18.280 -2.373  -7.045  1.00 31.88 ? 90  GLY A N   1 
ATOM   712  C CA  . GLY A 1 96  ? -18.499 -3.142  -5.834  1.00 30.82 ? 90  GLY A CA  1 
ATOM   713  C C   . GLY A 1 96  ? -18.599 -4.640  -6.060  1.00 30.53 ? 90  GLY A C   1 
ATOM   714  O O   . GLY A 1 96  ? -18.800 -5.401  -5.114  1.00 32.68 ? 90  GLY A O   1 
ATOM   715  N N   . ILE A 1 97  ? -18.488 -5.058  -7.316  0.65 29.88 ? 91  ILE A N   1 
ATOM   716  C CA  . ILE A 1 97  ? -18.562 -6.471  -7.665  0.65 28.66 ? 91  ILE A CA  1 
ATOM   717  C C   . ILE A 1 97  ? -17.312 -6.876  -8.423  0.65 28.65 ? 91  ILE A C   1 
ATOM   718  O O   . ILE A 1 97  ? -16.952 -6.268  -9.426  0.65 26.18 ? 91  ILE A O   1 
ATOM   719  C CB  . ILE A 1 97  ? -19.802 -6.789  -8.529  0.65 28.69 ? 91  ILE A CB  1 
ATOM   720  C CG1 . ILE A 1 97  ? -21.078 -6.499  -7.740  0.65 29.74 ? 91  ILE A CG1 1 
ATOM   721  C CG2 . ILE A 1 97  ? -19.783 -8.251  -8.966  0.65 29.15 ? 91  ILE A CG2 1 
ATOM   722  C CD1 . ILE A 1 97  ? -22.350 -6.806  -8.496  0.65 29.15 ? 91  ILE A CD1 1 
ATOM   723  N N   . SER A 1 98  ? -16.654 -7.916  -7.928  1.00 30.60 ? 92  SER A N   1 
ATOM   724  C CA  . SER A 1 98  ? -15.437 -8.413  -8.546  1.00 31.57 ? 92  SER A CA  1 
ATOM   725  C C   . SER A 1 98  ? -15.741 -9.472  -9.603  1.00 30.34 ? 92  SER A C   1 
ATOM   726  O O   . SER A 1 98  ? -16.443 -10.445 -9.328  1.00 31.53 ? 92  SER A O   1 
ATOM   727  C CB  . SER A 1 98  ? -14.524 -9.004  -7.466  1.00 33.14 ? 92  SER A CB  1 
ATOM   728  O OG  . SER A 1 98  ? -13.316 -9.486  -8.023  1.00 39.76 ? 92  SER A OG  1 
ATOM   729  N N   . PRO A 1 99  ? -15.271 -9.264  -10.846 1.00 28.84 ? 93  PRO A N   1 
ATOM   730  C CA  . PRO A 1 99  ? -15.503 -10.238 -11.921 1.00 30.00 ? 93  PRO A CA  1 
ATOM   731  C C   . PRO A 1 99  ? -14.650 -11.487 -11.658 1.00 31.10 ? 93  PRO A C   1 
ATOM   732  O O   . PRO A 1 99  ? -13.680 -11.431 -10.899 1.00 31.68 ? 93  PRO A O   1 
ATOM   733  C CB  . PRO A 1 99  ? -15.038 -9.485  -13.168 1.00 30.22 ? 93  PRO A CB  1 
ATOM   734  C CG  . PRO A 1 99  ? -13.982 -8.575  -12.644 1.00 29.98 ? 93  PRO A CG  1 
ATOM   735  C CD  . PRO A 1 99  ? -14.604 -8.061  -11.369 1.00 28.77 ? 93  PRO A CD  1 
ATOM   736  N N   . PRO A 1 100 ? -15.015 -12.634 -12.255 1.00 29.74 ? 94  PRO A N   1 
ATOM   737  C CA  . PRO A 1 100 ? -14.260 -13.877 -12.060 1.00 27.45 ? 94  PRO A CA  1 
ATOM   738  C C   . PRO A 1 100 ? -12.786 -13.773 -12.453 1.00 25.18 ? 94  PRO A C   1 
ATOM   739  O O   . PRO A 1 100 ? -12.398 -12.912 -13.245 1.00 24.43 ? 94  PRO A O   1 
ATOM   740  C CB  . PRO A 1 100 ? -15.001 -14.864 -12.962 1.00 29.76 ? 94  PRO A CB  1 
ATOM   741  C CG  . PRO A 1 100 ? -16.411 -14.362 -12.908 1.00 31.67 ? 94  PRO A CG  1 
ATOM   742  C CD  . PRO A 1 100 ? -16.214 -12.877 -13.074 1.00 30.35 ? 94  PRO A CD  1 
ATOM   743  N N   . CYS A 1 101 ? -11.972 -14.647 -11.876 1.00 23.09 ? 95  CYS A N   1 
ATOM   744  C CA  . CYS A 1 101 ? -10.547 -14.671 -12.169 1.00 20.05 ? 95  CYS A CA  1 
ATOM   745  C C   . CYS A 1 101 ? -10.275 -15.282 -13.539 1.00 21.60 ? 95  CYS A C   1 
ATOM   746  O O   . CYS A 1 101 ? -10.852 -16.309 -13.897 1.00 19.30 ? 95  CYS A O   1 
ATOM   747  C CB  . CYS A 1 101 ? -9.801  -15.479 -11.108 1.00 18.41 ? 95  CYS A CB  1 
ATOM   748  S SG  . CYS A 1 101 ? -8.041  -15.733 -11.493 1.00 16.42 ? 95  CYS A SG  1 
ATOM   749  N N   . THR A 1 102 ? -9.425  -14.614 -14.311 1.00 21.71 ? 96  THR A N   1 
ATOM   750  C CA  . THR A 1 102 ? -9.030  -15.096 -15.629 1.00 24.12 ? 96  THR A CA  1 
ATOM   751  C C   . THR A 1 102 ? -7.540  -15.423 -15.533 1.00 24.82 ? 96  THR A C   1 
ATOM   752  O O   . THR A 1 102 ? -6.745  -14.599 -15.083 1.00 24.08 ? 96  THR A O   1 
ATOM   753  C CB  . THR A 1 102 ? -9.300  -14.047 -16.739 1.00 23.71 ? 96  THR A CB  1 
ATOM   754  O OG1 . THR A 1 102 ? -8.739  -12.785 -16.372 1.00 22.59 ? 96  THR A OG1 1 
ATOM   755  C CG2 . THR A 1 102 ? -10.802 -13.874 -16.958 1.00 23.69 ? 96  THR A CG2 1 
ATOM   756  N N   . THR A 1 103 ? -7.180  -16.649 -15.911 1.00 27.68 ? 97  THR A N   1 
ATOM   757  C CA  . THR A 1 103 ? -5.793  -17.109 -15.834 1.00 28.22 ? 97  THR A CA  1 
ATOM   758  C C   . THR A 1 103 ? -4.955  -16.926 -17.097 1.00 27.54 ? 97  THR A C   1 
ATOM   759  O O   . THR A 1 103 ? -3.845  -17.452 -17.188 1.00 27.56 ? 97  THR A O   1 
ATOM   760  C CB  . THR A 1 103 ? -5.724  -18.586 -15.395 1.00 29.97 ? 97  THR A CB  1 
ATOM   761  O OG1 . THR A 1 103 ? -6.528  -19.387 -16.270 1.00 31.33 ? 97  THR A OG1 1 
ATOM   762  C CG2 . THR A 1 103 ? -6.222  -18.733 -13.966 1.00 29.45 ? 97  THR A CG2 1 
ATOM   763  N N   . SER A 1 104 ? -5.476  -16.182 -18.065 1.00 27.06 ? 98  SER A N   1 
ATOM   764  C CA  . SER A 1 104 ? -4.741  -15.938 -19.302 1.00 26.46 ? 98  SER A CA  1 
ATOM   765  C C   . SER A 1 104 ? -5.099  -14.581 -19.885 1.00 23.77 ? 98  SER A C   1 
ATOM   766  O O   . SER A 1 104 ? -6.071  -13.952 -19.464 1.00 24.64 ? 98  SER A O   1 
ATOM   767  C CB  . SER A 1 104 ? -4.993  -17.053 -20.329 1.00 25.93 ? 98  SER A CB  1 
ATOM   768  O OG  . SER A 1 104 ? -6.330  -17.064 -20.786 1.00 28.32 ? 98  SER A OG  1 
ATOM   769  N N   . GLY A 1 105 ? -4.294  -14.128 -20.840 1.00 23.48 ? 99  GLY A N   1 
ATOM   770  C CA  . GLY A 1 105 ? -4.519  -12.840 -21.467 1.00 22.77 ? 99  GLY A CA  1 
ATOM   771  C C   . GLY A 1 105 ? -3.856  -11.709 -20.701 1.00 24.44 ? 99  GLY A C   1 
ATOM   772  O O   . GLY A 1 105 ? -4.179  -10.538 -20.902 1.00 24.25 ? 99  GLY A O   1 
ATOM   773  N N   . HIS A 1 106 ? -2.909  -12.059 -19.831 1.00 21.85 ? 100 HIS A N   1 
ATOM   774  C CA  . HIS A 1 106 ? -2.209  -11.071 -19.020 1.00 20.58 ? 100 HIS A CA  1 
ATOM   775  C C   . HIS A 1 106 ? -0.705  -11.122 -19.224 1.00 21.87 ? 100 HIS A C   1 
ATOM   776  O O   . HIS A 1 106 ? -0.162  -12.130 -19.674 1.00 23.97 ? 100 HIS A O   1 
ATOM   777  C CB  . HIS A 1 106 ? -2.529  -11.286 -17.541 1.00 20.17 ? 100 HIS A CB  1 
ATOM   778  C CG  . HIS A 1 106 ? -3.991  -11.413 -17.256 1.00 18.59 ? 100 HIS A CG  1 
ATOM   779  N ND1 . HIS A 1 106 ? -4.916  -10.492 -17.690 1.00 17.88 ? 100 HIS A ND1 1 
ATOM   780  C CD2 . HIS A 1 106 ? -4.686  -12.388 -16.628 1.00 15.70 ? 100 HIS A CD2 1 
ATOM   781  C CE1 . HIS A 1 106 ? -6.128  -10.894 -17.346 1.00 17.79 ? 100 HIS A CE1 1 
ATOM   782  N NE2 . HIS A 1 106 ? -6.013  -12.036 -16.701 1.00 17.01 ? 100 HIS A NE2 1 
ATOM   783  N N   . THR A 1 107 ? -0.038  -10.024 -18.881 1.00 20.69 ? 101 THR A N   1 
ATOM   784  C CA  . THR A 1 107 ? 1.411   -9.906  -19.001 1.00 21.09 ? 101 THR A CA  1 
ATOM   785  C C   . THR A 1 107 ? 2.006   -9.728  -17.610 1.00 19.39 ? 101 THR A C   1 
ATOM   786  O O   . THR A 1 107 ? 1.502   -8.936  -16.811 1.00 18.85 ? 101 THR A O   1 
ATOM   787  C CB  . THR A 1 107 ? 1.807   -8.682  -19.850 1.00 21.97 ? 101 THR A CB  1 
ATOM   788  O OG1 . THR A 1 107 ? 1.142   -8.738  -21.116 1.00 26.77 ? 101 THR A OG1 1 
ATOM   789  C CG2 . THR A 1 107 ? 3.304   -8.659  -20.079 1.00 23.67 ? 101 THR A CG2 1 
ATOM   790  N N   . VAL A 1 108 ? 3.075   -10.466 -17.323 1.00 17.55 ? 102 VAL A N   1 
ATOM   791  C CA  . VAL A 1 108 ? 3.741   -10.375 -16.030 1.00 17.67 ? 102 VAL A CA  1 
ATOM   792  C C   . VAL A 1 108 ? 4.550   -9.078  -15.986 1.00 17.70 ? 102 VAL A C   1 
ATOM   793  O O   . VAL A 1 108 ? 5.411   -8.848  -16.835 1.00 20.45 ? 102 VAL A O   1 
ATOM   794  C CB  . VAL A 1 108 ? 4.680   -11.586 -15.796 1.00 19.01 ? 102 VAL A CB  1 
ATOM   795  C CG1 . VAL A 1 108 ? 5.384   -11.464 -14.450 1.00 21.52 ? 102 VAL A CG1 1 
ATOM   796  C CG2 . VAL A 1 108 ? 3.892   -12.889 -15.855 1.00 18.22 ? 102 VAL A CG2 1 
ATOM   797  N N   . GLY A 1 109 ? 4.241   -8.213  -15.027 1.00 16.09 ? 103 GLY A N   1 
ATOM   798  C CA  . GLY A 1 109 ? 4.962   -6.957  -14.912 1.00 15.24 ? 103 GLY A CA  1 
ATOM   799  C C   . GLY A 1 109 ? 6.038   -6.975  -13.843 1.00 17.16 ? 103 GLY A C   1 
ATOM   800  O O   . GLY A 1 109 ? 6.986   -6.187  -13.895 1.00 16.95 ? 103 GLY A O   1 
ATOM   801  N N   . ALA A 1 110 ? 5.899   -7.884  -12.876 1.00 15.18 ? 105 ALA A N   1 
ATOM   802  C CA  . ALA A 1 110 ? 6.851   -8.006  -11.776 1.00 13.36 ? 105 ALA A CA  1 
ATOM   803  C C   . ALA A 1 110 ? 6.732   -9.356  -11.090 1.00 12.93 ? 105 ALA A C   1 
ATOM   804  O O   . ALA A 1 110 ? 5.768   -10.089 -11.301 1.00 13.34 ? 105 ALA A O   1 
ATOM   805  C CB  . ALA A 1 110 ? 6.609   -6.897  -10.748 1.00 12.69 ? 105 ALA A CB  1 
ATOM   806  N N   . THR A 1 111 ? 7.726   -9.680  -10.268 1.00 12.84 ? 106 THR A N   1 
ATOM   807  C CA  . THR A 1 111 ? 7.730   -10.926 -9.514  1.00 13.93 ? 106 THR A CA  1 
ATOM   808  C C   . THR A 1 111 ? 8.337   -10.670 -8.141  1.00 14.43 ? 106 THR A C   1 
ATOM   809  O O   . THR A 1 111 ? 9.191   -9.792  -7.976  1.00 14.92 ? 106 THR A O   1 
ATOM   810  C CB  . THR A 1 111 ? 8.563   -12.049 -10.201 1.00 13.56 ? 106 THR A CB  1 
ATOM   811  O OG1 . THR A 1 111 ? 9.924   -11.627 -10.322 1.00 15.05 ? 106 THR A OG1 1 
ATOM   812  C CG2 . THR A 1 111 ? 8.006   -12.393 -11.582 1.00 13.66 ? 106 THR A CG2 1 
ATOM   813  N N   . ILE A 1 112 ? 7.879   -11.428 -7.154  1.00 11.83 ? 107 ILE A N   1 
ATOM   814  C CA  . ILE A 1 112 ? 8.392   -11.306 -5.799  1.00 11.75 ? 107 ILE A CA  1 
ATOM   815  C C   . ILE A 1 112 ? 8.737   -12.705 -5.313  1.00 12.09 ? 107 ILE A C   1 
ATOM   816  O O   . ILE A 1 112 ? 8.227   -13.697 -5.840  1.00 11.46 ? 107 ILE A O   1 
ATOM   817  C CB  . ILE A 1 112 ? 7.370   -10.640 -4.846  1.00 11.37 ? 107 ILE A CB  1 
ATOM   818  C CG1 . ILE A 1 112 ? 6.115   -11.507 -4.712  1.00 10.61 ? 107 ILE A CG1 1 
ATOM   819  C CG2 . ILE A 1 112 ? 7.003   -9.244  -5.357  1.00 9.81  ? 107 ILE A CG2 1 
ATOM   820  C CD1 . ILE A 1 112 ? 5.207   -11.091 -3.574  1.00 14.77 ? 107 ILE A CD1 1 
ATOM   821  N N   . THR A 1 113 ? 9.609   -12.789 -4.321  1.00 11.57 ? 108 THR A N   1 
ATOM   822  C CA  . THR A 1 113 ? 10.033  -14.075 -3.791  1.00 14.52 ? 108 THR A CA  1 
ATOM   823  C C   . THR A 1 113 ? 9.523   -14.345 -2.379  1.00 14.43 ? 108 THR A C   1 
ATOM   824  O O   . THR A 1 113 ? 9.589   -15.476 -1.897  1.00 14.54 ? 108 THR A O   1 
ATOM   825  C CB  . THR A 1 113 ? 11.566  -14.200 -3.823  1.00 15.10 ? 108 THR A CB  1 
ATOM   826  O OG1 . THR A 1 113 ? 12.149  -13.055 -3.194  1.00 17.87 ? 108 THR A OG1 1 
ATOM   827  C CG2 . THR A 1 113 ? 12.057  -14.275 -5.256  1.00 17.41 ? 108 THR A CG2 1 
ATOM   828  N N   . GLY A 1 114 ? 9.007   -13.309 -1.726  1.00 11.75 ? 109 GLY A N   1 
ATOM   829  C CA  . GLY A 1 114 ? 8.484   -13.471 -0.376  1.00 13.28 ? 109 GLY A CA  1 
ATOM   830  C C   . GLY A 1 114 ? 8.107   -12.136 0.236   1.00 11.60 ? 109 GLY A C   1 
ATOM   831  O O   . GLY A 1 114 ? 7.855   -11.174 -0.486  1.00 9.51  ? 109 GLY A O   1 
ATOM   832  N N   . HIS A 1 115 ? 8.038   -12.080 1.562   1.00 10.41 ? 110 HIS A N   1 
ATOM   833  C CA  . HIS A 1 115 ? 7.714   -10.836 2.251   1.00 10.68 ? 110 HIS A CA  1 
ATOM   834  C C   . HIS A 1 115 ? 8.213   -10.860 3.691   1.00 9.89  ? 110 HIS A C   1 
ATOM   835  O O   . HIS A 1 115 ? 8.443   -11.926 4.279   1.00 9.50  ? 110 HIS A O   1 
ATOM   836  C CB  . HIS A 1 115 ? 6.202   -10.559 2.216   1.00 11.74 ? 110 HIS A CB  1 
ATOM   837  C CG  . HIS A 1 115 ? 5.432   -11.259 3.291   1.00 14.33 ? 110 HIS A CG  1 
ATOM   838  N ND1 . HIS A 1 115 ? 5.036   -12.579 3.185   1.00 14.88 ? 110 HIS A ND1 1 
ATOM   839  C CD2 . HIS A 1 115 ? 5.028   -10.844 4.516   1.00 13.53 ? 110 HIS A CD2 1 
ATOM   840  C CE1 . HIS A 1 115 ? 4.429   -12.943 4.298   1.00 15.48 ? 110 HIS A CE1 1 
ATOM   841  N NE2 . HIS A 1 115 ? 4.413   -11.910 5.125   1.00 13.52 ? 110 HIS A NE2 1 
ATOM   842  N N   . VAL A 1 116 ? 8.432   -9.679  4.243   1.00 9.85  ? 111 VAL A N   1 
ATOM   843  C CA  . VAL A 1 116 ? 8.876   -9.569  5.623   1.00 12.17 ? 111 VAL A CA  1 
ATOM   844  C C   . VAL A 1 116 ? 7.855   -8.765  6.408   1.00 12.61 ? 111 VAL A C   1 
ATOM   845  O O   . VAL A 1 116 ? 7.182   -7.890  5.860   1.00 10.16 ? 111 VAL A O   1 
ATOM   846  C CB  . VAL A 1 116 ? 10.278  -8.901  5.755   1.00 13.15 ? 111 VAL A CB  1 
ATOM   847  C CG1 . VAL A 1 116 ? 11.352  -9.822  5.192   1.00 13.95 ? 111 VAL A CG1 1 
ATOM   848  C CG2 . VAL A 1 116 ? 10.306  -7.550  5.044   1.00 15.79 ? 111 VAL A CG2 1 
ATOM   849  N N   . GLU A 1 117 ? 7.687   -9.132  7.673   1.00 11.56 ? 112 GLU A N   1 
ATOM   850  C CA  . GLU A 1 117 ? 6.769   -8.440  8.561   1.00 11.39 ? 112 GLU A CA  1 
ATOM   851  C C   . GLU A 1 117 ? 7.633   -7.624  9.517   1.00 10.49 ? 112 GLU A C   1 
ATOM   852  O O   . GLU A 1 117 ? 8.511   -8.159  10.205  1.00 12.79 ? 112 GLU A O   1 
ATOM   853  C CB  . GLU A 1 117 ? 5.881   -9.448  9.287   1.00 12.76 ? 112 GLU A CB  1 
ATOM   854  C CG  . GLU A 1 117 ? 4.883   -10.106 8.328   1.00 17.15 ? 112 GLU A CG  1 
ATOM   855  C CD  . GLU A 1 117 ? 4.099   -11.254 8.932   1.00 17.37 ? 112 GLU A CD  1 
ATOM   856  O OE1 . GLU A 1 117 ? 3.563   -12.068 8.145   1.00 17.48 ? 112 GLU A OE1 1 
ATOM   857  O OE2 . GLU A 1 117 ? 4.013   -11.346 10.175  1.00 19.95 ? 112 GLU A OE2 1 
ATOM   858  N N   . LEU A 1 118 ? 7.414   -6.316  9.499   1.00 8.80  ? 113 LEU A N   1 
ATOM   859  C CA  . LEU A 1 118 ? 8.190   -5.389  10.307  1.00 10.98 ? 113 LEU A CA  1 
ATOM   860  C C   . LEU A 1 118 ? 7.777   -5.291  11.769  1.00 12.61 ? 113 LEU A C   1 
ATOM   861  O O   . LEU A 1 118 ? 6.648   -5.613  12.127  1.00 11.35 ? 113 LEU A O   1 
ATOM   862  C CB  . LEU A 1 118 ? 8.163   -3.997  9.668   1.00 11.55 ? 113 LEU A CB  1 
ATOM   863  C CG  . LEU A 1 118 ? 8.596   -3.872  8.204   1.00 14.06 ? 113 LEU A CG  1 
ATOM   864  C CD1 . LEU A 1 118 ? 8.761   -2.408  7.865   1.00 15.04 ? 113 LEU A CD1 1 
ATOM   865  C CD2 . LEU A 1 118 ? 9.896   -4.607  7.964   1.00 16.28 ? 113 LEU A CD2 1 
ATOM   866  N N   . PRO A 1 119 ? 8.713   -4.867  12.638  1.00 12.58 ? 114 PRO A N   1 
ATOM   867  C CA  . PRO A 1 119 ? 8.481   -4.708  14.074  1.00 14.03 ? 114 PRO A CA  1 
ATOM   868  C C   . PRO A 1 119 ? 7.403   -3.662  14.316  1.00 12.04 ? 114 PRO A C   1 
ATOM   869  O O   . PRO A 1 119 ? 7.230   -2.739  13.516  1.00 9.68  ? 114 PRO A O   1 
ATOM   870  C CB  . PRO A 1 119 ? 9.829   -4.198  14.578  1.00 14.43 ? 114 PRO A CB  1 
ATOM   871  C CG  . PRO A 1 119 ? 10.801  -4.810  13.636  1.00 17.11 ? 114 PRO A CG  1 
ATOM   872  C CD  . PRO A 1 119 ? 10.126  -4.604  12.312  1.00 16.35 ? 114 PRO A CD  1 
ATOM   873  N N   . GLN A 1 120 ? 6.675   -3.811  15.415  1.00 9.53  ? 115 GLN A N   1 
ATOM   874  C CA  . GLN A 1 120 ? 5.623   -2.866  15.757  1.00 13.14 ? 115 GLN A CA  1 
ATOM   875  C C   . GLN A 1 120 ? 6.249   -1.685  16.491  1.00 13.94 ? 115 GLN A C   1 
ATOM   876  O O   . GLN A 1 120 ? 5.990   -1.457  17.673  1.00 15.61 ? 115 GLN A O   1 
ATOM   877  C CB  . GLN A 1 120 ? 4.571   -3.562  16.614  1.00 13.10 ? 115 GLN A CB  1 
ATOM   878  C CG  . GLN A 1 120 ? 3.925   -4.737  15.902  1.00 15.64 ? 115 GLN A CG  1 
ATOM   879  C CD  . GLN A 1 120 ? 3.037   -5.553  16.815  1.00 19.51 ? 115 GLN A CD  1 
ATOM   880  O OE1 . GLN A 1 120 ? 3.493   -6.072  17.838  1.00 22.97 ? 115 GLN A OE1 1 
ATOM   881  N NE2 . GLN A 1 120 ? 1.762   -5.677  16.452  1.00 19.11 ? 115 GLN A NE2 1 
ATOM   882  N N   . ASP A 1 121 ? 7.075   -0.935  15.766  1.00 11.61 ? 116 ASP A N   1 
ATOM   883  C CA  . ASP A 1 121 ? 7.788   0.206   16.318  1.00 12.13 ? 116 ASP A CA  1 
ATOM   884  C C   . ASP A 1 121 ? 8.034   1.197   15.191  1.00 14.30 ? 116 ASP A C   1 
ATOM   885  O O   . ASP A 1 121 ? 8.696   0.866   14.210  1.00 14.58 ? 116 ASP A O   1 
ATOM   886  C CB  . ASP A 1 121 ? 9.121   -0.269  16.895  1.00 18.57 ? 116 ASP A CB  1 
ATOM   887  C CG  . ASP A 1 121 ? 9.877   0.830   17.604  1.00 21.68 ? 116 ASP A CG  1 
ATOM   888  O OD1 . ASP A 1 121 ? 10.499  1.668   16.923  1.00 22.49 ? 116 ASP A OD1 1 
ATOM   889  O OD2 . ASP A 1 121 ? 9.853   0.848   18.850  1.00 28.01 ? 116 ASP A OD2 1 
ATOM   890  N N   . GLU A 1 122 ? 7.522   2.415   15.347  1.00 13.30 ? 117 GLU A N   1 
ATOM   891  C CA  . GLU A 1 122 ? 7.660   3.457   14.326  1.00 14.39 ? 117 GLU A CA  1 
ATOM   892  C C   . GLU A 1 122 ? 9.081   3.849   13.955  1.00 13.83 ? 117 GLU A C   1 
ATOM   893  O O   . GLU A 1 122 ? 9.342   4.144   12.794  1.00 12.90 ? 117 GLU A O   1 
ATOM   894  C CB  . GLU A 1 122 ? 6.874   4.703   14.720  1.00 14.83 ? 117 GLU A CB  1 
ATOM   895  C CG  . GLU A 1 122 ? 5.378   4.507   14.692  1.00 12.45 ? 117 GLU A CG  1 
ATOM   896  C CD  . GLU A 1 122 ? 4.653   5.732   15.164  1.00 15.38 ? 117 GLU A CD  1 
ATOM   897  O OE1 . GLU A 1 122 ? 4.319   6.594   14.327  1.00 12.23 ? 117 GLU A OE1 1 
ATOM   898  O OE2 . GLU A 1 122 ? 4.435   5.843   16.383  1.00 13.92 ? 117 GLU A OE2 1 
ATOM   899  N N   . ALA A 1 123 ? 9.983   3.889   14.938  1.00 11.93 ? 118 ALA A N   1 
ATOM   900  C CA  . ALA A 1 123 ? 11.379  4.243   14.683  1.00 12.00 ? 118 ALA A CA  1 
ATOM   901  C C   . ALA A 1 123 ? 12.035  3.148   13.848  1.00 10.25 ? 118 ALA A C   1 
ATOM   902  O O   . ALA A 1 123 ? 12.844  3.423   12.966  1.00 11.07 ? 118 ALA A O   1 
ATOM   903  C CB  . ALA A 1 123 ? 12.131  4.422   15.993  1.00 13.22 ? 118 ALA A CB  1 
ATOM   904  N N   . GLN A 1 124 ? 11.662  1.906   14.132  1.00 11.53 ? 119 GLN A N   1 
ATOM   905  C CA  . GLN A 1 124 ? 12.196  0.761   13.415  1.00 12.61 ? 119 GLN A CA  1 
ATOM   906  C C   . GLN A 1 124 ? 11.599  0.655   12.011  1.00 11.60 ? 119 GLN A C   1 
ATOM   907  O O   . GLN A 1 124 ? 12.293  0.283   11.067  1.00 10.05 ? 119 GLN A O   1 
ATOM   908  C CB  . GLN A 1 124 ? 11.971  -0.514  14.232  1.00 12.43 ? 119 GLN A CB  1 
ATOM   909  C CG  . GLN A 1 124 ? 12.740  -0.495  15.550  1.00 18.78 ? 119 GLN A CG  1 
ATOM   910  C CD  . GLN A 1 124 ? 12.507  -1.718  16.409  1.00 25.31 ? 119 GLN A CD  1 
ATOM   911  O OE1 . GLN A 1 124 ? 12.346  -2.829  15.901  1.00 26.93 ? 119 GLN A OE1 1 
ATOM   912  N NE2 . GLN A 1 124 ? 12.504  -1.525  17.725  1.00 23.36 ? 119 GLN A NE2 1 
ATOM   913  N N   . ILE A 1 125 ? 10.325  1.012   11.869  1.00 8.81  ? 120 ILE A N   1 
ATOM   914  C CA  . ILE A 1 125 ? 9.681   0.972   10.563  1.00 8.69  ? 120 ILE A CA  1 
ATOM   915  C C   . ILE A 1 125 ? 10.308  2.054   9.688   1.00 7.75  ? 120 ILE A C   1 
ATOM   916  O O   . ILE A 1 125 ? 10.608  1.817   8.517   1.00 10.78 ? 120 ILE A O   1 
ATOM   917  C CB  . ILE A 1 125 ? 8.156   1.214   10.669  1.00 9.52  ? 120 ILE A CB  1 
ATOM   918  C CG1 . ILE A 1 125 ? 7.498   0.092   11.476  1.00 10.07 ? 120 ILE A CG1 1 
ATOM   919  C CG2 . ILE A 1 125 ? 7.536   1.298   9.276   1.00 9.11  ? 120 ILE A CG2 1 
ATOM   920  C CD1 . ILE A 1 125 ? 6.020   0.345   11.797  1.00 7.17  ? 120 ILE A CD1 1 
ATOM   921  N N   . ALA A 1 126 ? 10.543  3.229   10.273  1.00 9.47  ? 121 ALA A N   1 
ATOM   922  C CA  . ALA A 1 126 ? 11.143  4.353   9.561   1.00 8.05  ? 121 ALA A CA  1 
ATOM   923  C C   . ALA A 1 126 ? 12.545  4.013   9.051   1.00 8.53  ? 121 ALA A C   1 
ATOM   924  O O   . ALA A 1 126 ? 12.904  4.362   7.931   1.00 9.08  ? 121 ALA A O   1 
ATOM   925  C CB  . ALA A 1 126 ? 11.196  5.576   10.455  1.00 11.97 ? 121 ALA A CB  1 
ATOM   926  N N   . ALA A 1 127 ? 13.321  3.314   9.877   1.00 8.42  ? 122 ALA A N   1 
ATOM   927  C CA  . ALA A 1 127 ? 14.685  2.924   9.518   1.00 11.17 ? 122 ALA A CA  1 
ATOM   928  C C   . ALA A 1 127 ? 14.704  1.978   8.318   1.00 9.44  ? 122 ALA A C   1 
ATOM   929  O O   . ALA A 1 127 ? 15.545  2.106   7.420   1.00 9.21  ? 122 ALA A O   1 
ATOM   930  C CB  . ALA A 1 127 ? 15.383  2.273   10.725  1.00 8.46  ? 122 ALA A CB  1 
ATOM   931  N N   . TRP A 1 128 ? 13.774  1.028   8.311   1.00 8.59  ? 123 TRP A N   1 
ATOM   932  C CA  . TRP A 1 128 ? 13.676  0.058   7.233   1.00 5.82  ? 123 TRP A CA  1 
ATOM   933  C C   . TRP A 1 128 ? 13.209  0.758   5.958   1.00 5.12  ? 123 TRP A C   1 
ATOM   934  O O   . TRP A 1 128 ? 13.738  0.509   4.876   1.00 4.90  ? 123 TRP A O   1 
ATOM   935  C CB  . TRP A 1 128 ? 12.703  -1.054  7.633   1.00 7.07  ? 123 TRP A CB  1 
ATOM   936  C CG  . TRP A 1 128 ? 12.789  -2.303  6.797   1.00 8.92  ? 123 TRP A CG  1 
ATOM   937  C CD1 . TRP A 1 128 ? 13.454  -3.454  7.113   1.00 9.76  ? 123 TRP A CD1 1 
ATOM   938  C CD2 . TRP A 1 128 ? 12.150  -2.547  5.536   1.00 8.25  ? 123 TRP A CD2 1 
ATOM   939  N NE1 . TRP A 1 128 ? 13.266  -4.397  6.133   1.00 9.07  ? 123 TRP A NE1 1 
ATOM   940  C CE2 . TRP A 1 128 ? 12.470  -3.867  5.154   1.00 8.70  ? 123 TRP A CE2 1 
ATOM   941  C CE3 . TRP A 1 128 ? 11.336  -1.770  4.692   1.00 7.26  ? 123 TRP A CE3 1 
ATOM   942  C CZ2 . TRP A 1 128 ? 12.007  -4.438  3.962   1.00 9.65  ? 123 TRP A CZ2 1 
ATOM   943  C CZ3 . TRP A 1 128 ? 10.874  -2.338  3.507   1.00 10.47 ? 123 TRP A CZ3 1 
ATOM   944  C CH2 . TRP A 1 128 ? 11.214  -3.661  3.154   1.00 11.93 ? 123 TRP A CH2 1 
ATOM   945  N N   . LEU A 1 129 ? 12.241  1.662   6.094   1.00 5.15  ? 124 LEU A N   1 
ATOM   946  C CA  . LEU A 1 129 ? 11.712  2.400   4.949   1.00 6.47  ? 124 LEU A CA  1 
ATOM   947  C C   . LEU A 1 129 ? 12.748  3.304   4.282   1.00 7.53  ? 124 LEU A C   1 
ATOM   948  O O   . LEU A 1 129 ? 12.746  3.457   3.060   1.00 6.39  ? 124 LEU A O   1 
ATOM   949  C CB  . LEU A 1 129 ? 10.475  3.226   5.353   1.00 9.82  ? 124 LEU A CB  1 
ATOM   950  C CG  . LEU A 1 129 ? 9.817   4.121   4.286   1.00 7.82  ? 124 LEU A CG  1 
ATOM   951  C CD1 . LEU A 1 129 ? 8.330   4.236   4.527   1.00 9.44  ? 124 LEU A CD1 1 
ATOM   952  C CD2 . LEU A 1 129 ? 10.464  5.500   4.245   1.00 10.13 ? 124 LEU A CD2 1 
ATOM   953  N N   . ALA A 1 130 ? 13.623  3.902   5.092   1.00 7.28  ? 125 ALA A N   1 
ATOM   954  C CA  . ALA A 1 130 ? 14.650  4.808   4.594   1.00 7.62  ? 125 ALA A CA  1 
ATOM   955  C C   . ALA A 1 130 ? 15.642  4.122   3.660   1.00 8.31  ? 125 ALA A C   1 
ATOM   956  O O   . ALA A 1 130 ? 16.170  4.736   2.727   1.00 10.44 ? 125 ALA A O   1 
ATOM   957  C CB  . ALA A 1 130 ? 15.387  5.445   5.763   1.00 6.82  ? 125 ALA A CB  1 
ATOM   958  N N   . VAL A 1 131 ? 15.865  2.838   3.899   1.00 5.67  ? 126 VAL A N   1 
ATOM   959  C CA  . VAL A 1 131 ? 16.810  2.062   3.108   1.00 10.04 ? 126 VAL A CA  1 
ATOM   960  C C   . VAL A 1 131 ? 16.151  1.177   2.059   1.00 8.96  ? 126 VAL A C   1 
ATOM   961  O O   . VAL A 1 131 ? 16.558  1.174   0.897   1.00 10.93 ? 126 VAL A O   1 
ATOM   962  C CB  . VAL A 1 131 ? 17.675  1.178   4.039   1.00 10.07 ? 126 VAL A CB  1 
ATOM   963  C CG1 . VAL A 1 131 ? 18.532  0.204   3.234   1.00 11.73 ? 126 VAL A CG1 1 
ATOM   964  C CG2 . VAL A 1 131 ? 18.552  2.057   4.912   1.00 10.83 ? 126 VAL A CG2 1 
ATOM   965  N N   . ASN A 1 132 ? 15.098  0.477   2.455   1.00 8.69  ? 127 ASN A N   1 
ATOM   966  C CA  . ASN A 1 132 ? 14.417  -0.469  1.578   1.00 6.89  ? 127 ASN A CA  1 
ATOM   967  C C   . ASN A 1 132 ? 13.189  -0.003  0.799   1.00 9.99  ? 127 ASN A C   1 
ATOM   968  O O   . ASN A 1 132 ? 12.727  -0.711  -0.100  1.00 11.25 ? 127 ASN A O   1 
ATOM   969  C CB  . ASN A 1 132 ? 14.099  -1.726  2.374   1.00 6.69  ? 127 ASN A CB  1 
ATOM   970  C CG  . ASN A 1 132 ? 15.310  -2.261  3.107   1.00 8.50  ? 127 ASN A CG  1 
ATOM   971  O OD1 . ASN A 1 132 ? 15.351  -2.272  4.336   1.00 12.94 ? 127 ASN A OD1 1 
ATOM   972  N ND2 . ASN A 1 132 ? 16.317  -2.685  2.355   1.00 5.07  ? 127 ASN A ND2 1 
ATOM   973  N N   . GLY A 1 133 ? 12.650  1.163   1.133   1.00 9.59  ? 128 GLY A N   1 
ATOM   974  C CA  . GLY A 1 133 ? 11.501  1.665   0.397   1.00 8.15  ? 128 GLY A CA  1 
ATOM   975  C C   . GLY A 1 133 ? 10.153  1.615   1.090   1.00 6.44  ? 128 GLY A C   1 
ATOM   976  O O   . GLY A 1 133 ? 10.056  1.205   2.248   1.00 7.60  ? 128 GLY A O   1 
ATOM   977  N N   . PRO A 1 134 ? 9.081   2.004   0.380   1.00 7.79  ? 129 PRO A N   1 
ATOM   978  C CA  . PRO A 1 134 ? 7.698   2.036   0.864   1.00 8.04  ? 129 PRO A CA  1 
ATOM   979  C C   . PRO A 1 134 ? 7.232   0.729   1.499   1.00 9.04  ? 129 PRO A C   1 
ATOM   980  O O   . PRO A 1 134 ? 7.509   -0.366  0.994   1.00 10.29 ? 129 PRO A O   1 
ATOM   981  C CB  . PRO A 1 134 ? 6.909   2.378   -0.398  1.00 6.79  ? 129 PRO A CB  1 
ATOM   982  C CG  . PRO A 1 134 ? 7.845   3.272   -1.126  1.00 6.71  ? 129 PRO A CG  1 
ATOM   983  C CD  . PRO A 1 134 ? 9.146   2.498   -1.006  1.00 6.49  ? 129 PRO A CD  1 
ATOM   984  N N   . VAL A 1 135 ? 6.496   0.879   2.598   1.00 8.74  ? 130 VAL A N   1 
ATOM   985  C CA  . VAL A 1 135 ? 5.977   -0.236  3.390   1.00 9.21  ? 130 VAL A CA  1 
ATOM   986  C C   . VAL A 1 135 ? 4.451   -0.255  3.418   1.00 8.92  ? 130 VAL A C   1 
ATOM   987  O O   . VAL A 1 135 ? 3.813   0.791   3.528   1.00 9.04  ? 130 VAL A O   1 
ATOM   988  C CB  . VAL A 1 135 ? 6.494   -0.135  4.864   1.00 8.17  ? 130 VAL A CB  1 
ATOM   989  C CG1 . VAL A 1 135 ? 5.840   -1.181  5.752   1.00 12.15 ? 130 VAL A CG1 1 
ATOM   990  C CG2 . VAL A 1 135 ? 8.012   -0.283  4.907   1.00 10.52 ? 130 VAL A CG2 1 
ATOM   991  N N   . ALA A 1 136 ? 3.875   -1.450  3.314   1.00 6.81  ? 131 ALA A N   1 
ATOM   992  C CA  . ALA A 1 136 ? 2.422   -1.611  3.372   1.00 6.86  ? 131 ALA A CA  1 
ATOM   993  C C   . ALA A 1 136 ? 2.064   -1.620  4.853   1.00 7.08  ? 131 ALA A C   1 
ATOM   994  O O   . ALA A 1 136 ? 2.702   -2.314  5.642   1.00 7.01  ? 131 ALA A O   1 
ATOM   995  C CB  . ALA A 1 136 ? 2.005   -2.931  2.725   1.00 4.39  ? 131 ALA A CB  1 
ATOM   996  N N   . VAL A 1 137 ? 1.072   -0.824  5.237   1.00 7.06  ? 132 VAL A N   1 
ATOM   997  C CA  . VAL A 1 137 ? 0.655   -0.766  6.635   1.00 6.70  ? 132 VAL A CA  1 
ATOM   998  C C   . VAL A 1 137 ? -0.856  -0.757  6.772   1.00 6.38  ? 132 VAL A C   1 
ATOM   999  O O   . VAL A 1 137 ? -1.571  -0.372  5.849   1.00 7.85  ? 132 VAL A O   1 
ATOM   1000 C CB  . VAL A 1 137 ? 1.189   0.508   7.366   1.00 7.47  ? 132 VAL A CB  1 
ATOM   1001 C CG1 . VAL A 1 137 ? 2.703   0.483   7.464   1.00 5.40  ? 132 VAL A CG1 1 
ATOM   1002 C CG2 . VAL A 1 137 ? 0.715   1.772   6.658   1.00 7.61  ? 132 VAL A CG2 1 
ATOM   1003 N N   . ALA A 1 138 ? -1.324  -1.229  7.923   1.00 8.78  ? 133 ALA A N   1 
ATOM   1004 C CA  . ALA A 1 138 ? -2.743  -1.239  8.241   1.00 10.49 ? 133 ALA A CA  1 
ATOM   1005 C C   . ALA A 1 138 ? -2.957  -0.086  9.218   1.00 11.53 ? 133 ALA A C   1 
ATOM   1006 O O   . ALA A 1 138 ? -2.090  0.198   10.053  1.00 9.98  ? 133 ALA A O   1 
ATOM   1007 C CB  . ALA A 1 138 ? -3.139  -2.560  8.887   1.00 9.56  ? 133 ALA A CB  1 
ATOM   1008 N N   . VAL A 1 139 ? -4.084  0.605   9.081   1.00 9.08  ? 134 VAL A N   1 
ATOM   1009 C CA  . VAL A 1 139 ? -4.409  1.729   9.960   1.00 10.96 ? 134 VAL A CA  1 
ATOM   1010 C C   . VAL A 1 139 ? -5.892  1.736   10.309  1.00 11.28 ? 134 VAL A C   1 
ATOM   1011 O O   . VAL A 1 139 ? -6.687  0.997   9.727   1.00 10.65 ? 134 VAL A O   1 
ATOM   1012 C CB  . VAL A 1 139 ? -4.119  3.111   9.286   1.00 10.58 ? 134 VAL A CB  1 
ATOM   1013 C CG1 . VAL A 1 139 ? -2.642  3.288   9.009   1.00 6.82  ? 134 VAL A CG1 1 
ATOM   1014 C CG2 . VAL A 1 139 ? -4.942  3.268   7.992   1.00 8.31  ? 134 VAL A CG2 1 
ATOM   1015 N N   . ASP A 1 140 ? -6.242  2.547   11.300  1.00 10.45 ? 135 ASP A N   1 
ATOM   1016 C CA  . ASP A 1 140 ? -7.631  2.728   11.677  1.00 8.50  ? 135 ASP A CA  1 
ATOM   1017 C C   . ASP A 1 140 ? -7.974  3.974   10.871  1.00 9.46  ? 135 ASP A C   1 
ATOM   1018 O O   . ASP A 1 140 ? -7.396  5.039   11.090  1.00 12.53 ? 135 ASP A O   1 
ATOM   1019 C CB  . ASP A 1 140 ? -7.759  3.008   13.177  1.00 9.72  ? 135 ASP A CB  1 
ATOM   1020 C CG  . ASP A 1 140 ? -9.202  3.246   13.607  1.00 9.64  ? 135 ASP A CG  1 
ATOM   1021 O OD1 . ASP A 1 140 ? -9.512  3.039   14.793  1.00 9.17  ? 135 ASP A OD1 1 
ATOM   1022 O OD2 . ASP A 1 140 ? -10.034 3.643   12.772  1.00 6.73  ? 135 ASP A OD2 1 
ATOM   1023 N N   . ALA A 1 141 ? -8.866  3.835   9.899   1.00 9.46  ? 136 ALA A N   1 
ATOM   1024 C CA  . ALA A 1 141 ? -9.234  4.962   9.063   1.00 10.73 ? 136 ALA A CA  1 
ATOM   1025 C C   . ALA A 1 141 ? -10.603 5.567   9.380   1.00 15.02 ? 136 ALA A C   1 
ATOM   1026 O O   . ALA A 1 141 ? -11.231 6.166   8.516   1.00 15.84 ? 136 ALA A O   1 
ATOM   1027 C CB  . ALA A 1 141 ? -9.151  4.571   7.603   1.00 12.01 ? 136 ALA A CB  1 
ATOM   1028 N N   . SER A 1 142 ? -11.040 5.447   10.630  1.00 18.24 ? 139 SER A N   1 
ATOM   1029 C CA  . SER A 1 142 ? -12.327 5.992   11.067  1.00 21.57 ? 139 SER A CA  1 
ATOM   1030 C C   . SER A 1 142 ? -12.447 7.503   10.883  1.00 22.12 ? 139 SER A C   1 
ATOM   1031 O O   . SER A 1 142 ? -13.466 7.999   10.411  1.00 25.67 ? 139 SER A O   1 
ATOM   1032 C CB  . SER A 1 142 ? -12.568 5.658   12.541  1.00 20.29 ? 139 SER A CB  1 
ATOM   1033 O OG  . SER A 1 142 ? -12.688 4.265   12.719  1.00 25.82 ? 139 SER A OG  1 
ATOM   1034 N N   . SER A 1 143 ? -11.416 8.230   11.298  1.00 22.64 ? 140 SER A N   1 
ATOM   1035 C CA  . SER A 1 143 ? -11.407 9.684   11.199  1.00 23.52 ? 140 SER A CA  1 
ATOM   1036 C C   . SER A 1 143 ? -10.894 10.230  9.865   1.00 22.19 ? 140 SER A C   1 
ATOM   1037 O O   . SER A 1 143 ? -10.711 11.441  9.718   1.00 23.82 ? 140 SER A O   1 
ATOM   1038 C CB  . SER A 1 143 ? -10.598 10.274  12.358  1.00 24.58 ? 140 SER A CB  1 
ATOM   1039 O OG  . SER A 1 143 ? -9.390  9.564   12.557  1.00 26.04 ? 140 SER A OG  1 
ATOM   1040 N N   . TRP A 1 144 ? -10.725 9.346   8.885   1.00 19.48 ? 141 TRP A N   1 
ATOM   1041 C CA  . TRP A 1 144 ? -10.213 9.739   7.573   1.00 18.42 ? 141 TRP A CA  1 
ATOM   1042 C C   . TRP A 1 144 ? -11.220 10.280  6.569   1.00 20.29 ? 141 TRP A C   1 
ATOM   1043 O O   . TRP A 1 144 ? -10.830 10.897  5.577   1.00 18.27 ? 141 TRP A O   1 
ATOM   1044 C CB  . TRP A 1 144 ? -9.450  8.581   6.936   1.00 16.15 ? 141 TRP A CB  1 
ATOM   1045 C CG  . TRP A 1 144 ? -8.143  8.280   7.583   1.00 14.70 ? 141 TRP A CG  1 
ATOM   1046 C CD1 . TRP A 1 144 ? -7.801  8.482   8.894   1.00 16.93 ? 141 TRP A CD1 1 
ATOM   1047 C CD2 . TRP A 1 144 ? -6.988  7.716   6.951   1.00 16.83 ? 141 TRP A CD2 1 
ATOM   1048 N NE1 . TRP A 1 144 ? -6.503  8.079   9.111   1.00 18.41 ? 141 TRP A NE1 1 
ATOM   1049 C CE2 . TRP A 1 144 ? -5.981  7.604   7.936   1.00 15.74 ? 141 TRP A CE2 1 
ATOM   1050 C CE3 . TRP A 1 144 ? -6.706  7.298   5.641   1.00 14.18 ? 141 TRP A CE3 1 
ATOM   1051 C CZ2 . TRP A 1 144 ? -4.711  7.091   7.656   1.00 15.73 ? 141 TRP A CZ2 1 
ATOM   1052 C CZ3 . TRP A 1 144 ? -5.446  6.785   5.362   1.00 10.40 ? 141 TRP A CZ3 1 
ATOM   1053 C CH2 . TRP A 1 144 ? -4.464  6.686   6.367   1.00 12.66 ? 141 TRP A CH2 1 
ATOM   1054 N N   . MET A 1 145 ? -12.506 10.058  6.813   1.00 25.36 ? 142 MET A N   1 
ATOM   1055 C CA  . MET A 1 145 ? -13.546 10.523  5.895   1.00 30.20 ? 142 MET A CA  1 
ATOM   1056 C C   . MET A 1 145 ? -13.678 12.033  5.858   1.00 29.20 ? 142 MET A C   1 
ATOM   1057 O O   . MET A 1 145 ? -14.046 12.607  4.833   1.00 32.32 ? 142 MET A O   1 
ATOM   1058 C CB  . MET A 1 145 ? -14.887 9.874   6.238   1.00 37.88 ? 142 MET A CB  1 
ATOM   1059 C CG  . MET A 1 145 ? -14.959 8.413   5.823   1.00 46.25 ? 142 MET A CG  1 
ATOM   1060 S SD  . MET A 1 145 ? -13.314 7.741   5.572   1.00 59.15 ? 142 MET A SD  1 
ATOM   1061 C CE  . MET A 1 145 ? -13.288 6.613   6.766   1.00 53.74 ? 142 MET A CE  1 
ATOM   1062 N N   . THR A 1 146 ? -13.336 12.669  6.972   1.00 27.54 ? 143 THR A N   1 
ATOM   1063 C CA  . THR A 1 146 ? -13.408 14.120  7.089   1.00 28.69 ? 143 THR A CA  1 
ATOM   1064 C C   . THR A 1 146 ? -12.070 14.818  6.818   1.00 26.84 ? 143 THR A C   1 
ATOM   1065 O O   . THR A 1 146 ? -11.979 16.038  6.922   1.00 25.62 ? 143 THR A O   1 
ATOM   1066 C CB  . THR A 1 146 ? -13.913 14.529  8.486   1.00 28.99 ? 143 THR A CB  1 
ATOM   1067 O OG1 . THR A 1 146 ? -13.185 13.806  9.491   1.00 32.10 ? 143 THR A OG1 1 
ATOM   1068 C CG2 . THR A 1 146 ? -15.397 14.231  8.622   1.00 31.26 ? 143 THR A CG2 1 
ATOM   1069 N N   . TYR A 1 147 ? -11.044 14.049  6.455   1.00 23.53 ? 144 TYR A N   1 
ATOM   1070 C CA  . TYR A 1 147 ? -9.719  14.615  6.186   1.00 20.05 ? 144 TYR A CA  1 
ATOM   1071 C C   . TYR A 1 147 ? -9.661  15.460  4.922   1.00 20.46 ? 144 TYR A C   1 
ATOM   1072 O O   . TYR A 1 147 ? -9.973  14.979  3.833   1.00 19.48 ? 144 TYR A O   1 
ATOM   1073 C CB  . TYR A 1 147 ? -8.665  13.510  6.096   1.00 16.25 ? 144 TYR A CB  1 
ATOM   1074 C CG  . TYR A 1 147 ? -7.271  14.027  5.822   1.00 12.40 ? 144 TYR A CG  1 
ATOM   1075 C CD1 . TYR A 1 147 ? -6.702  13.919  4.554   1.00 12.33 ? 144 TYR A CD1 1 
ATOM   1076 C CD2 . TYR A 1 147 ? -6.516  14.609  6.837   1.00 13.02 ? 144 TYR A CD2 1 
ATOM   1077 C CE1 . TYR A 1 147 ? -5.413  14.379  4.306   1.00 11.07 ? 144 TYR A CE1 1 
ATOM   1078 C CE2 . TYR A 1 147 ? -5.225  15.071  6.601   1.00 15.28 ? 144 TYR A CE2 1 
ATOM   1079 C CZ  . TYR A 1 147 ? -4.679  14.949  5.336   1.00 12.72 ? 144 TYR A CZ  1 
ATOM   1080 O OH  . TYR A 1 147 ? -3.400  15.385  5.111   1.00 11.10 ? 144 TYR A OH  1 
ATOM   1081 N N   . THR A 1 148 ? -9.202  16.702  5.066   1.00 19.90 ? 145 THR A N   1 
ATOM   1082 C CA  . THR A 1 148 ? -9.093  17.615  3.932   1.00 21.27 ? 145 THR A CA  1 
ATOM   1083 C C   . THR A 1 148 ? -7.658  18.050  3.639   1.00 22.12 ? 145 THR A C   1 
ATOM   1084 O O   . THR A 1 148 ? -7.362  18.518  2.537   1.00 24.14 ? 145 THR A O   1 
ATOM   1085 C CB  . THR A 1 148 ? -9.968  18.879  4.121   1.00 21.12 ? 145 THR A CB  1 
ATOM   1086 O OG1 . THR A 1 148 ? -9.697  19.473  5.398   1.00 21.49 ? 145 THR A OG1 1 
ATOM   1087 C CG2 . THR A 1 148 ? -11.446 18.527  4.023   1.00 20.72 ? 145 THR A CG2 1 
ATOM   1088 N N   . GLY A 1 149 ? -6.772  17.908  4.622   1.00 19.08 ? 146 GLY A N   1 
ATOM   1089 C CA  . GLY A 1 149 ? -5.392  18.302  4.411   1.00 18.31 ? 146 GLY A CA  1 
ATOM   1090 C C   . GLY A 1 149 ? -4.650  18.645  5.685   1.00 18.37 ? 146 GLY A C   1 
ATOM   1091 O O   . GLY A 1 149 ? -5.244  18.703  6.762   1.00 19.67 ? 146 GLY A O   1 
ATOM   1092 N N   . GLY A 1 150 ? -3.348  18.877  5.561   1.00 17.33 ? 147 GLY A N   1 
ATOM   1093 C CA  . GLY A 1 150 ? -2.528  19.211  6.711   1.00 17.98 ? 147 GLY A CA  1 
ATOM   1094 C C   . GLY A 1 150 ? -2.074  17.983  7.469   1.00 16.60 ? 147 GLY A C   1 
ATOM   1095 O O   . GLY A 1 150 ? -2.380  16.857  7.083   1.00 16.09 ? 147 GLY A O   1 
ATOM   1096 N N   . VAL A 1 151 ? -1.313  18.186  8.535   1.00 15.89 ? 148 VAL A N   1 
ATOM   1097 C CA  . VAL A 1 151 ? -0.838  17.066  9.332   1.00 14.28 ? 148 VAL A CA  1 
ATOM   1098 C C   . VAL A 1 151 ? -1.867  16.739  10.412  1.00 17.54 ? 148 VAL A C   1 
ATOM   1099 O O   . VAL A 1 151 ? -2.239  17.601  11.209  1.00 16.42 ? 148 VAL A O   1 
ATOM   1100 C CB  . VAL A 1 151 ? 0.512   17.386  9.995   1.00 14.74 ? 148 VAL A CB  1 
ATOM   1101 C CG1 . VAL A 1 151 ? 0.995   16.201  10.824  1.00 14.40 ? 148 VAL A CG1 1 
ATOM   1102 C CG2 . VAL A 1 151 ? 1.542   17.762  8.932   1.00 14.15 ? 148 VAL A CG2 1 
ATOM   1103 N N   . MET A 1 152 ? -2.353  15.503  10.413  1.00 17.13 ? 149 MET A N   1 
ATOM   1104 C CA  . MET A 1 152 ? -3.328  15.074  11.407  1.00 19.05 ? 149 MET A CA  1 
ATOM   1105 C C   . MET A 1 152 ? -2.583  14.787  12.709  1.00 19.24 ? 149 MET A C   1 
ATOM   1106 O O   . MET A 1 152 ? -1.799  13.844  12.791  1.00 18.85 ? 149 MET A O   1 
ATOM   1107 C CB  . MET A 1 152 ? -4.066  13.827  10.911  1.00 21.55 ? 149 MET A CB  1 
ATOM   1108 C CG  . MET A 1 152 ? -5.252  13.424  11.766  1.00 25.89 ? 149 MET A CG  1 
ATOM   1109 S SD  . MET A 1 152 ? -6.161  12.037  11.060  1.00 25.92 ? 149 MET A SD  1 
ATOM   1110 C CE  . MET A 1 152 ? -7.205  12.894  9.898   1.00 23.48 ? 149 MET A CE  1 
ATOM   1111 N N   . THR A 1 153 ? -2.813  15.625  13.717  1.00 19.74 ? 151 THR A N   1 
ATOM   1112 C CA  . THR A 1 153 ? -2.145  15.484  15.011  1.00 20.60 ? 151 THR A CA  1 
ATOM   1113 C C   . THR A 1 153 ? -2.924  14.644  16.017  1.00 20.62 ? 151 THR A C   1 
ATOM   1114 O O   . THR A 1 153 ? -2.410  14.297  17.081  1.00 20.93 ? 151 THR A O   1 
ATOM   1115 C CB  . THR A 1 153 ? -1.850  16.859  15.635  1.00 21.75 ? 151 THR A CB  1 
ATOM   1116 O OG1 . THR A 1 153 ? -3.067  17.610  15.719  1.00 21.89 ? 151 THR A OG1 1 
ATOM   1117 C CG2 . THR A 1 153 ? -0.855  17.626  14.784  1.00 21.28 ? 151 THR A CG2 1 
ATOM   1118 N N   . SER A 1 154 ? -4.169  14.335  15.675  1.00 19.61 ? 152 SER A N   1 
ATOM   1119 C CA  . SER A 1 154 ? -5.030  13.530  16.527  1.00 20.93 ? 152 SER A CA  1 
ATOM   1120 C C   . SER A 1 154 ? -5.833  12.624  15.605  1.00 19.44 ? 152 SER A C   1 
ATOM   1121 O O   . SER A 1 154 ? -6.579  13.099  14.750  1.00 23.35 ? 152 SER A O   1 
ATOM   1122 C CB  . SER A 1 154 ? -5.969  14.425  17.340  1.00 23.56 ? 152 SER A CB  1 
ATOM   1123 O OG  . SER A 1 154 ? -6.825  13.647  18.162  1.00 25.52 ? 152 SER A OG  1 
ATOM   1124 N N   . CYS A 1 155 ? -5.677  11.319  15.793  1.00 17.98 ? 153 CYS A N   1 
ATOM   1125 C CA  . CYS A 1 155 ? -6.353  10.329  14.969  1.00 16.15 ? 153 CYS A CA  1 
ATOM   1126 C C   . CYS A 1 155 ? -6.949  9.234   15.838  1.00 16.10 ? 153 CYS A C   1 
ATOM   1127 O O   . CYS A 1 155 ? -6.305  8.778   16.784  1.00 19.24 ? 153 CYS A O   1 
ATOM   1128 C CB  . CYS A 1 155 ? -5.336  9.714   14.008  1.00 15.83 ? 153 CYS A CB  1 
ATOM   1129 S SG  . CYS A 1 155 ? -5.957  8.412   12.901  1.00 14.87 ? 153 CYS A SG  1 
ATOM   1130 N N   . VAL A 1 156 ? -8.178  8.824   15.523  1.00 17.48 ? 154 VAL A N   1 
ATOM   1131 C CA  . VAL A 1 156 ? -8.851  7.754   16.266  1.00 16.91 ? 154 VAL A CA  1 
ATOM   1132 C C   . VAL A 1 156 ? -8.075  6.452   16.030  1.00 16.26 ? 154 VAL A C   1 
ATOM   1133 O O   . VAL A 1 156 ? -7.943  5.997   14.892  1.00 16.18 ? 154 VAL A O   1 
ATOM   1134 C CB  . VAL A 1 156 ? -10.331 7.592   15.819  1.00 17.47 ? 154 VAL A CB  1 
ATOM   1135 C CG1 . VAL A 1 156 ? -10.959 6.363   16.469  1.00 18.89 ? 154 VAL A CG1 1 
ATOM   1136 C CG2 . VAL A 1 156 ? -11.130 8.841   16.188  1.00 16.83 ? 154 VAL A CG2 1 
ATOM   1137 N N   . SER A 1 157 ? -7.553  5.878   17.115  1.00 13.38 ? 155 SER A N   1 
ATOM   1138 C CA  . SER A 1 157 ? -6.748  4.658   17.057  1.00 11.25 ? 155 SER A CA  1 
ATOM   1139 C C   . SER A 1 157 ? -7.340  3.530   17.896  1.00 10.13 ? 155 SER A C   1 
ATOM   1140 O O   . SER A 1 157 ? -6.845  3.232   18.986  1.00 13.06 ? 155 SER A O   1 
ATOM   1141 C CB  . SER A 1 157 ? -5.335  4.976   17.557  1.00 10.83 ? 155 SER A CB  1 
ATOM   1142 O OG  . SER A 1 157 ? -4.861  6.189   16.990  1.00 13.63 ? 155 SER A OG  1 
ATOM   1143 N N   . GLU A 1 158 ? -8.364  2.867   17.371  0.65 8.79  ? 156 GLU A N   1 
ATOM   1144 C CA  . GLU A 1 158 ? -9.016  1.780   18.089  0.65 7.67  ? 156 GLU A CA  1 
ATOM   1145 C C   . GLU A 1 158 ? -8.990  0.443   17.369  0.65 6.57  ? 156 GLU A C   1 
ATOM   1146 O O   . GLU A 1 158 ? -8.685  -0.585  17.978  0.65 7.46  ? 156 GLU A O   1 
ATOM   1147 C CB  . GLU A 1 158 ? -10.475 2.131   18.378  0.65 10.91 ? 156 GLU A CB  1 
ATOM   1148 C CG  . GLU A 1 158 ? -10.680 3.375   19.213  0.65 17.60 ? 156 GLU A CG  1 
ATOM   1149 C CD  . GLU A 1 158 ? -12.143 3.647   19.509  0.65 21.43 ? 156 GLU A CD  1 
ATOM   1150 O OE1 . GLU A 1 158 ? -13.025 3.105   18.805  0.65 25.40 ? 156 GLU A OE1 1 
ATOM   1151 O OE2 . GLU A 1 158 ? -12.413 4.410   20.458  0.65 27.71 ? 156 GLU A OE2 1 
ATOM   1152 N N   . GLN A 1 159 A -9.317  0.451   16.081  0.50 2.83  ? 156 GLN A N   1 
ATOM   1153 C CA  . GLN A 1 159 A -9.378  -0.778  15.304  0.50 5.34  ? 156 GLN A CA  1 
ATOM   1154 C C   . GLN A 1 159 A -8.862  -0.643  13.876  0.50 5.68  ? 156 GLN A C   1 
ATOM   1155 O O   . GLN A 1 159 A -9.301  0.229   13.132  0.50 4.25  ? 156 GLN A O   1 
ATOM   1156 C CB  . GLN A 1 159 A -10.832 -1.274  15.276  0.50 7.49  ? 156 GLN A CB  1 
ATOM   1157 C CG  . GLN A 1 159 A -11.074 -2.577  14.515  0.50 15.09 ? 156 GLN A CG  1 
ATOM   1158 C CD  . GLN A 1 159 A -10.401 -3.785  15.145  0.50 19.80 ? 156 GLN A CD  1 
ATOM   1159 O OE1 . GLN A 1 159 A -10.393 -4.870  14.565  0.50 25.10 ? 156 GLN A OE1 1 
ATOM   1160 N NE2 . GLN A 1 159 A -9.835  -3.609  16.336  0.50 24.52 ? 156 GLN A NE2 1 
ATOM   1161 N N   . LEU A 1 160 ? -7.949  -1.531  13.494  1.00 9.18  ? 157 LEU A N   1 
ATOM   1162 C CA  . LEU A 1 160 ? -7.393  -1.544  12.140  1.00 11.75 ? 157 LEU A CA  1 
ATOM   1163 C C   . LEU A 1 160 ? -8.506  -1.957  11.184  1.00 10.62 ? 157 LEU A C   1 
ATOM   1164 O O   . LEU A 1 160 ? -9.180  -2.952  11.421  1.00 13.49 ? 157 LEU A O   1 
ATOM   1165 C CB  . LEU A 1 160 ? -6.241  -2.555  12.041  1.00 14.13 ? 157 LEU A CB  1 
ATOM   1166 C CG  . LEU A 1 160 ? -5.016  -2.369  12.945  1.00 16.55 ? 157 LEU A CG  1 
ATOM   1167 C CD1 . LEU A 1 160 ? -4.086  -3.561  12.794  1.00 18.25 ? 157 LEU A CD1 1 
ATOM   1168 C CD2 . LEU A 1 160 ? -4.292  -1.076  12.610  1.00 11.54 ? 157 LEU A CD2 1 
ATOM   1169 N N   . ASP A 1 161 ? -8.703  -1.195  10.113  1.00 10.92 ? 158 ASP A N   1 
ATOM   1170 C CA  . ASP A 1 161 ? -9.757  -1.507  9.150   1.00 10.52 ? 158 ASP A CA  1 
ATOM   1171 C C   . ASP A 1 161 ? -9.422  -1.040  7.740   1.00 9.28  ? 158 ASP A C   1 
ATOM   1172 O O   . ASP A 1 161 ? -10.273 -1.071  6.853   1.00 10.53 ? 158 ASP A O   1 
ATOM   1173 C CB  . ASP A 1 161 ? -11.081 -0.854  9.590   1.00 13.68 ? 158 ASP A CB  1 
ATOM   1174 C CG  . ASP A 1 161 ? -11.028 0.686   9.598   1.00 17.02 ? 158 ASP A CG  1 
ATOM   1175 O OD1 . ASP A 1 161 ? -12.009 1.311   10.061  1.00 19.60 ? 158 ASP A OD1 1 
ATOM   1176 O OD2 . ASP A 1 161 ? -10.028 1.285   9.142   1.00 12.24 ? 158 ASP A OD2 1 
ATOM   1177 N N   . HIS A 1 162 ? -8.180  -0.615  7.536   1.00 8.36  ? 159 HIS A N   1 
ATOM   1178 C CA  . HIS A 1 162 ? -7.775  -0.092  6.243   1.00 7.73  ? 159 HIS A CA  1 
ATOM   1179 C C   . HIS A 1 162 ? -6.309  -0.411  5.932   1.00 7.11  ? 159 HIS A C   1 
ATOM   1180 O O   . HIS A 1 162 ? -5.485  -0.522  6.838   1.00 9.56  ? 159 HIS A O   1 
ATOM   1181 C CB  . HIS A 1 162 ? -8.004  1.419   6.263   1.00 4.80  ? 159 HIS A CB  1 
ATOM   1182 C CG  . HIS A 1 162 ? -7.817  2.093   4.940   1.00 5.24  ? 159 HIS A CG  1 
ATOM   1183 N ND1 . HIS A 1 162 ? -8.152  1.503   3.746   1.00 7.66  ? 159 HIS A ND1 1 
ATOM   1184 C CD2 . HIS A 1 162 ? -7.359  3.329   4.636   1.00 7.06  ? 159 HIS A CD2 1 
ATOM   1185 C CE1 . HIS A 1 162 ? -7.914  2.346   2.756   1.00 7.48  ? 159 HIS A CE1 1 
ATOM   1186 N NE2 . HIS A 1 162 ? -7.433  3.461   3.271   1.00 7.47  ? 159 HIS A NE2 1 
ATOM   1187 N N   . GLY A 1 163 ? -6.013  -0.605  4.650   1.00 8.30  ? 160 GLY A N   1 
ATOM   1188 C CA  . GLY A 1 163 ? -4.653  -0.895  4.219   1.00 7.15  ? 160 GLY A CA  1 
ATOM   1189 C C   . GLY A 1 163 ? -4.172  0.233   3.321   1.00 7.78  ? 160 GLY A C   1 
ATOM   1190 O O   . GLY A 1 163 ? -4.851  0.592   2.356   1.00 8.63  ? 160 GLY A O   1 
ATOM   1191 N N   . VAL A 1 164 ? -3.017  0.803   3.648   1.00 5.44  ? 161 VAL A N   1 
ATOM   1192 C CA  . VAL A 1 164 ? -2.453  1.907   2.873   1.00 8.08  ? 161 VAL A CA  1 
ATOM   1193 C C   . VAL A 1 164 ? -0.958  1.718   2.633   1.00 7.80  ? 161 VAL A C   1 
ATOM   1194 O O   . VAL A 1 164 ? -0.397  0.682   2.977   1.00 7.19  ? 161 VAL A O   1 
ATOM   1195 C CB  . VAL A 1 164 ? -2.698  3.269   3.570   1.00 12.16 ? 161 VAL A CB  1 
ATOM   1196 C CG1 . VAL A 1 164 ? -4.176  3.580   3.588   1.00 6.71  ? 161 VAL A CG1 1 
ATOM   1197 C CG2 . VAL A 1 164 ? -2.135  3.259   4.993   1.00 9.26  ? 161 VAL A CG2 1 
ATOM   1198 N N   . LEU A 1 165 ? -0.309  2.728   2.065   1.00 9.24  ? 162 LEU A N   1 
ATOM   1199 C CA  . LEU A 1 165 ? 1.119   2.633   1.777   1.00 7.64  ? 162 LEU A CA  1 
ATOM   1200 C C   . LEU A 1 165 ? 1.935   3.795   2.344   1.00 7.92  ? 162 LEU A C   1 
ATOM   1201 O O   . LEU A 1 165 ? 1.627   4.961   2.091   1.00 8.75  ? 162 LEU A O   1 
ATOM   1202 C CB  . LEU A 1 165 ? 1.325   2.551   0.259   1.00 7.44  ? 162 LEU A CB  1 
ATOM   1203 C CG  . LEU A 1 165 ? 2.764   2.409   -0.246  1.00 6.58  ? 162 LEU A CG  1 
ATOM   1204 C CD1 . LEU A 1 165 ? 3.292   1.013   0.065   1.00 7.18  ? 162 LEU A CD1 1 
ATOM   1205 C CD2 . LEU A 1 165 ? 2.815   2.680   -1.746  1.00 9.85  ? 162 LEU A CD2 1 
ATOM   1206 N N   . LEU A 1 166 ? 2.961   3.470   3.125   1.00 7.19  ? 163 LEU A N   1 
ATOM   1207 C CA  . LEU A 1 166 ? 3.858   4.472   3.702   1.00 7.34  ? 163 LEU A CA  1 
ATOM   1208 C C   . LEU A 1 166 ? 4.936   4.795   2.676   1.00 10.85 ? 163 LEU A C   1 
ATOM   1209 O O   . LEU A 1 166 ? 5.746   3.929   2.345   1.00 13.06 ? 163 LEU A O   1 
ATOM   1210 C CB  . LEU A 1 166 ? 4.548   3.929   4.948   1.00 7.97  ? 163 LEU A CB  1 
ATOM   1211 C CG  . LEU A 1 166 ? 3.845   3.954   6.292   1.00 11.11 ? 163 LEU A CG  1 
ATOM   1212 C CD1 . LEU A 1 166 ? 4.781   3.362   7.332   1.00 14.54 ? 163 LEU A CD1 1 
ATOM   1213 C CD2 . LEU A 1 166 ? 3.476   5.383   6.651   1.00 13.86 ? 163 LEU A CD2 1 
ATOM   1214 N N   . VAL A 1 167 ? 4.977   6.033   2.196   1.00 8.51  ? 164 VAL A N   1 
ATOM   1215 C CA  . VAL A 1 167 ? 5.973   6.418   1.202   1.00 10.95 ? 164 VAL A CA  1 
ATOM   1216 C C   . VAL A 1 167 ? 7.093   7.313   1.734   1.00 10.30 ? 164 VAL A C   1 
ATOM   1217 O O   . VAL A 1 167 ? 8.062   7.579   1.031   1.00 10.61 ? 164 VAL A O   1 
ATOM   1218 C CB  . VAL A 1 167 ? 5.319   7.107   -0.022  1.00 12.40 ? 164 VAL A CB  1 
ATOM   1219 C CG1 . VAL A 1 167 ? 4.357   6.148   -0.722  1.00 9.37  ? 164 VAL A CG1 1 
ATOM   1220 C CG2 . VAL A 1 167 ? 4.598   8.371   0.406   1.00 10.41 ? 164 VAL A CG2 1 
ATOM   1221 N N   . GLY A 1 168 ? 6.963   7.772   2.973   1.00 8.39  ? 165 GLY A N   1 
ATOM   1222 C CA  . GLY A 1 168 ? 7.990   8.630   3.532   1.00 9.17  ? 165 GLY A CA  1 
ATOM   1223 C C   . GLY A 1 168 ? 7.676   9.184   4.907   1.00 10.00 ? 165 GLY A C   1 
ATOM   1224 O O   . GLY A 1 168 ? 6.695   8.803   5.539   1.00 9.00  ? 165 GLY A O   1 
ATOM   1225 N N   . TYR A 1 169 ? 8.544   10.072  5.380   1.00 8.59  ? 166 TYR A N   1 
ATOM   1226 C CA  . TYR A 1 169 ? 8.387   10.697  6.690   1.00 8.19  ? 166 TYR A CA  1 
ATOM   1227 C C   . TYR A 1 169 ? 9.248   11.950  6.759   1.00 6.21  ? 166 TYR A C   1 
ATOM   1228 O O   . TYR A 1 169 ? 10.142  12.138  5.938   1.00 7.65  ? 166 TYR A O   1 
ATOM   1229 C CB  . TYR A 1 169 ? 8.795   9.726   7.805   1.00 9.58  ? 166 TYR A CB  1 
ATOM   1230 C CG  . TYR A 1 169 ? 10.273  9.372   7.845   1.00 13.94 ? 166 TYR A CG  1 
ATOM   1231 C CD1 . TYR A 1 169 ? 11.189  10.182  8.523   1.00 15.84 ? 166 TYR A CD1 1 
ATOM   1232 C CD2 . TYR A 1 169 ? 10.751  8.227   7.211   1.00 13.91 ? 166 TYR A CD2 1 
ATOM   1233 C CE1 . TYR A 1 169 ? 12.546  9.858   8.564   1.00 15.28 ? 166 TYR A CE1 1 
ATOM   1234 C CE2 . TYR A 1 169 ? 12.104  7.894   7.249   1.00 14.05 ? 166 TYR A CE2 1 
ATOM   1235 C CZ  . TYR A 1 169 ? 12.994  8.713   7.925   1.00 16.68 ? 166 TYR A CZ  1 
ATOM   1236 O OH  . TYR A 1 169 ? 14.329  8.385   7.959   1.00 14.50 ? 166 TYR A OH  1 
ATOM   1237 N N   . ASN A 1 170 ? 8.982   12.801  7.739   0.50 2.00  ? 167 ASN A N   1 
ATOM   1238 C CA  . ASN A 1 170 ? 9.756   14.019  7.910   0.50 2.15  ? 167 ASN A CA  1 
ATOM   1239 C C   . ASN A 1 170 ? 9.882   14.275  9.396   0.50 3.69  ? 167 ASN A C   1 
ATOM   1240 O O   . ASN A 1 170 ? 8.919   14.663  10.048  0.50 2.00  ? 167 ASN A O   1 
ATOM   1241 C CB  . ASN A 1 170 ? 9.073   15.199  7.214   0.50 2.00  ? 167 ASN A CB  1 
ATOM   1242 C CG  . ASN A 1 170 ? 9.965   16.426  7.127   0.50 2.00  ? 167 ASN A CG  1 
ATOM   1243 O OD1 . ASN A 1 170 ? 11.006  16.502  7.773   0.50 2.00  ? 167 ASN A OD1 1 
ATOM   1244 N ND2 . ASN A 1 170 ? 9.557   17.393  6.315   0.50 4.10  ? 167 ASN A ND2 1 
ATOM   1245 N N   . ASP A 1 171 A 11.065  13.993  9.931   1.00 8.59  ? 167 ASP A N   1 
ATOM   1246 C CA  . ASP A 1 171 A 11.353  14.186  11.349  1.00 13.80 ? 167 ASP A CA  1 
ATOM   1247 C C   . ASP A 1 171 A 11.838  15.588  11.672  1.00 17.87 ? 167 ASP A C   1 
ATOM   1248 O O   . ASP A 1 171 A 11.954  15.949  12.845  1.00 20.47 ? 167 ASP A O   1 
ATOM   1249 C CB  . ASP A 1 171 A 12.398  13.177  11.835  1.00 13.87 ? 167 ASP A CB  1 
ATOM   1250 C CG  . ASP A 1 171 A 11.806  11.816  12.113  1.00 17.86 ? 167 ASP A CG  1 
ATOM   1251 O OD1 . ASP A 1 171 A 12.584  10.868  12.333  1.00 21.02 ? 167 ASP A OD1 1 
ATOM   1252 O OD2 . ASP A 1 171 A 10.565  11.692  12.125  1.00 19.49 ? 167 ASP A OD2 1 
ATOM   1253 N N   . SER A 1 172 B 12.121  16.378  10.641  1.00 19.95 ? 167 SER A N   1 
ATOM   1254 C CA  . SER A 1 172 B 12.617  17.732  10.847  1.00 22.68 ? 167 SER A CA  1 
ATOM   1255 C C   . SER A 1 172 B 11.537  18.814  10.923  1.00 22.76 ? 167 SER A C   1 
ATOM   1256 O O   . SER A 1 172 B 11.833  19.964  11.245  1.00 26.10 ? 167 SER A O   1 
ATOM   1257 C CB  . SER A 1 172 B 13.658  18.081  9.780   1.00 22.03 ? 167 SER A CB  1 
ATOM   1258 O OG  . SER A 1 172 B 13.089  18.091  8.486   1.00 28.87 ? 167 SER A OG  1 
ATOM   1259 N N   . ALA A 1 173 C 10.288  18.449  10.645  1.00 21.69 ? 167 ALA A N   1 
ATOM   1260 C CA  . ALA A 1 173 C 9.180   19.403  10.690  1.00 20.44 ? 167 ALA A CA  1 
ATOM   1261 C C   . ALA A 1 173 C 8.751   19.700  12.132  1.00 20.54 ? 167 ALA A C   1 
ATOM   1262 O O   . ALA A 1 173 C 9.152   18.994  13.058  1.00 19.72 ? 167 ALA A O   1 
ATOM   1263 C CB  . ALA A 1 173 C 8.001   18.873  9.890   1.00 20.38 ? 167 ALA A CB  1 
ATOM   1264 N N   . ALA A 1 174 D 7.937   20.745  12.305  1.00 19.11 ? 167 ALA A N   1 
ATOM   1265 C CA  . ALA A 1 174 D 7.434   21.152  13.621  1.00 18.43 ? 167 ALA A CA  1 
ATOM   1266 C C   . ALA A 1 174 D 6.887   19.930  14.349  1.00 18.51 ? 167 ALA A C   1 
ATOM   1267 O O   . ALA A 1 174 D 7.259   19.640  15.493  1.00 19.44 ? 167 ALA A O   1 
ATOM   1268 C CB  . ALA A 1 174 D 6.345   22.202  13.453  1.00 17.81 ? 167 ALA A CB  1 
ATOM   1269 N N   . VAL A 1 175 ? 5.989   19.222  13.676  1.00 18.52 ? 168 VAL A N   1 
ATOM   1270 C CA  . VAL A 1 175 ? 5.411   17.989  14.201  1.00 17.63 ? 168 VAL A CA  1 
ATOM   1271 C C   . VAL A 1 175 ? 5.809   16.926  13.181  1.00 16.44 ? 168 VAL A C   1 
ATOM   1272 O O   . VAL A 1 175 ? 5.357   16.962  12.033  1.00 13.95 ? 168 VAL A O   1 
ATOM   1273 C CB  . VAL A 1 175 ? 3.867   18.053  14.283  1.00 19.51 ? 168 VAL A CB  1 
ATOM   1274 C CG1 . VAL A 1 175 ? 3.301   16.690  14.663  1.00 19.53 ? 168 VAL A CG1 1 
ATOM   1275 C CG2 . VAL A 1 175 ? 3.439   19.087  15.305  1.00 23.04 ? 168 VAL A CG2 1 
ATOM   1276 N N   . PRO A 1 176 ? 6.717   16.011  13.561  1.00 15.41 ? 169 PRO A N   1 
ATOM   1277 C CA  . PRO A 1 176 ? 7.149   14.954  12.639  1.00 15.49 ? 169 PRO A CA  1 
ATOM   1278 C C   . PRO A 1 176 ? 5.948   14.168  12.119  1.00 13.86 ? 169 PRO A C   1 
ATOM   1279 O O   . PRO A 1 176 ? 4.981   13.953  12.850  1.00 16.18 ? 169 PRO A O   1 
ATOM   1280 C CB  . PRO A 1 176 ? 8.083   14.104  13.502  1.00 15.11 ? 169 PRO A CB  1 
ATOM   1281 C CG  . PRO A 1 176 ? 7.621   14.382  14.903  1.00 20.87 ? 169 PRO A CG  1 
ATOM   1282 C CD  . PRO A 1 176 ? 7.363   15.857  14.872  1.00 15.39 ? 169 PRO A CD  1 
ATOM   1283 N N   . TYR A 1 177 ? 5.994   13.784  10.848  1.00 11.66 ? 170 TYR A N   1 
ATOM   1284 C CA  . TYR A 1 177 ? 4.879   13.062  10.242  1.00 12.64 ? 170 TYR A CA  1 
ATOM   1285 C C   . TYR A 1 177 ? 5.260   11.973  9.250   1.00 9.40  ? 170 TYR A C   1 
ATOM   1286 O O   . TYR A 1 177 ? 6.411   11.859  8.831   1.00 11.97 ? 170 TYR A O   1 
ATOM   1287 C CB  . TYR A 1 177 ? 3.930   14.056  9.550   1.00 12.49 ? 170 TYR A CB  1 
ATOM   1288 C CG  . TYR A 1 177 ? 4.584   14.896  8.465   1.00 13.62 ? 170 TYR A CG  1 
ATOM   1289 C CD1 . TYR A 1 177 ? 4.800   14.377  7.192   1.00 13.02 ? 170 TYR A CD1 1 
ATOM   1290 C CD2 . TYR A 1 177 ? 5.001   16.198  8.722   1.00 13.59 ? 170 TYR A CD2 1 
ATOM   1291 C CE1 . TYR A 1 177 ? 5.419   15.134  6.201   1.00 14.55 ? 170 TYR A CE1 1 
ATOM   1292 C CE2 . TYR A 1 177 ? 5.616   16.963  7.736   1.00 13.30 ? 170 TYR A CE2 1 
ATOM   1293 C CZ  . TYR A 1 177 ? 5.825   16.423  6.480   1.00 14.19 ? 170 TYR A CZ  1 
ATOM   1294 O OH  . TYR A 1 177 ? 6.457   17.158  5.509   1.00 13.55 ? 170 TYR A OH  1 
ATOM   1295 N N   . TRP A 1 178 ? 4.264   11.162  8.912   1.00 9.37  ? 171 TRP A N   1 
ATOM   1296 C CA  . TRP A 1 178 ? 4.382   10.091  7.938   1.00 6.86  ? 171 TRP A CA  1 
ATOM   1297 C C   . TRP A 1 178 ? 3.649   10.589  6.697   1.00 8.88  ? 171 TRP A C   1 
ATOM   1298 O O   . TRP A 1 178 ? 2.693   11.366  6.804   1.00 9.79  ? 171 TRP A O   1 
ATOM   1299 C CB  . TRP A 1 178 ? 3.634   8.843   8.411   1.00 7.30  ? 171 TRP A CB  1 
ATOM   1300 C CG  . TRP A 1 178 ? 4.254   8.059   9.528   1.00 6.48  ? 171 TRP A CG  1 
ATOM   1301 C CD1 . TRP A 1 178 ? 3.770   7.921   10.794  1.00 6.74  ? 171 TRP A CD1 1 
ATOM   1302 C CD2 . TRP A 1 178 ? 5.421   7.228   9.445   1.00 8.42  ? 171 TRP A CD2 1 
ATOM   1303 N NE1 . TRP A 1 178 ? 4.555   7.045   11.504  1.00 11.99 ? 171 TRP A NE1 1 
ATOM   1304 C CE2 . TRP A 1 178 ? 5.577   6.603   10.707  1.00 8.08  ? 171 TRP A CE2 1 
ATOM   1305 C CE3 . TRP A 1 178 ? 6.346   6.937   8.435   1.00 5.56  ? 171 TRP A CE3 1 
ATOM   1306 C CZ2 . TRP A 1 178 ? 6.620   5.708   10.982  1.00 11.00 ? 171 TRP A CZ2 1 
ATOM   1307 C CZ3 . TRP A 1 178 ? 7.383   6.052   8.703   1.00 7.68  ? 171 TRP A CZ3 1 
ATOM   1308 C CH2 . TRP A 1 178 ? 7.510   5.448   9.970   1.00 8.66  ? 171 TRP A CH2 1 
ATOM   1309 N N   . ILE A 1 179 ? 4.103   10.158  5.522   1.00 9.97  ? 172 ILE A N   1 
ATOM   1310 C CA  . ILE A 1 179 ? 3.449   10.502  4.256   1.00 9.24  ? 172 ILE A CA  1 
ATOM   1311 C C   . ILE A 1 179 ? 2.822   9.184   3.808   1.00 9.03  ? 172 ILE A C   1 
ATOM   1312 O O   . ILE A 1 179 ? 3.523   8.182   3.657   1.00 11.56 ? 172 ILE A O   1 
ATOM   1313 C CB  . ILE A 1 179 ? 4.450   10.979  3.181   1.00 7.07  ? 172 ILE A CB  1 
ATOM   1314 C CG1 . ILE A 1 179 ? 5.243   12.180  3.703   1.00 7.74  ? 172 ILE A CG1 1 
ATOM   1315 C CG2 . ILE A 1 179 ? 3.700   11.351  1.899   1.00 4.80  ? 172 ILE A CG2 1 
ATOM   1316 C CD1 . ILE A 1 179 ? 6.301   12.679  2.744   1.00 12.17 ? 172 ILE A CD1 1 
ATOM   1317 N N   . ILE A 1 180 ? 1.506   9.181   3.616   1.00 8.02  ? 173 ILE A N   1 
ATOM   1318 C CA  . ILE A 1 180 ? 0.793   7.968   3.237   1.00 6.64  ? 173 ILE A CA  1 
ATOM   1319 C C   . ILE A 1 180 ? -0.020  8.119   1.963   1.00 7.04  ? 173 ILE A C   1 
ATOM   1320 O O   . ILE A 1 180 ? -0.730  9.111   1.775   1.00 7.33  ? 173 ILE A O   1 
ATOM   1321 C CB  . ILE A 1 180 ? -0.150  7.520   4.388   1.00 8.17  ? 173 ILE A CB  1 
ATOM   1322 C CG1 . ILE A 1 180 ? 0.670   7.107   5.613   1.00 11.96 ? 173 ILE A CG1 1 
ATOM   1323 C CG2 . ILE A 1 180 ? -1.063  6.387   3.934   1.00 9.58  ? 173 ILE A CG2 1 
ATOM   1324 C CD1 . ILE A 1 180 ? -0.168  6.769   6.823   1.00 13.10 ? 173 ILE A CD1 1 
ATOM   1325 N N   . LYS A 1 181 ? 0.114   7.133   1.081   1.00 7.58  ? 174 LYS A N   1 
ATOM   1326 C CA  . LYS A 1 181 ? -0.615  7.097   -0.174  1.00 8.55  ? 174 LYS A CA  1 
ATOM   1327 C C   . LYS A 1 181 ? -1.913  6.330   0.064   1.00 11.64 ? 174 LYS A C   1 
ATOM   1328 O O   . LYS A 1 181 ? -1.892  5.220   0.603   1.00 10.12 ? 174 LYS A O   1 
ATOM   1329 C CB  . LYS A 1 181 ? 0.215   6.391   -1.252  1.00 11.56 ? 174 LYS A CB  1 
ATOM   1330 C CG  . LYS A 1 181 ? -0.452  6.375   -2.621  1.00 10.85 ? 174 LYS A CG  1 
ATOM   1331 C CD  . LYS A 1 181 ? 0.350   5.572   -3.625  1.00 11.16 ? 174 LYS A CD  1 
ATOM   1332 C CE  . LYS A 1 181 ? -0.315  5.608   -4.993  1.00 10.49 ? 174 LYS A CE  1 
ATOM   1333 N NZ  . LYS A 1 181 ? 0.430   4.799   -5.983  1.00 9.63  ? 174 LYS A NZ  1 
ATOM   1334 N N   . ASN A 1 182 ? -3.040  6.942   -0.295  1.00 9.41  ? 175 ASN A N   1 
ATOM   1335 C CA  . ASN A 1 182 ? -4.342  6.304   -0.127  1.00 9.60  ? 175 ASN A CA  1 
ATOM   1336 C C   . ASN A 1 182 ? -4.868  5.922   -1.507  1.00 10.50 ? 175 ASN A C   1 
ATOM   1337 O O   . ASN A 1 182 ? -4.283  6.302   -2.520  1.00 12.77 ? 175 ASN A O   1 
ATOM   1338 C CB  . ASN A 1 182 ? -5.311  7.253   0.585   1.00 9.70  ? 175 ASN A CB  1 
ATOM   1339 C CG  . ASN A 1 182 ? -6.403  6.520   1.352   1.00 10.64 ? 175 ASN A CG  1 
ATOM   1340 O OD1 . ASN A 1 182 ? -6.481  5.292   1.343   1.00 10.55 ? 175 ASN A OD1 1 
ATOM   1341 N ND2 . ASN A 1 182 ? -7.261  7.281   2.021   1.00 12.37 ? 175 ASN A ND2 1 
ATOM   1342 N N   . SER A 1 183 ? -5.968  5.182   -1.546  1.00 11.30 ? 176 SER A N   1 
ATOM   1343 C CA  . SER A 1 183 ? -6.559  4.727   -2.803  1.00 10.27 ? 176 SER A CA  1 
ATOM   1344 C C   . SER A 1 183 ? -7.996  5.210   -3.009  1.00 11.34 ? 176 SER A C   1 
ATOM   1345 O O   . SER A 1 183 ? -8.852  4.464   -3.498  1.00 10.64 ? 176 SER A O   1 
ATOM   1346 C CB  . SER A 1 183 ? -6.525  3.208   -2.836  1.00 10.76 ? 176 SER A CB  1 
ATOM   1347 O OG  . SER A 1 183 ? -7.023  2.685   -1.617  1.00 8.60  ? 176 SER A OG  1 
ATOM   1348 N N   . TRP A 1 184 ? -8.255  6.461   -2.635  1.00 13.26 ? 177 TRP A N   1 
ATOM   1349 C CA  . TRP A 1 184 ? -9.585  7.048   -2.762  1.00 11.62 ? 177 TRP A CA  1 
ATOM   1350 C C   . TRP A 1 184 ? -9.567  8.246   -3.701  1.00 11.66 ? 177 TRP A C   1 
ATOM   1351 O O   . TRP A 1 184 ? -10.272 9.218   -3.455  1.00 14.25 ? 177 TRP A O   1 
ATOM   1352 C CB  . TRP A 1 184 ? -10.095 7.496   -1.383  1.00 13.26 ? 177 TRP A CB  1 
ATOM   1353 C CG  . TRP A 1 184 ? -10.177 6.402   -0.357  1.00 14.64 ? 177 TRP A CG  1 
ATOM   1354 C CD1 . TRP A 1 184 ? -10.122 5.052   -0.579  1.00 12.86 ? 177 TRP A CD1 1 
ATOM   1355 C CD2 . TRP A 1 184 ? -10.339 6.571   1.053   1.00 13.68 ? 177 TRP A CD2 1 
ATOM   1356 N NE1 . TRP A 1 184 ? -10.238 4.375   0.607   1.00 12.12 ? 177 TRP A NE1 1 
ATOM   1357 C CE2 . TRP A 1 184 ? -10.374 5.279   1.628   1.00 12.43 ? 177 TRP A CE2 1 
ATOM   1358 C CE3 . TRP A 1 184 ? -10.460 7.688   1.893   1.00 15.34 ? 177 TRP A CE3 1 
ATOM   1359 C CZ2 . TRP A 1 184 ? -10.522 5.074   3.003   1.00 11.85 ? 177 TRP A CZ2 1 
ATOM   1360 C CZ3 . TRP A 1 184 ? -10.609 7.480   3.267   1.00 14.70 ? 177 TRP A CZ3 1 
ATOM   1361 C CH2 . TRP A 1 184 ? -10.639 6.182   3.806   1.00 15.75 ? 177 TRP A CH2 1 
ATOM   1362 N N   . THR A 1 185 ? -8.787  8.149   -4.777  1.00 12.77 ? 178 THR A N   1 
ATOM   1363 C CA  . THR A 1 185 ? -8.608  9.187   -5.804  1.00 14.02 ? 178 THR A CA  1 
ATOM   1364 C C   . THR A 1 185 ? -7.802  10.384  -5.320  1.00 14.14 ? 178 THR A C   1 
ATOM   1365 O O   . THR A 1 185 ? -7.516  10.518  -4.132  1.00 15.43 ? 178 THR A O   1 
ATOM   1366 C CB  . THR A 1 185 ? -9.946  9.721   -6.425  1.00 15.30 ? 178 THR A CB  1 
ATOM   1367 O OG1 . THR A 1 185 ? -10.564 10.660  -5.542  1.00 17.70 ? 178 THR A OG1 1 
ATOM   1368 C CG2 . THR A 1 185 ? -10.911 8.596   -6.720  1.00 14.94 ? 178 THR A CG2 1 
ATOM   1369 N N   . THR A 1 186 ? -7.441  11.252  -6.263  1.00 15.03 ? 179 THR A N   1 
ATOM   1370 C CA  . THR A 1 186 ? -6.673  12.455  -5.968  1.00 16.08 ? 179 THR A CA  1 
ATOM   1371 C C   . THR A 1 186 ? -7.542  13.572  -5.382  1.00 17.54 ? 179 THR A C   1 
ATOM   1372 O O   . THR A 1 186 ? -7.025  14.595  -4.940  1.00 17.72 ? 179 THR A O   1 
ATOM   1373 C CB  . THR A 1 186 ? -5.958  12.988  -7.230  1.00 17.77 ? 179 THR A CB  1 
ATOM   1374 O OG1 . THR A 1 186 ? -6.913  13.164  -8.280  1.00 17.05 ? 179 THR A OG1 1 
ATOM   1375 C CG2 . THR A 1 186 ? -4.873  12.022  -7.684  1.00 15.22 ? 179 THR A CG2 1 
ATOM   1376 N N   . GLN A 1 187 ? -8.859  13.373  -5.388  1.00 18.82 ? 180 GLN A N   1 
ATOM   1377 C CA  . GLN A 1 187 ? -9.803  14.353  -4.851  1.00 20.31 ? 180 GLN A CA  1 
ATOM   1378 C C   . GLN A 1 187 ? -9.786  14.375  -3.328  1.00 17.79 ? 180 GLN A C   1 
ATOM   1379 O O   . GLN A 1 187 ? -10.126 15.380  -2.705  1.00 18.38 ? 180 GLN A O   1 
ATOM   1380 C CB  . GLN A 1 187 ? -11.222 14.038  -5.316  1.00 25.51 ? 180 GLN A CB  1 
ATOM   1381 C CG  . GLN A 1 187 ? -11.449 14.202  -6.799  1.00 33.26 ? 180 GLN A CG  1 
ATOM   1382 C CD  . GLN A 1 187 ? -12.910 14.052  -7.192  1.00 39.45 ? 180 GLN A CD  1 
ATOM   1383 O OE1 . GLN A 1 187 ? -13.216 13.807  -8.355  1.00 47.69 ? 180 GLN A OE1 1 
ATOM   1384 N NE2 . GLN A 1 187 ? -13.819 14.214  -6.231  1.00 36.64 ? 180 GLN A NE2 1 
ATOM   1385 N N   . TRP A 1 188 ? -9.435  13.241  -2.737  1.00 14.89 ? 181 TRP A N   1 
ATOM   1386 C CA  . TRP A 1 188 ? -9.380  13.122  -1.293  1.00 12.73 ? 181 TRP A CA  1 
ATOM   1387 C C   . TRP A 1 188 ? -8.023  13.562  -0.742  1.00 13.47 ? 181 TRP A C   1 
ATOM   1388 O O   . TRP A 1 188 ? -6.980  13.293  -1.344  1.00 14.62 ? 181 TRP A O   1 
ATOM   1389 C CB  . TRP A 1 188 ? -9.652  11.675  -0.881  1.00 10.91 ? 181 TRP A CB  1 
ATOM   1390 C CG  . TRP A 1 188 ? -9.619  11.453  0.600   1.00 9.55  ? 181 TRP A CG  1 
ATOM   1391 C CD1 . TRP A 1 188 ? -10.663 11.572  1.467   1.00 9.90  ? 181 TRP A CD1 1 
ATOM   1392 C CD2 . TRP A 1 188 ? -8.486  11.054  1.388   1.00 9.76  ? 181 TRP A CD2 1 
ATOM   1393 N NE1 . TRP A 1 188 ? -10.259 11.267  2.743   1.00 10.65 ? 181 TRP A NE1 1 
ATOM   1394 C CE2 . TRP A 1 188 ? -8.926  10.945  2.725   1.00 9.94  ? 181 TRP A CE2 1 
ATOM   1395 C CE3 . TRP A 1 188 ? -7.144  10.775  1.092   1.00 8.07  ? 181 TRP A CE3 1 
ATOM   1396 C CZ2 . TRP A 1 188 ? -8.075  10.567  3.768   1.00 7.81  ? 181 TRP A CZ2 1 
ATOM   1397 C CZ3 . TRP A 1 188 ? -6.297  10.401  2.132   1.00 4.85  ? 181 TRP A CZ3 1 
ATOM   1398 C CH2 . TRP A 1 188 ? -6.770  10.299  3.452   1.00 4.34  ? 181 TRP A CH2 1 
ATOM   1399 N N   . GLY A 1 189 ? -8.057  14.229  0.410   1.00 10.50 ? 182 GLY A N   1 
ATOM   1400 C CA  . GLY A 1 189 ? -6.846  14.682  1.069   1.00 8.96  ? 182 GLY A CA  1 
ATOM   1401 C C   . GLY A 1 189 ? -5.955  15.576  0.241   1.00 10.59 ? 182 GLY A C   1 
ATOM   1402 O O   . GLY A 1 189 ? -6.440  16.394  -0.541  1.00 11.16 ? 182 GLY A O   1 
ATOM   1403 N N   . GLU A 1 190 ? -4.645  15.427  0.423   1.00 9.15  ? 183 GLU A N   1 
ATOM   1404 C CA  . GLU A 1 190 ? -3.671  16.219  -0.316  1.00 9.64  ? 183 GLU A CA  1 
ATOM   1405 C C   . GLU A 1 190 ? -3.302  15.488  -1.600  1.00 9.62  ? 183 GLU A C   1 
ATOM   1406 O O   . GLU A 1 190 ? -2.288  14.785  -1.654  1.00 11.21 ? 183 GLU A O   1 
ATOM   1407 C CB  . GLU A 1 190 ? -2.421  16.451  0.537   1.00 10.69 ? 183 GLU A CB  1 
ATOM   1408 C CG  . GLU A 1 190 ? -2.718  16.955  1.940   1.00 14.99 ? 183 GLU A CG  1 
ATOM   1409 C CD  . GLU A 1 190 ? -1.465  17.304  2.721   1.00 17.86 ? 183 GLU A CD  1 
ATOM   1410 O OE1 . GLU A 1 190 ? -0.436  16.613  2.569   1.00 21.15 ? 183 GLU A OE1 1 
ATOM   1411 O OE2 . GLU A 1 190 ? -1.513  18.278  3.494   1.00 18.06 ? 183 GLU A OE2 1 
ATOM   1412 N N   . GLU A 1 191 ? -4.141  15.644  -2.621  0.50 6.56  ? 184 GLU A N   1 
ATOM   1413 C CA  . GLU A 1 191 ? -3.937  15.001  -3.916  0.50 6.47  ? 184 GLU A CA  1 
ATOM   1414 C C   . GLU A 1 191 ? -3.840  13.486  -3.785  0.50 3.48  ? 184 GLU A C   1 
ATOM   1415 O O   . GLU A 1 191 ? -3.016  12.847  -4.433  0.50 2.00  ? 184 GLU A O   1 
ATOM   1416 C CB  . GLU A 1 191 ? -2.694  15.558  -4.608  0.50 7.93  ? 184 GLU A CB  1 
ATOM   1417 C CG  . GLU A 1 191 ? -2.803  17.017  -5.000  0.50 17.73 ? 184 GLU A CG  1 
ATOM   1418 C CD  . GLU A 1 191 ? -1.589  17.513  -5.761  0.50 21.99 ? 184 GLU A CD  1 
ATOM   1419 O OE1 . GLU A 1 191 ? -0.538  16.837  -5.738  0.50 28.24 ? 184 GLU A OE1 1 
ATOM   1420 O OE2 . GLU A 1 191 ? -1.687  18.585  -6.389  0.50 27.09 ? 184 GLU A OE2 1 
ATOM   1421 N N   . GLY A 1 192 ? -4.673  12.925  -2.918  1.00 7.67  ? 185 GLY A N   1 
ATOM   1422 C CA  . GLY A 1 192 ? -4.692  11.490  -2.708  1.00 7.80  ? 185 GLY A CA  1 
ATOM   1423 C C   . GLY A 1 192 ? -3.847  10.994  -1.550  1.00 8.87  ? 185 GLY A C   1 
ATOM   1424 O O   . GLY A 1 192 ? -3.878  9.806   -1.227  1.00 10.58 ? 185 GLY A O   1 
ATOM   1425 N N   . TYR A 1 193 ? -3.090  11.897  -0.933  1.00 10.08 ? 186 TYR A N   1 
ATOM   1426 C CA  . TYR A 1 193 ? -2.229  11.548  0.198   1.00 9.40  ? 186 TYR A CA  1 
ATOM   1427 C C   . TYR A 1 193 ? -2.734  12.092  1.527   1.00 10.18 ? 186 TYR A C   1 
ATOM   1428 O O   . TYR A 1 193 ? -3.637  12.930  1.573   1.00 7.12  ? 186 TYR A O   1 
ATOM   1429 C CB  . TYR A 1 193 ? -0.803  12.059  -0.030  1.00 8.62  ? 186 TYR A CB  1 
ATOM   1430 C CG  . TYR A 1 193 ? -0.017  11.257  -1.034  1.00 10.72 ? 186 TYR A CG  1 
ATOM   1431 C CD1 . TYR A 1 193 ? 0.924   10.319  -0.616  1.00 10.02 ? 186 TYR A CD1 1 
ATOM   1432 C CD2 . TYR A 1 193 ? -0.225  11.417  -2.403  1.00 10.30 ? 186 TYR A CD2 1 
ATOM   1433 C CE1 . TYR A 1 193 ? 1.636   9.556   -1.531  1.00 11.56 ? 186 TYR A CE1 1 
ATOM   1434 C CE2 . TYR A 1 193 ? 0.486   10.653  -3.330  1.00 11.48 ? 186 TYR A CE2 1 
ATOM   1435 C CZ  . TYR A 1 193 ? 1.411   9.725   -2.883  1.00 11.09 ? 186 TYR A CZ  1 
ATOM   1436 O OH  . TYR A 1 193 ? 2.101   8.946   -3.780  1.00 14.30 ? 186 TYR A OH  1 
ATOM   1437 N N   . ILE A 1 194 ? -2.140  11.594  2.606   1.00 8.66  ? 187 ILE A N   1 
ATOM   1438 C CA  . ILE A 1 194 ? -2.472  12.018  3.959   1.00 9.10  ? 187 ILE A CA  1 
ATOM   1439 C C   . ILE A 1 194 ? -1.208  12.031  4.806   1.00 10.81 ? 187 ILE A C   1 
ATOM   1440 O O   . ILE A 1 194 ? -0.318  11.186  4.634   1.00 10.06 ? 187 ILE A O   1 
ATOM   1441 C CB  . ILE A 1 194 ? -3.543  11.097  4.632   1.00 11.24 ? 187 ILE A CB  1 
ATOM   1442 C CG1 . ILE A 1 194 ? -3.789  11.540  6.078   1.00 9.37  ? 187 ILE A CG1 1 
ATOM   1443 C CG2 . ILE A 1 194 ? -3.108  9.636   4.608   1.00 11.95 ? 187 ILE A CG2 1 
ATOM   1444 C CD1 . ILE A 1 194 ? -4.922  10.816  6.761   1.00 10.27 ? 187 ILE A CD1 1 
ATOM   1445 N N   . ARG A 1 195 ? -1.089  13.043  5.653   1.00 8.77  ? 188 ARG A N   1 
ATOM   1446 C CA  . ARG A 1 195 ? 0.049   13.153  6.547   1.00 9.67  ? 188 ARG A CA  1 
ATOM   1447 C C   . ARG A 1 195 ? -0.473  13.042  7.966   1.00 10.30 ? 188 ARG A C   1 
ATOM   1448 O O   . ARG A 1 195 ? -1.445  13.700  8.325   1.00 10.40 ? 188 ARG A O   1 
ATOM   1449 C CB  . ARG A 1 195 ? 0.785   14.478  6.337   1.00 7.92  ? 188 ARG A CB  1 
ATOM   1450 C CG  . ARG A 1 195 ? 1.568   14.526  5.035   1.00 10.39 ? 188 ARG A CG  1 
ATOM   1451 C CD  . ARG A 1 195 ? 2.319   15.823  4.883   1.00 11.32 ? 188 ARG A CD  1 
ATOM   1452 N NE  . ARG A 1 195 ? 1.413   16.952  4.721   1.00 14.70 ? 188 ARG A NE  1 
ATOM   1453 C CZ  . ARG A 1 195 ? 1.692   18.199  5.083   1.00 15.51 ? 188 ARG A CZ  1 
ATOM   1454 N NH1 . ARG A 1 195 ? 0.804   19.157  4.885   1.00 13.08 ? 188 ARG A NH1 1 
ATOM   1455 N NH2 . ARG A 1 195 ? 2.855   18.483  5.656   1.00 15.32 ? 188 ARG A NH2 1 
ATOM   1456 N N   . ILE A 1 196 ? 0.105   12.125  8.735   1.00 9.61  ? 189 ILE A N   1 
ATOM   1457 C CA  . ILE A 1 196 ? -0.301  11.931  10.121  1.00 10.73 ? 189 ILE A CA  1 
ATOM   1458 C C   . ILE A 1 196 ? 0.925   12.082  11.001  1.00 12.03 ? 189 ILE A C   1 
ATOM   1459 O O   . ILE A 1 196 ? 2.035   11.766  10.576  1.00 10.35 ? 189 ILE A O   1 
ATOM   1460 C CB  . ILE A 1 196 ? -0.932  10.529  10.361  1.00 12.11 ? 189 ILE A CB  1 
ATOM   1461 C CG1 . ILE A 1 196 ? 0.090   9.420   10.093  1.00 11.88 ? 189 ILE A CG1 1 
ATOM   1462 C CG2 . ILE A 1 196 ? -2.159  10.341  9.470   1.00 10.42 ? 189 ILE A CG2 1 
ATOM   1463 C CD1 . ILE A 1 196 ? -0.374  8.053   10.544  1.00 10.42 ? 189 ILE A CD1 1 
ATOM   1464 N N   . ALA A 1 197 ? 0.727   12.564  12.224  1.00 11.01 ? 190 ALA A N   1 
ATOM   1465 C CA  . ALA A 1 197 ? 1.836   12.743  13.151  1.00 10.20 ? 190 ALA A CA  1 
ATOM   1466 C C   . ALA A 1 197 ? 2.557   11.420  13.365  1.00 8.14  ? 190 ALA A C   1 
ATOM   1467 O O   . ALA A 1 197 ? 1.939   10.351  13.372  1.00 9.92  ? 190 ALA A O   1 
ATOM   1468 C CB  . ALA A 1 197 ? 1.343   13.309  14.473  1.00 9.60  ? 190 ALA A CB  1 
ATOM   1469 N N   . LYS A 1 198 ? 3.870   11.506  13.529  1.00 7.61  ? 191 LYS A N   1 
ATOM   1470 C CA  . LYS A 1 198 ? 4.731   10.346  13.716  1.00 8.17  ? 191 LYS A CA  1 
ATOM   1471 C C   . LYS A 1 198 ? 5.301   10.290  15.134  1.00 9.31  ? 191 LYS A C   1 
ATOM   1472 O O   . LYS A 1 198 ? 5.673   11.319  15.697  1.00 8.88  ? 191 LYS A O   1 
ATOM   1473 C CB  . LYS A 1 198 ? 5.868   10.410  12.686  1.00 8.10  ? 191 LYS A CB  1 
ATOM   1474 C CG  . LYS A 1 198 ? 6.965   9.375   12.823  1.00 10.54 ? 191 LYS A CG  1 
ATOM   1475 C CD  . LYS A 1 198 ? 7.927   9.506   11.647  1.00 10.04 ? 191 LYS A CD  1 
ATOM   1476 C CE  . LYS A 1 198 ? 9.141   8.595   11.785  1.00 13.46 ? 191 LYS A CE  1 
ATOM   1477 N NZ  . LYS A 1 198 ? 10.052  8.985   12.908  1.00 9.62  ? 191 LYS A NZ  1 
ATOM   1478 N N   . GLY A 1 199 ? 5.330   9.090   15.710  1.00 5.83  ? 192 GLY A N   1 
ATOM   1479 C CA  . GLY A 1 199 ? 5.880   8.915   17.042  1.00 9.98  ? 192 GLY A CA  1 
ATOM   1480 C C   . GLY A 1 199 ? 4.929   8.518   18.154  1.00 11.25 ? 192 GLY A C   1 
ATOM   1481 O O   . GLY A 1 199 ? 5.377   8.075   19.209  1.00 14.30 ? 192 GLY A O   1 
ATOM   1482 N N   . SER A 1 200 ? 3.625   8.664   17.931  1.00 12.05 ? 193 SER A N   1 
ATOM   1483 C CA  . SER A 1 200 ? 2.632   8.325   18.951  1.00 12.02 ? 193 SER A CA  1 
ATOM   1484 C C   . SER A 1 200 ? 1.623   7.283   18.492  1.00 12.76 ? 193 SER A C   1 
ATOM   1485 O O   . SER A 1 200 ? 0.517   7.191   19.039  1.00 14.09 ? 193 SER A O   1 
ATOM   1486 C CB  . SER A 1 200 ? 1.913   9.591   19.432  1.00 12.70 ? 193 SER A CB  1 
ATOM   1487 O OG  . SER A 1 200 ? 1.342   10.301  18.350  1.00 13.50 ? 193 SER A OG  1 
ATOM   1488 N N   . ASN A 1 201 ? 2.005   6.496   17.493  1.00 11.35 ? 198 ASN A N   1 
ATOM   1489 C CA  . ASN A 1 201 ? 1.177   5.426   16.937  1.00 11.88 ? 198 ASN A CA  1 
ATOM   1490 C C   . ASN A 1 201 ? -0.201  5.896   16.476  1.00 11.39 ? 198 ASN A C   1 
ATOM   1491 O O   . ASN A 1 201 ? -1.211  5.236   16.724  1.00 11.34 ? 198 ASN A O   1 
ATOM   1492 C CB  . ASN A 1 201 ? 1.047   4.276   17.943  1.00 14.02 ? 198 ASN A CB  1 
ATOM   1493 C CG  . ASN A 1 201 ? 0.531   3.001   17.307  1.00 15.31 ? 198 ASN A CG  1 
ATOM   1494 O OD1 . ASN A 1 201 ? 0.734   2.761   16.116  1.00 12.43 ? 198 ASN A OD1 1 
ATOM   1495 N ND2 . ASN A 1 201 ? -0.132  2.167   18.103  1.00 12.99 ? 198 ASN A ND2 1 
ATOM   1496 N N   . GLN A 1 202 ? -0.224  7.031   15.783  1.00 10.82 ? 199 GLN A N   1 
ATOM   1497 C CA  . GLN A 1 202 ? -1.459  7.605   15.260  1.00 9.78  ? 199 GLN A CA  1 
ATOM   1498 C C   . GLN A 1 202 ? -2.132  6.650   14.287  1.00 12.26 ? 199 GLN A C   1 
ATOM   1499 O O   . GLN A 1 202 ? -1.495  6.144   13.362  1.00 11.46 ? 199 GLN A O   1 
ATOM   1500 C CB  . GLN A 1 202 ? -1.168  8.934   14.559  1.00 12.84 ? 199 GLN A CB  1 
ATOM   1501 C CG  . GLN A 1 202 ? -0.732  10.040  15.504  1.00 16.48 ? 199 GLN A CG  1 
ATOM   1502 C CD  . GLN A 1 202 ? -1.760  10.304  16.587  1.00 19.55 ? 199 GLN A CD  1 
ATOM   1503 O OE1 . GLN A 1 202 ? -1.465  10.213  17.781  1.00 20.04 ? 199 GLN A OE1 1 
ATOM   1504 N NE2 . GLN A 1 202 ? -2.983  10.610  16.173  1.00 20.41 ? 199 GLN A NE2 1 
ATOM   1505 N N   . CYS A 1 203 ? -3.419  6.400   14.514  1.00 10.80 ? 200 CYS A N   1 
ATOM   1506 C CA  . CYS A 1 203 ? -4.207  5.499   13.679  1.00 10.11 ? 200 CYS A CA  1 
ATOM   1507 C C   . CYS A 1 203 ? -3.679  4.061   13.718  1.00 6.79  ? 200 CYS A C   1 
ATOM   1508 O O   . CYS A 1 203 ? -3.953  3.284   12.806  1.00 8.89  ? 200 CYS A O   1 
ATOM   1509 C CB  . CYS A 1 203 ? -4.227  5.979   12.224  1.00 11.96 ? 200 CYS A CB  1 
ATOM   1510 S SG  . CYS A 1 203 ? -4.278  7.779   11.948  1.00 12.19 ? 200 CYS A SG  1 
ATOM   1511 N N   . LEU A 1 204 ? -2.909  3.722   14.756  1.00 7.46  ? 201 LEU A N   1 
ATOM   1512 C CA  . LEU A 1 204 ? -2.334  2.375   14.928  1.00 8.66  ? 201 LEU A CA  1 
ATOM   1513 C C   . LEU A 1 204 ? -1.405  1.975   13.776  1.00 8.90  ? 201 LEU A C   1 
ATOM   1514 O O   . LEU A 1 204 ? -1.277  0.792   13.453  1.00 10.61 ? 201 LEU A O   1 
ATOM   1515 C CB  . LEU A 1 204 ? -3.446  1.327   15.066  1.00 6.61  ? 201 LEU A CB  1 
ATOM   1516 C CG  . LEU A 1 204 ? -4.416  1.492   16.232  1.00 9.11  ? 201 LEU A CG  1 
ATOM   1517 C CD1 . LEU A 1 204 ? -5.505  0.455   16.128  1.00 12.27 ? 201 LEU A CD1 1 
ATOM   1518 C CD2 . LEU A 1 204 ? -3.676  1.360   17.543  1.00 7.49  ? 201 LEU A CD2 1 
ATOM   1519 N N   . VAL A 1 205 ? -0.721  2.967   13.212  1.00 9.74  ? 202 VAL A N   1 
ATOM   1520 C CA  . VAL A 1 205 ? 0.181   2.792   12.073  1.00 11.07 ? 202 VAL A CA  1 
ATOM   1521 C C   . VAL A 1 205 ? 1.347   1.796   12.212  1.00 10.89 ? 202 VAL A C   1 
ATOM   1522 O O   . VAL A 1 205 ? 1.836   1.275   11.208  1.00 11.56 ? 202 VAL A O   1 
ATOM   1523 C CB  . VAL A 1 205 ? 0.733   4.170   11.618  1.00 11.25 ? 202 VAL A CB  1 
ATOM   1524 C CG1 . VAL A 1 205 ? 1.719   4.721   12.647  1.00 11.27 ? 202 VAL A CG1 1 
ATOM   1525 C CG2 . VAL A 1 205 ? 1.357   4.077   10.238  1.00 12.98 ? 202 VAL A CG2 1 
ATOM   1526 N N   . LYS A 1 206 ? 1.786   1.520   13.436  1.00 10.65 ? 203 LYS A N   1 
ATOM   1527 C CA  . LYS A 1 206 ? 2.906   0.601   13.637  1.00 10.54 ? 203 LYS A CA  1 
ATOM   1528 C C   . LYS A 1 206 ? 2.491   -0.852  13.856  1.00 12.53 ? 203 LYS A C   1 
ATOM   1529 O O   . LYS A 1 206 ? 3.342   -1.737  13.913  1.00 11.61 ? 203 LYS A O   1 
ATOM   1530 C CB  . LYS A 1 206 ? 3.739   1.045   14.841  1.00 13.38 ? 203 LYS A CB  1 
ATOM   1531 C CG  . LYS A 1 206 ? 3.104   0.725   16.200  1.00 14.34 ? 203 LYS A CG  1 
ATOM   1532 C CD  . LYS A 1 206 ? 4.018   1.133   17.339  1.00 19.62 ? 203 LYS A CD  1 
ATOM   1533 C CE  . LYS A 1 206 ? 3.422   0.808   18.699  1.00 19.53 ? 203 LYS A CE  1 
ATOM   1534 N NZ  . LYS A 1 206 ? 3.057   -0.628  18.819  1.00 26.21 ? 203 LYS A NZ  1 
ATOM   1535 N N   . GLU A 1 207 ? 1.187   -1.100  13.942  1.00 11.54 ? 204 GLU A N   1 
ATOM   1536 C CA  . GLU A 1 207 ? 0.672   -2.438  14.237  1.00 13.63 ? 204 GLU A CA  1 
ATOM   1537 C C   . GLU A 1 207 ? 0.820   -3.569  13.220  1.00 11.63 ? 204 GLU A C   1 
ATOM   1538 O O   . GLU A 1 207 ? 1.051   -4.715  13.603  1.00 11.76 ? 204 GLU A O   1 
ATOM   1539 C CB  . GLU A 1 207 ? -0.790  -2.344  14.695  1.00 15.13 ? 204 GLU A CB  1 
ATOM   1540 C CG  . GLU A 1 207 ? -1.043  -1.385  15.860  1.00 16.01 ? 204 GLU A CG  1 
ATOM   1541 C CD  . GLU A 1 207 ? -0.323  -1.771  17.145  1.00 22.28 ? 204 GLU A CD  1 
ATOM   1542 O OE1 . GLU A 1 207 ? -0.045  -0.868  17.966  1.00 23.33 ? 204 GLU A OE1 1 
ATOM   1543 O OE2 . GLU A 1 207 ? -0.044  -2.970  17.351  1.00 25.72 ? 204 GLU A OE2 1 
ATOM   1544 N N   . GLU A 1 208 ? 0.672   -3.271  11.936  1.00 12.16 ? 205 GLU A N   1 
ATOM   1545 C CA  . GLU A 1 208 ? 0.765   -4.311  10.918  1.00 12.83 ? 205 GLU A CA  1 
ATOM   1546 C C   . GLU A 1 208 ? 1.486   -3.821  9.671   1.00 10.23 ? 205 GLU A C   1 
ATOM   1547 O O   . GLU A 1 208 ? 0.871   -3.599  8.624   1.00 7.53  ? 205 GLU A O   1 
ATOM   1548 C CB  . GLU A 1 208 ? -0.636  -4.808  10.558  1.00 17.86 ? 205 GLU A CB  1 
ATOM   1549 C CG  . GLU A 1 208 ? -0.648  -5.997  9.613   1.00 24.78 ? 205 GLU A CG  1 
ATOM   1550 C CD  . GLU A 1 208 ? -1.228  -7.243  10.246  1.00 32.36 ? 205 GLU A CD  1 
ATOM   1551 O OE1 . GLU A 1 208 ? -1.985  -7.956  9.547   1.00 35.07 ? 205 GLU A OE1 1 
ATOM   1552 O OE2 . GLU A 1 208 ? -0.928  -7.511  11.432  1.00 33.03 ? 205 GLU A OE2 1 
ATOM   1553 N N   . ALA A 1 209 ? 2.797   -3.656  9.799   1.00 9.23  ? 206 ALA A N   1 
ATOM   1554 C CA  . ALA A 1 209 ? 3.631   -3.187  8.705   1.00 10.72 ? 206 ALA A CA  1 
ATOM   1555 C C   . ALA A 1 209 ? 4.351   -4.358  8.066   1.00 9.01  ? 206 ALA A C   1 
ATOM   1556 O O   . ALA A 1 209 ? 4.852   -5.241  8.760   1.00 8.81  ? 206 ALA A O   1 
ATOM   1557 C CB  . ALA A 1 209 ? 4.649   -2.165  9.220   1.00 7.40  ? 206 ALA A CB  1 
ATOM   1558 N N   . SER A 1 210 ? 4.409   -4.360  6.744   1.00 9.34  ? 207 SER A N   1 
ATOM   1559 C CA  . SER A 1 210 ? 5.091   -5.422  6.025   1.00 9.68  ? 207 SER A CA  1 
ATOM   1560 C C   . SER A 1 210 ? 5.458   -4.978  4.617   1.00 6.96  ? 207 SER A C   1 
ATOM   1561 O O   . SER A 1 210 ? 5.004   -3.939  4.129   1.00 5.20  ? 207 SER A O   1 
ATOM   1562 C CB  . SER A 1 210 ? 4.224   -6.685  5.977   1.00 10.61 ? 207 SER A CB  1 
ATOM   1563 O OG  . SER A 1 210 ? 3.022   -6.458  5.270   1.00 10.95 ? 207 SER A OG  1 
ATOM   1564 N N   . SER A 1 211 ? 6.282   -5.777  3.957   1.00 6.44  ? 208 SER A N   1 
ATOM   1565 C CA  . SER A 1 211 ? 6.707   -5.454  2.611   1.00 6.17  ? 208 SER A CA  1 
ATOM   1566 C C   . SER A 1 211 ? 7.117   -6.685  1.842   1.00 7.02  ? 208 SER A C   1 
ATOM   1567 O O   . SER A 1 211 ? 7.658   -7.634  2.410   1.00 8.12  ? 208 SER A O   1 
ATOM   1568 C CB  . SER A 1 211 ? 7.894   -4.487  2.648   1.00 7.19  ? 208 SER A CB  1 
ATOM   1569 O OG  . SER A 1 211 ? 8.442   -4.315  1.353   1.00 9.55  ? 208 SER A OG  1 
ATOM   1570 N N   . ALA A 1 212 ? 6.857   -6.656  0.543   1.00 7.93  ? 209 ALA A N   1 
ATOM   1571 C CA  . ALA A 1 212 ? 7.230   -7.730  -0.359  1.00 10.02 ? 209 ALA A CA  1 
ATOM   1572 C C   . ALA A 1 212 ? 8.739   -7.630  -0.573  1.00 10.72 ? 209 ALA A C   1 
ATOM   1573 O O   . ALA A 1 212 ? 9.352   -6.575  -0.357  1.00 9.03  ? 209 ALA A O   1 
ATOM   1574 C CB  . ALA A 1 212 ? 6.506   -7.580  -1.694  1.00 8.93  ? 209 ALA A CB  1 
ATOM   1575 N N   . VAL A 1 213 ? 9.339   -8.755  -0.937  1.00 10.85 ? 210 VAL A N   1 
ATOM   1576 C CA  . VAL A 1 213 ? 10.764  -8.824  -1.200  1.00 12.76 ? 210 VAL A CA  1 
ATOM   1577 C C   . VAL A 1 213 ? 10.922  -9.355  -2.616  1.00 14.56 ? 210 VAL A C   1 
ATOM   1578 O O   . VAL A 1 213 ? 10.375  -10.403 -2.951  1.00 11.10 ? 210 VAL A O   1 
ATOM   1579 C CB  . VAL A 1 213 ? 11.473  -9.786  -0.212  1.00 12.95 ? 210 VAL A CB  1 
ATOM   1580 C CG1 . VAL A 1 213 ? 12.926  -9.970  -0.602  1.00 14.12 ? 210 VAL A CG1 1 
ATOM   1581 C CG2 . VAL A 1 213 ? 11.390  -9.238  1.197   1.00 14.76 ? 210 VAL A CG2 1 
ATOM   1582 N N   . VAL A 1 214 ? 11.560  -8.573  -3.478  1.00 17.64 ? 211 VAL A N   1 
ATOM   1583 C CA  . VAL A 1 214 ? 11.797  -9.021  -4.842  1.00 24.89 ? 211 VAL A CA  1 
ATOM   1584 C C   . VAL A 1 214 ? 13.283  -9.373  -4.901  1.00 29.62 ? 211 VAL A C   1 
ATOM   1585 O O   . VAL A 1 214 ? 14.149  -8.502  -4.782  1.00 32.78 ? 211 VAL A O   1 
ATOM   1586 C CB  . VAL A 1 214 ? 11.345  -7.966  -5.917  1.00 23.82 ? 211 VAL A CB  1 
ATOM   1587 C CG1 . VAL A 1 214 ? 10.792  -6.717  -5.261  1.00 25.15 ? 211 VAL A CG1 1 
ATOM   1588 C CG2 . VAL A 1 214 ? 12.458  -7.636  -6.893  1.00 24.51 ? 211 VAL A CG2 1 
ATOM   1589 N N   . GLY A 1 215 ? 13.564  -10.671 -4.954  1.00 34.44 ? 212 GLY A N   1 
ATOM   1590 C CA  . GLY A 1 215 ? 14.937  -11.144 -4.990  1.00 40.73 ? 212 GLY A CA  1 
ATOM   1591 C C   . GLY A 1 215 ? 15.765  -10.595 -6.138  1.00 44.11 ? 212 GLY A C   1 
ATOM   1592 O O   . GLY A 1 215 ? 15.514  -10.991 -7.295  1.00 47.35 ? 212 GLY A O   1 
ATOM   1593 O OXT . GLY A 1 215 ? 16.670  -9.771  -5.881  1.00 48.68 ? 212 GLY A OXT 1 
HETATM 1594 C C1  . VS3 B 2 .   ? -10.297 -10.698 6.329   1.00 14.14 ? 300 VS3 A C1  1 
HETATM 1595 C C2  . VS3 B 2 .   ? -9.348  -11.454 7.037   1.00 14.44 ? 300 VS3 A C2  1 
HETATM 1596 C C3  . VS3 B 2 .   ? -8.856  -12.656 6.493   1.00 16.92 ? 300 VS3 A C3  1 
HETATM 1597 C C4  . VS3 B 2 .   ? -9.317  -13.095 5.241   1.00 12.27 ? 300 VS3 A C4  1 
HETATM 1598 C C5  . VS3 B 2 .   ? -10.256 -12.335 4.527   1.00 14.36 ? 300 VS3 A C5  1 
HETATM 1599 C C6  . VS3 B 2 .   ? -10.746 -11.133 5.071   1.00 14.13 ? 300 VS3 A C6  1 
HETATM 1600 C C7  . VS3 B 2 .   ? -10.750 -9.384  6.875   1.00 17.69 ? 300 VS3 A C7  1 
HETATM 1601 O O1  . VS3 B 2 .   ? -9.821  -8.374  6.473   1.00 16.47 ? 300 VS3 A O1  1 
HETATM 1602 C C8  . VS3 B 2 .   ? -10.134 -7.076  6.535   1.00 15.81 ? 300 VS3 A C8  1 
HETATM 1603 O O2  . VS3 B 2 .   ? -11.258 -6.650  6.846   1.00 18.41 ? 300 VS3 A O2  1 
HETATM 1604 N N1  . VS3 B 2 .   ? -9.043  -6.336  6.151   1.00 11.12 ? 300 VS3 A N1  1 
HETATM 1605 C C9  . VS3 B 2 .   ? -9.056  -4.870  6.032   1.00 11.70 ? 300 VS3 A C9  1 
HETATM 1606 C C10 . VS3 B 2 .   ? -7.627  -4.275  5.936   1.00 10.60 ? 300 VS3 A C10 1 
HETATM 1607 C C11 . VS3 B 2 .   ? -6.733  -4.717  7.070   1.00 11.96 ? 300 VS3 A C11 1 
HETATM 1608 C C12 . VS3 B 2 .   ? -5.484  -5.254  6.739   1.00 11.11 ? 300 VS3 A C12 1 
HETATM 1609 C C13 . VS3 B 2 .   ? -4.637  -5.721  7.749   1.00 13.49 ? 300 VS3 A C13 1 
HETATM 1610 C C14 . VS3 B 2 .   ? -5.034  -5.648  9.095   1.00 11.58 ? 300 VS3 A C14 1 
HETATM 1611 C C15 . VS3 B 2 .   ? -6.275  -5.103  9.428   1.00 15.00 ? 300 VS3 A C15 1 
HETATM 1612 C C16 . VS3 B 2 .   ? -7.124  -4.637  8.418   1.00 11.38 ? 300 VS3 A C16 1 
HETATM 1613 C C17 . VS3 B 2 .   ? -9.790  -4.503  4.808   1.00 13.24 ? 300 VS3 A C17 1 
HETATM 1614 O O3  . VS3 B 2 .   ? -9.780  -5.181  3.771   1.00 10.94 ? 300 VS3 A O3  1 
HETATM 1615 N N2  . VS3 B 2 .   ? -10.405 -3.310  4.879   1.00 15.82 ? 300 VS3 A N2  1 
HETATM 1616 C C18 . VS3 B 2 .   ? -11.023 -2.833  3.650   1.00 17.96 ? 300 VS3 A C18 1 
HETATM 1617 C C19 . VS3 B 2 .   ? -12.605 -2.891  3.798   1.00 16.17 ? 300 VS3 A C19 1 
HETATM 1618 C C20 . VS3 B 2 .   ? -13.186 -4.299  3.783   1.00 19.07 ? 300 VS3 A C20 1 
HETATM 1619 C C21 . VS3 B 2 .   ? -14.649 -4.214  4.092   1.00 19.94 ? 300 VS3 A C21 1 
HETATM 1620 C C22 . VS3 B 2 .   ? -15.648 -4.185  3.103   1.00 24.56 ? 300 VS3 A C22 1 
HETATM 1621 C C23 . VS3 B 2 .   ? -17.008 -4.076  3.463   1.00 22.56 ? 300 VS3 A C23 1 
HETATM 1622 C C24 . VS3 B 2 .   ? -17.358 -3.998  4.821   1.00 22.27 ? 300 VS3 A C24 1 
HETATM 1623 C C25 . VS3 B 2 .   ? -16.360 -4.033  5.816   1.00 23.52 ? 300 VS3 A C25 1 
HETATM 1624 C C26 . VS3 B 2 .   ? -15.010 -4.136  5.448   1.00 23.34 ? 300 VS3 A C26 1 
HETATM 1625 C C28 . VS3 B 2 .   ? -11.487 -0.610  3.379   1.00 21.40 ? 300 VS3 A C28 1 
HETATM 1626 S S1  . VS3 B 2 .   ? -11.927 0.921   3.103   1.00 15.95 ? 300 VS3 A S1  1 
HETATM 1627 O O4  . VS3 B 2 .   ? -13.391 0.796   3.146   1.00 27.28 ? 300 VS3 A O4  1 
HETATM 1628 O O5  . VS3 B 2 .   ? -11.354 1.313   1.824   1.00 18.08 ? 300 VS3 A O5  1 
HETATM 1629 O O29 . VS3 B 2 .   ? -11.421 1.864   4.210   1.00 24.54 ? 300 VS3 A O29 1 
HETATM 1630 C C30 . VS3 B 2 .   ? -12.208 2.766   4.904   1.00 22.94 ? 300 VS3 A C30 1 
HETATM 1631 C C31 . VS3 B 2 .   ? -11.734 2.736   6.221   1.00 22.63 ? 300 VS3 A C31 1 
HETATM 1632 C C32 . VS3 B 2 .   ? -12.542 3.160   7.248   1.00 23.64 ? 300 VS3 A C32 1 
HETATM 1633 C C33 . VS3 B 2 .   ? -13.831 3.640   6.953   1.00 29.52 ? 300 VS3 A C33 1 
HETATM 1634 N N3  . VS3 B 2 .   ? -14.614 4.173   8.072   1.00 34.61 ? 300 VS3 A N3  1 
HETATM 1635 O O8  . VS3 B 2 .   ? -15.736 4.676   7.847   1.00 35.81 ? 300 VS3 A O8  1 
HETATM 1636 O O9  . VS3 B 2 .   ? -14.126 4.167   9.338   1.00 36.54 ? 300 VS3 A O9  1 
HETATM 1637 C C34 . VS3 B 2 .   ? -14.324 3.728   5.597   1.00 24.67 ? 300 VS3 A C34 1 
HETATM 1638 C C35 . VS3 B 2 .   ? -13.493 3.291   4.566   1.00 24.81 ? 300 VS3 A C35 1 
HETATM 1639 C C27 . VS3 B 2 .   ? -10.472 -1.444  3.331   1.00 17.15 ? 300 VS3 A C27 1 
HETATM 1640 O O   . HOH C 3 .   ? 9.758   14.295  3.592   1.00 23.09 ? 301 HOH A O   1 
HETATM 1641 O O   . HOH C 3 .   ? -12.163 2.853   15.166  1.00 42.28 ? 302 HOH A O   1 
HETATM 1642 O O   . HOH C 3 .   ? 1.261   9.279   -6.438  1.00 33.81 ? 303 HOH A O   1 
HETATM 1643 O O   . HOH C 3 .   ? 3.349   2.755   -6.129  1.00 15.90 ? 304 HOH A O   1 
HETATM 1644 O O   . HOH C 3 .   ? -4.068  9.687   -10.211 1.00 50.32 ? 305 HOH A O   1 
HETATM 1645 O O   . HOH C 3 .   ? -3.441  4.901   -4.613  1.00 18.45 ? 306 HOH A O   1 
HETATM 1646 O O   . HOH C 3 .   ? -4.914  1.679   -0.047  1.00 19.42 ? 307 HOH A O   1 
HETATM 1647 O O   . HOH C 3 .   ? -2.445  2.754   -0.792  1.00 11.64 ? 308 HOH A O   1 
HETATM 1648 O O   . HOH C 3 .   ? 6.637   -1.071  -10.469 1.00 25.92 ? 309 HOH A O   1 
HETATM 1649 O O   . HOH C 3 .   ? 1.654   5.992   -12.398 1.00 34.47 ? 310 HOH A O   1 
HETATM 1650 O O   . HOH C 3 .   ? 13.435  -3.817  -3.951  1.00 18.32 ? 311 HOH A O   1 
HETATM 1651 O O   . HOH C 3 .   ? 14.104  -2.345  -1.644  1.00 20.43 ? 312 HOH A O   1 
HETATM 1652 O O   . HOH C 3 .   ? 16.327  -3.831  -0.138  1.00 35.17 ? 313 HOH A O   1 
HETATM 1653 O O   . HOH C 3 .   ? 10.996  4.156   -14.287 1.00 55.51 ? 314 HOH A O   1 
HETATM 1654 O O   . HOH C 3 .   ? -5.900  -3.750  -11.577 1.00 21.14 ? 315 HOH A O   1 
HETATM 1655 O O   . HOH C 3 .   ? -9.681  -11.713 -3.297  1.00 11.89 ? 316 HOH A O   1 
HETATM 1656 O O   . HOH C 3 .   ? -2.185  -16.384 1.215   1.00 15.09 ? 317 HOH A O   1 
HETATM 1657 O O   . HOH C 3 .   ? 0.738   -5.656  6.513   1.00 18.36 ? 318 HOH A O   1 
HETATM 1658 O O   . HOH C 3 .   ? -1.422  -7.629  6.318   1.00 12.11 ? 319 HOH A O   1 
HETATM 1659 O O   . HOH C 3 .   ? 3.444   -20.864 -7.206  1.00 32.78 ? 320 HOH A O   1 
HETATM 1660 O O   . HOH C 3 .   ? 1.286   -4.682  -20.010 1.00 36.30 ? 321 HOH A O   1 
HETATM 1661 O O   . HOH C 3 .   ? -14.182 -0.434  -12.007 1.00 57.26 ? 322 HOH A O   1 
HETATM 1662 O O   . HOH C 3 .   ? 4.234   -3.975  12.337  1.00 10.68 ? 323 HOH A O   1 
HETATM 1663 O O   . HOH C 3 .   ? 12.774  -2.690  11.119  1.00 29.58 ? 324 HOH A O   1 
HETATM 1664 O O   . HOH C 3 .   ? 7.723   -5.914  17.457  1.00 54.12 ? 325 HOH A O   1 
HETATM 1665 O O   . HOH C 3 .   ? 17.675  3.748   8.417   1.00 25.15 ? 326 HOH A O   1 
HETATM 1666 O O   . HOH C 3 .   ? 20.114  4.369   7.280   1.00 37.01 ? 327 HOH A O   1 
HETATM 1667 O O   . HOH C 3 .   ? 16.469  -0.422  -1.870  1.00 36.32 ? 328 HOH A O   1 
HETATM 1668 O O   . HOH C 3 .   ? 0.176   -0.898  10.594  1.00 11.08 ? 329 HOH A O   1 
HETATM 1669 O O   . HOH C 3 .   ? -8.903  6.814   12.444  1.00 15.23 ? 330 HOH A O   1 
HETATM 1670 O O   . HOH C 3 .   ? -6.928  16.955  -3.464  1.00 36.02 ? 331 HOH A O   1 
HETATM 1671 O O   . HOH C 3 .   ? -7.922  6.765   19.857  1.00 34.65 ? 332 HOH A O   1 
HETATM 1672 O O   . HOH C 3 .   ? -6.955  -3.618  15.728  1.00 30.85 ? 333 HOH A O   1 
HETATM 1673 O O   . HOH C 3 .   ? 15.279  10.837  11.673  1.00 50.51 ? 334 HOH A O   1 
HETATM 1674 O O   . HOH C 3 .   ? -6.427  8.745   -2.143  1.00 9.48  ? 335 HOH A O   1 
HETATM 1675 O O   . HOH C 3 .   ? 0.342   15.118  -1.512  1.00 30.89 ? 336 HOH A O   1 
HETATM 1676 O O   . HOH C 3 .   ? 2.352   8.299   15.078  1.00 18.75 ? 337 HOH A O   1 
HETATM 1677 O O   . HOH C 3 .   ? 2.739   -7.518  9.261   1.00 28.66 ? 338 HOH A O   1 
HETATM 1678 O O   . HOH C 3 .   ? -11.867 1.160   12.797  1.00 44.64 ? 339 HOH A O   1 
HETATM 1679 O O   . HOH C 3 .   ? 7.276   8.939   -7.626  1.00 29.64 ? 340 HOH A O   1 
HETATM 1680 O O   . HOH C 3 .   ? -1.197  12.805  -6.183  1.00 49.04 ? 341 HOH A O   1 
HETATM 1681 O O   . HOH C 3 .   ? -7.384  4.395   -10.946 1.00 52.21 ? 342 HOH A O   1 
HETATM 1682 O O   . HOH C 3 .   ? -1.961  0.316   -5.436  1.00 37.77 ? 343 HOH A O   1 
HETATM 1683 O O   . HOH C 3 .   ? 0.079   2.164   -6.023  1.00 54.13 ? 344 HOH A O   1 
HETATM 1684 O O   . HOH C 3 .   ? 19.019  -1.297  -7.144  1.00 59.87 ? 345 HOH A O   1 
HETATM 1685 O O   . HOH C 3 .   ? 0.595   -1.477  -16.453 1.00 27.92 ? 346 HOH A O   1 
HETATM 1686 O O   . HOH C 3 .   ? -7.938  -18.076 -8.224  1.00 45.52 ? 347 HOH A O   1 
HETATM 1687 O O   . HOH C 3 .   ? -18.736 -11.008 2.661   1.00 23.83 ? 348 HOH A O   1 
HETATM 1688 O O   . HOH C 3 .   ? 7.063   -18.869 -6.432  1.00 53.55 ? 349 HOH A O   1 
HETATM 1689 O O   . HOH C 3 .   ? -6.953  -0.183  -14.212 1.00 27.84 ? 350 HOH A O   1 
HETATM 1690 O O   . HOH C 3 .   ? -8.894  -8.738  -17.579 1.00 46.70 ? 351 HOH A O   1 
HETATM 1691 O O   . HOH C 3 .   ? -10.491 -6.447  -15.933 1.00 20.80 ? 352 HOH A O   1 
HETATM 1692 O O   . HOH C 3 .   ? -17.947 -3.902  -9.923  1.00 51.29 ? 353 HOH A O   1 
HETATM 1693 O O   . HOH C 3 .   ? 11.698  -11.621 -7.903  1.00 39.43 ? 354 HOH A O   1 
HETATM 1694 O O   . HOH C 3 .   ? 12.595  -13.623 -0.551  1.00 52.06 ? 355 HOH A O   1 
HETATM 1695 O O   . HOH C 3 .   ? 4.408   -7.620  11.954  1.00 49.15 ? 356 HOH A O   1 
HETATM 1696 O O   . HOH C 3 .   ? 6.560   3.212   18.218  1.00 54.06 ? 357 HOH A O   1 
HETATM 1697 O O   . HOH C 3 .   ? -2.349  20.809  2.348   1.00 36.76 ? 358 HOH A O   1 
HETATM 1698 O O   . HOH C 3 .   ? -8.415  15.982  18.867  1.00 38.19 ? 359 HOH A O   1 
HETATM 1699 O O   . HOH C 3 .   ? 10.911  16.074  -0.634  1.00 52.05 ? 360 HOH A O   1 
HETATM 1700 O O   . HOH C 3 .   ? 8.564   15.523  0.638   1.00 46.23 ? 361 HOH A O   1 
HETATM 1701 O O   . HOH C 3 .   ? 3.034   1.388   -16.230 1.00 34.88 ? 362 HOH A O   1 
HETATM 1702 O O   . HOH C 3 .   ? -0.902  -18.744 -0.152  1.00 34.66 ? 363 HOH A O   1 
HETATM 1703 O O   . HOH C 3 .   ? 11.884  14.946  1.878   1.00 15.00 ? 364 HOH A O   1 
HETATM 1704 O O   . HOH C 3 .   ? -10.877 15.042  1.438   1.00 15.00 ? 365 HOH A O   1 
HETATM 1705 O O   . HOH C 3 .   ? -14.701 -14.301 1.042   1.00 15.00 ? 366 HOH A O   1 
# 
